data_3GH8
#
_entry.id   3GH8
#
_cell.length_a   50.610
_cell.length_b   112.567
_cell.length_c   189.253
_cell.angle_alpha   90.000
_cell.angle_beta   89.920
_cell.angle_gamma   90.000
#
_symmetry.space_group_name_H-M   'P 1 21 1'
#
loop_
_entity.id
_entity.type
_entity.pdbx_description
1 polymer 'Iodotyrosine dehalogenase 1'
2 non-polymer 'FLAVIN MONONUCLEOTIDE'
3 non-polymer 3,5-DIIODOTYROSINE
4 non-polymer 'PHOSPHATE ION'
5 water water
#
_entity_poly.entity_id   1
_entity_poly.type   'polypeptide(L)'
_entity_poly.pdbx_seq_one_letter_code
;MAQVQPWVDEDLKDSTEDLQVEEDAEEWQEAEESVEHIPFSHTRYPEQEMRMRSQEFYELLNKRRSVRFISSEHVPMEVI
ENVIKAAGTAPSGAHTEPWTFVVVKDPDMKHKIREIIEEEEEINYMKRMGKRWVTDLKKLRTNWIKEYLDTAPVLILIFK
QVHGFAANGKKKVHYYNEISVSIACGLLLAALQNAGLVTVTTTPLNCGPRLRVLLGRPSHEKLLVLLPVGYPSRDATVPD
LKRKALDQIMVTVHHHHHH
;
_entity_poly.pdbx_strand_id   A,B,C,D,E,F,G,H
#
# COMPACT_ATOMS: atom_id res chain seq x y z
N SER A 34 -6.82 52.99 44.35
CA SER A 34 -7.12 53.42 42.94
C SER A 34 -7.66 52.31 42.02
N VAL A 35 -6.77 51.48 41.44
CA VAL A 35 -7.12 50.35 40.48
C VAL A 35 -8.33 50.51 39.50
N GLU A 36 -8.11 50.25 38.21
CA GLU A 36 -9.17 50.34 37.20
C GLU A 36 -9.93 49.04 36.87
N HIS A 37 -10.91 49.11 35.96
CA HIS A 37 -11.88 48.04 35.78
C HIS A 37 -12.08 47.58 34.33
N ILE A 38 -11.58 46.41 33.97
CA ILE A 38 -11.67 45.96 32.57
C ILE A 38 -12.95 45.18 32.23
N PRO A 39 -13.27 45.08 30.93
CA PRO A 39 -14.40 44.21 30.74
C PRO A 39 -13.99 42.81 31.10
N PHE A 40 -15.00 42.01 31.43
CA PHE A 40 -14.81 40.62 31.69
C PHE A 40 -15.10 39.92 30.37
N SER A 41 -14.17 39.10 29.95
CA SER A 41 -14.38 38.20 28.82
C SER A 41 -14.62 36.87 29.52
N HIS A 42 -15.56 36.11 29.00
CA HIS A 42 -16.00 34.89 29.66
C HIS A 42 -16.18 33.85 28.57
N THR A 43 -16.01 32.58 28.90
CA THR A 43 -16.26 31.51 27.94
C THR A 43 -17.49 30.71 28.34
N ARG A 44 -18.49 30.73 27.46
CA ARG A 44 -19.75 30.01 27.56
C ARG A 44 -19.69 28.70 26.78
N TYR A 45 -20.52 27.79 27.25
CA TYR A 45 -20.77 26.56 26.54
C TYR A 45 -22.25 26.49 26.25
N PRO A 46 -22.64 25.90 25.11
CA PRO A 46 -24.05 25.65 24.93
C PRO A 46 -24.60 24.68 26.02
N GLU A 47 -25.84 24.89 26.45
CA GLU A 47 -26.49 24.10 27.52
C GLU A 47 -26.18 22.58 27.63
N GLN A 48 -26.15 21.88 26.49
CA GLN A 48 -25.85 20.46 26.51
C GLN A 48 -24.41 20.17 26.96
N GLU A 49 -23.48 21.00 26.52
CA GLU A 49 -22.11 20.83 26.89
C GLU A 49 -22.01 21.10 28.37
N MET A 50 -22.65 22.18 28.85
CA MET A 50 -22.67 22.52 30.28
C MET A 50 -23.05 21.36 31.15
N ARG A 51 -24.09 20.63 30.75
CA ARG A 51 -24.57 19.48 31.50
C ARG A 51 -23.53 18.39 31.57
N MET A 52 -23.05 17.98 30.40
CA MET A 52 -21.95 17.04 30.34
C MET A 52 -20.83 17.36 31.29
N ARG A 53 -20.31 18.57 31.22
CA ARG A 53 -19.17 18.93 31.96
C ARG A 53 -19.47 18.93 33.42
N SER A 54 -20.72 19.26 33.78
CA SER A 54 -21.08 19.25 35.22
C SER A 54 -21.41 17.85 35.82
N GLN A 55 -21.94 16.92 35.00
CA GLN A 55 -22.12 15.55 35.44
C GLN A 55 -20.74 14.97 35.66
N GLU A 56 -19.87 15.23 34.70
CA GLU A 56 -18.59 14.55 34.62
C GLU A 56 -17.67 14.99 35.74
N PHE A 57 -17.75 16.29 36.00
CA PHE A 57 -16.95 16.88 37.07
C PHE A 57 -17.48 16.35 38.38
N TYR A 58 -18.78 16.25 38.52
CA TYR A 58 -19.30 15.61 39.71
C TYR A 58 -18.81 14.19 39.86
N GLU A 59 -18.82 13.44 38.76
CA GLU A 59 -18.45 12.01 38.83
C GLU A 59 -16.98 11.89 39.17
N LEU A 60 -16.20 12.88 38.77
CA LEU A 60 -14.80 12.92 39.13
C LEU A 60 -14.56 13.27 40.59
N LEU A 61 -15.21 14.29 41.11
CA LEU A 61 -14.97 14.71 42.50
C LEU A 61 -15.47 13.66 43.46
N ASN A 62 -16.59 13.06 43.07
CA ASN A 62 -17.18 11.98 43.87
C ASN A 62 -16.29 10.77 44.14
N LYS A 63 -15.25 10.61 43.34
CA LYS A 63 -14.31 9.54 43.63
C LYS A 63 -13.29 9.99 44.65
N ARG A 64 -13.23 11.27 45.00
CA ARG A 64 -12.29 11.66 46.03
C ARG A 64 -12.70 11.05 47.41
N ARG A 65 -11.75 10.37 48.05
CA ARG A 65 -11.91 9.85 49.40
C ARG A 65 -10.65 10.20 50.19
N SER A 66 -10.78 10.73 51.41
CA SER A 66 -9.58 10.90 52.22
C SER A 66 -8.83 9.54 52.27
N VAL A 67 -7.54 9.54 52.03
CA VAL A 67 -6.81 8.31 52.17
C VAL A 67 -5.77 8.52 53.25
N ARG A 68 -5.77 7.61 54.22
CA ARG A 68 -4.84 7.67 55.32
C ARG A 68 -3.65 6.75 55.22
N PHE A 69 -3.35 6.24 54.01
CA PHE A 69 -2.26 5.22 53.76
C PHE A 69 -1.61 5.57 52.43
N ILE A 70 -0.47 6.24 52.50
CA ILE A 70 0.12 6.79 51.29
C ILE A 70 1.42 6.11 50.93
N SER A 71 1.52 5.61 49.70
CA SER A 71 2.78 5.10 49.17
C SER A 71 3.98 6.03 49.40
N SER A 72 5.13 5.45 49.48
CA SER A 72 6.33 6.21 49.69
C SER A 72 6.82 6.75 48.36
N GLU A 73 6.15 6.36 47.29
CA GLU A 73 6.63 6.52 45.92
C GLU A 73 6.67 7.97 45.48
N HIS A 74 7.68 8.32 44.68
CA HIS A 74 7.92 9.73 44.32
C HIS A 74 6.89 10.37 43.42
N VAL A 75 6.45 11.56 43.81
CA VAL A 75 5.55 12.34 42.95
C VAL A 75 6.29 13.46 42.17
N PRO A 76 5.81 13.75 40.93
CA PRO A 76 6.37 14.83 40.09
C PRO A 76 6.20 16.20 40.73
N MET A 77 7.27 16.96 40.86
CA MET A 77 7.22 18.22 41.59
C MET A 77 6.36 19.31 40.89
N GLU A 78 6.27 19.22 39.55
CA GLU A 78 5.40 20.08 38.71
C GLU A 78 3.99 20.03 39.17
N VAL A 79 3.48 18.83 39.38
CA VAL A 79 2.09 18.65 39.74
C VAL A 79 1.80 19.37 41.07
N ILE A 80 2.60 19.08 42.10
CA ILE A 80 2.41 19.71 43.41
C ILE A 80 2.35 21.22 43.28
N GLU A 81 3.17 21.75 42.36
CA GLU A 81 3.15 23.17 42.02
C GLU A 81 1.87 23.62 41.33
N ASN A 82 1.39 22.84 40.35
CA ASN A 82 0.17 23.18 39.60
C ASN A 82 -1.11 23.09 40.41
N VAL A 83 -1.07 22.35 41.51
CA VAL A 83 -2.22 22.30 42.41
C VAL A 83 -2.18 23.43 43.43
N ILE A 84 -0.99 23.79 43.90
CA ILE A 84 -0.88 24.97 44.73
C ILE A 84 -1.24 26.18 43.87
N LYS A 85 -0.80 26.20 42.62
CA LYS A 85 -1.17 27.34 41.79
C LYS A 85 -2.72 27.45 41.71
N ALA A 86 -3.36 26.31 41.43
CA ALA A 86 -4.80 26.19 41.44
C ALA A 86 -5.39 26.75 42.73
N ALA A 87 -4.97 26.24 43.87
CA ALA A 87 -5.44 26.80 45.13
C ALA A 87 -5.34 28.32 45.22
N GLY A 88 -4.22 28.89 44.80
CA GLY A 88 -4.04 30.34 44.76
C GLY A 88 -4.98 31.10 43.85
N THR A 89 -5.85 30.46 43.10
CA THR A 89 -6.87 31.23 42.33
C THR A 89 -8.17 31.43 43.11
N ALA A 90 -8.22 30.95 44.35
CA ALA A 90 -9.43 31.15 45.24
C ALA A 90 -9.76 32.63 45.34
N PRO A 91 -11.04 33.00 45.54
CA PRO A 91 -11.42 34.38 45.90
C PRO A 91 -10.92 34.64 47.32
N SER A 92 -10.93 35.88 47.80
CA SER A 92 -10.52 36.10 49.21
C SER A 92 -11.09 37.44 49.66
N GLY A 93 -11.47 37.55 50.93
CA GLY A 93 -12.02 38.81 51.42
C GLY A 93 -11.21 40.00 50.92
N ALA A 94 -11.92 41.01 50.49
CA ALA A 94 -11.29 42.18 49.85
C ALA A 94 -9.96 41.93 49.13
N HIS A 95 -9.81 40.82 48.40
CA HIS A 95 -8.53 40.57 47.64
C HIS A 95 -7.24 40.62 48.48
N THR A 96 -7.08 39.68 49.41
CA THR A 96 -5.99 39.78 50.40
C THR A 96 -5.13 38.54 50.27
N GLU A 97 -5.71 37.49 49.71
CA GLU A 97 -4.95 36.28 49.42
C GLU A 97 -4.17 35.77 50.69
N PRO A 98 -4.89 35.50 51.79
CA PRO A 98 -4.31 35.39 53.13
C PRO A 98 -3.65 34.07 53.46
N TRP A 99 -2.90 33.49 52.52
CA TRP A 99 -2.53 32.07 52.59
C TRP A 99 -1.11 31.73 52.24
N THR A 100 -0.51 30.86 53.04
CA THR A 100 0.78 30.29 52.74
C THR A 100 0.71 28.78 52.67
N PHE A 101 1.28 28.22 51.60
CA PHE A 101 1.43 26.79 51.45
C PHE A 101 2.87 26.38 51.68
N VAL A 102 3.08 25.60 52.73
CA VAL A 102 4.41 25.13 53.08
C VAL A 102 4.50 23.67 52.68
N VAL A 103 5.48 23.42 51.79
CA VAL A 103 5.70 22.09 51.21
C VAL A 103 6.94 21.39 51.81
N VAL A 104 6.73 20.23 52.43
CA VAL A 104 7.84 19.58 53.05
C VAL A 104 8.02 18.22 52.42
N LYS A 105 9.14 17.99 51.74
CA LYS A 105 9.48 16.64 51.34
C LYS A 105 10.77 16.11 51.96
N ASP A 106 11.47 16.94 52.73
CA ASP A 106 12.71 16.53 53.37
C ASP A 106 12.46 15.41 54.40
N PRO A 107 13.03 14.20 54.19
CA PRO A 107 12.64 13.10 55.08
C PRO A 107 12.86 13.46 56.54
N ASP A 108 13.86 14.26 56.83
CA ASP A 108 14.14 14.62 58.24
C ASP A 108 13.28 15.72 58.88
N MET A 109 12.87 16.72 58.11
CA MET A 109 11.89 17.64 58.60
C MET A 109 10.51 16.96 58.72
N LYS A 110 10.21 16.03 57.81
CA LYS A 110 8.94 15.33 57.86
C LYS A 110 8.92 14.53 59.11
N HIS A 111 10.06 13.95 59.48
CA HIS A 111 10.01 13.17 60.69
C HIS A 111 9.74 14.02 61.92
N LYS A 112 10.39 15.17 61.98
CA LYS A 112 10.27 16.09 63.09
C LYS A 112 8.83 16.60 63.31
N ILE A 113 8.09 16.68 62.21
CA ILE A 113 6.69 17.02 62.25
C ILE A 113 5.93 15.86 62.88
N ARG A 114 6.26 14.66 62.42
CA ARG A 114 5.61 13.48 62.90
C ARG A 114 5.72 13.38 64.39
N GLU A 115 6.92 13.59 64.93
CA GLU A 115 7.13 13.66 66.37
C GLU A 115 6.18 14.65 67.10
N ILE A 116 6.02 15.85 66.56
CA ILE A 116 5.28 16.84 67.29
C ILE A 116 3.84 16.42 67.35
N ILE A 117 3.37 15.84 66.23
CA ILE A 117 1.94 15.52 66.09
C ILE A 117 1.50 14.30 66.90
N GLU A 118 2.26 13.20 66.84
CA GLU A 118 2.00 12.04 67.72
C GLU A 118 1.99 12.41 69.18
N GLU A 119 2.99 13.17 69.61
CA GLU A 119 3.04 13.58 71.01
C GLU A 119 1.73 14.28 71.41
N GLU A 120 1.30 15.20 70.57
CA GLU A 120 0.09 15.94 70.82
C GLU A 120 -1.18 15.11 70.65
N GLU A 121 -1.23 14.33 69.58
CA GLU A 121 -2.45 13.61 69.28
C GLU A 121 -2.74 12.62 70.37
N GLU A 122 -1.67 12.02 70.87
CA GLU A 122 -1.78 11.06 71.95
C GLU A 122 -2.37 11.66 73.20
N ILE A 123 -2.04 12.91 73.50
CA ILE A 123 -2.69 13.59 74.61
C ILE A 123 -4.15 13.94 74.28
N ASN A 124 -4.40 14.29 73.03
CA ASN A 124 -5.75 14.56 72.55
C ASN A 124 -6.72 13.39 72.68
N TYR A 125 -6.30 12.21 72.21
CA TYR A 125 -6.97 10.93 72.50
C TYR A 125 -7.04 10.55 73.98
N MET A 126 -5.94 10.45 74.71
CA MET A 126 -6.16 10.03 76.09
C MET A 126 -7.05 10.99 76.90
N LYS A 127 -7.02 12.29 76.61
CA LYS A 127 -7.85 13.25 77.37
C LYS A 127 -8.41 14.52 76.68
N ARG A 128 -7.56 15.41 76.21
CA ARG A 128 -7.93 16.70 75.56
C ARG A 128 -9.18 16.76 74.65
N MET A 129 -9.36 15.83 73.71
CA MET A 129 -10.58 15.86 72.84
C MET A 129 -11.89 15.69 73.62
N GLY A 130 -11.83 14.88 74.68
CA GLY A 130 -13.00 14.52 75.46
C GLY A 130 -13.61 13.22 74.96
N LYS A 131 -14.30 12.53 75.87
CA LYS A 131 -14.95 11.23 75.60
C LYS A 131 -15.87 11.27 74.36
N ARG A 132 -16.75 12.26 74.31
CA ARG A 132 -17.65 12.36 73.19
C ARG A 132 -16.97 12.41 71.81
N TRP A 133 -15.92 13.21 71.67
CA TRP A 133 -15.19 13.25 70.41
C TRP A 133 -14.49 11.94 70.02
N VAL A 134 -13.93 11.23 70.99
CA VAL A 134 -13.21 10.00 70.65
C VAL A 134 -14.19 8.91 70.30
N THR A 135 -15.32 8.86 71.00
CA THR A 135 -16.44 8.00 70.63
C THR A 135 -16.86 8.21 69.18
N ASP A 136 -16.93 9.48 68.75
CA ASP A 136 -17.55 9.85 67.52
C ASP A 136 -16.53 9.46 66.50
N LEU A 137 -15.27 9.37 66.93
CA LEU A 137 -14.22 9.02 66.00
C LEU A 137 -14.10 7.54 65.79
N LYS A 138 -14.46 6.75 66.79
CA LYS A 138 -14.29 5.28 66.75
C LYS A 138 -14.41 4.61 65.36
N LYS A 139 -15.57 4.76 64.70
CA LYS A 139 -15.89 4.10 63.43
C LYS A 139 -14.82 4.20 62.34
N LEU A 140 -14.00 5.25 62.44
CA LEU A 140 -12.99 5.48 61.42
C LEU A 140 -11.66 4.80 61.76
N ARG A 141 -11.57 4.27 62.98
CA ARG A 141 -10.50 3.38 63.41
C ARG A 141 -9.23 4.14 63.35
N THR A 142 -9.29 5.35 63.85
CA THR A 142 -8.21 6.28 63.73
C THR A 142 -7.49 6.43 65.06
N ASN A 143 -6.15 6.49 65.07
CA ASN A 143 -5.41 6.70 66.35
C ASN A 143 -4.33 7.81 66.34
N TRP A 144 -3.46 7.87 67.34
CA TRP A 144 -2.49 8.97 67.40
C TRP A 144 -1.30 8.66 66.51
N ILE A 145 -1.24 7.42 66.03
CA ILE A 145 -0.16 6.98 65.14
C ILE A 145 -0.48 7.44 63.77
N LYS A 146 0.52 8.08 63.15
CA LYS A 146 0.36 8.64 61.84
C LYS A 146 1.47 8.20 60.93
N GLU A 147 1.54 6.92 60.59
CA GLU A 147 2.54 6.52 59.60
C GLU A 147 2.79 7.55 58.43
N TYR A 148 1.74 8.05 57.77
CA TYR A 148 1.91 8.85 56.54
C TYR A 148 2.82 10.09 56.58
N LEU A 149 3.03 10.69 57.75
CA LEU A 149 3.80 11.92 57.84
C LEU A 149 5.23 11.59 57.46
N ASP A 150 5.54 10.29 57.44
CA ASP A 150 6.89 9.81 57.09
C ASP A 150 6.93 9.17 55.73
N THR A 151 5.79 8.63 55.28
CA THR A 151 5.76 7.83 54.08
C THR A 151 5.39 8.68 52.90
N ALA A 152 4.40 9.54 53.08
CA ALA A 152 4.03 10.52 52.06
C ALA A 152 5.27 11.30 51.59
N PRO A 153 5.54 11.32 50.25
CA PRO A 153 6.65 12.05 49.62
C PRO A 153 6.57 13.56 49.74
N VAL A 154 5.38 14.15 49.87
CA VAL A 154 5.35 15.57 50.21
C VAL A 154 4.26 15.83 51.18
N LEU A 155 4.48 16.76 52.10
CA LEU A 155 3.37 17.20 52.93
C LEU A 155 2.98 18.60 52.49
N ILE A 156 1.74 19.00 52.69
CA ILE A 156 1.39 20.39 52.49
C ILE A 156 0.74 20.93 53.73
N LEU A 157 1.35 21.94 54.30
CA LEU A 157 0.81 22.59 55.49
C LEU A 157 0.25 23.93 55.07
N ILE A 158 -1.06 24.06 55.09
CA ILE A 158 -1.68 25.33 54.75
C ILE A 158 -1.82 26.20 56.00
N PHE A 159 -1.19 27.38 55.92
CA PHE A 159 -1.17 28.38 56.96
C PHE A 159 -2.04 29.51 56.51
N LYS A 160 -2.92 29.98 57.41
CA LYS A 160 -3.61 31.23 57.19
C LYS A 160 -2.80 32.44 57.72
N GLN A 161 -2.89 33.61 57.09
CA GLN A 161 -2.28 34.82 57.64
C GLN A 161 -3.36 35.66 58.29
N VAL A 162 -3.39 35.73 59.61
CA VAL A 162 -4.57 36.33 60.28
C VAL A 162 -4.56 37.85 60.28
N HIS A 163 -3.44 38.40 59.82
CA HIS A 163 -3.40 39.73 59.21
C HIS A 163 -2.15 39.70 58.31
N GLY A 164 -1.77 40.84 57.73
CA GLY A 164 -0.63 40.92 56.86
C GLY A 164 0.07 42.24 57.05
N PHE A 165 1.07 42.51 56.21
CA PHE A 165 1.80 43.78 56.24
C PHE A 165 2.10 44.12 54.80
N ALA A 166 1.86 45.34 54.33
CA ALA A 166 2.41 45.68 52.99
C ALA A 166 3.95 45.94 53.03
N ALA A 167 4.55 46.37 51.91
CA ALA A 167 6.00 46.78 51.95
C ALA A 167 6.20 48.02 52.82
N ASN A 168 5.14 48.83 52.90
CA ASN A 168 4.97 49.96 53.80
C ASN A 168 5.04 49.61 55.31
N GLY A 169 4.68 48.36 55.67
CA GLY A 169 4.94 47.81 57.02
C GLY A 169 3.82 48.04 58.02
N LYS A 170 2.78 48.73 57.58
CA LYS A 170 1.54 48.81 58.35
C LYS A 170 0.78 47.45 58.27
N LYS A 171 0.08 47.16 59.36
CA LYS A 171 -0.81 46.01 59.46
C LYS A 171 -1.95 46.21 58.47
N LYS A 172 -2.23 45.15 57.73
CA LYS A 172 -3.46 45.12 57.01
C LYS A 172 -4.44 44.06 57.56
N VAL A 173 -5.73 44.27 57.32
CA VAL A 173 -6.72 43.35 57.86
C VAL A 173 -7.02 42.33 56.79
N HIS A 174 -7.02 41.07 57.14
CA HIS A 174 -7.41 40.03 56.20
C HIS A 174 -8.85 39.53 56.50
N TYR A 175 -9.85 40.13 55.87
CA TYR A 175 -11.25 39.90 56.25
C TYR A 175 -11.62 38.48 55.92
N TYR A 176 -12.28 37.77 56.85
CA TYR A 176 -12.76 36.43 56.58
C TYR A 176 -11.60 35.56 56.13
N ASN A 177 -10.47 35.64 56.87
CA ASN A 177 -9.30 34.92 56.45
C ASN A 177 -9.53 33.43 56.49
N GLU A 178 -10.12 32.94 57.57
CA GLU A 178 -10.36 31.49 57.67
C GLU A 178 -11.23 30.94 56.53
N ILE A 179 -12.34 31.64 56.24
CA ILE A 179 -13.16 31.17 55.15
C ILE A 179 -12.31 31.21 53.87
N SER A 180 -11.60 32.31 53.63
CA SER A 180 -10.83 32.41 52.40
C SER A 180 -9.85 31.24 52.21
N VAL A 181 -9.16 30.86 53.28
CA VAL A 181 -8.10 29.92 53.16
C VAL A 181 -8.73 28.55 53.03
N SER A 182 -9.84 28.40 53.69
CA SER A 182 -10.60 27.16 53.54
C SER A 182 -11.07 26.88 52.13
N ILE A 183 -11.66 27.88 51.46
CA ILE A 183 -12.02 27.78 50.04
C ILE A 183 -10.79 27.37 49.24
N ALA A 184 -9.73 28.16 49.35
CA ALA A 184 -8.52 27.90 48.62
C ALA A 184 -8.17 26.43 48.79
N CYS A 185 -8.49 25.97 49.98
CA CYS A 185 -8.11 24.64 50.38
C CYS A 185 -9.02 23.60 49.73
N GLY A 186 -10.33 23.87 49.72
CA GLY A 186 -11.26 23.17 48.83
C GLY A 186 -10.77 23.12 47.38
N LEU A 187 -10.15 24.19 46.93
CA LEU A 187 -9.63 24.18 45.57
C LEU A 187 -8.44 23.22 45.44
N LEU A 188 -7.53 23.24 46.41
CA LEU A 188 -6.45 22.25 46.45
C LEU A 188 -6.96 20.82 46.31
N LEU A 189 -7.91 20.45 47.16
CA LEU A 189 -8.45 19.08 47.11
C LEU A 189 -8.91 18.69 45.68
N ALA A 190 -9.58 19.63 44.98
CA ALA A 190 -10.11 19.35 43.68
C ALA A 190 -8.96 19.12 42.69
N ALA A 191 -7.92 19.94 42.80
CA ALA A 191 -6.80 19.88 41.86
C ALA A 191 -6.01 18.60 42.05
N LEU A 192 -5.74 18.25 43.31
CA LEU A 192 -5.15 16.94 43.62
C LEU A 192 -5.95 15.75 43.03
N GLN A 193 -7.27 15.79 43.17
CA GLN A 193 -8.09 14.65 42.75
C GLN A 193 -8.11 14.61 41.24
N ASN A 194 -8.06 15.78 40.63
CA ASN A 194 -8.03 15.87 39.19
C ASN A 194 -6.66 15.43 38.68
N ALA A 195 -5.61 15.73 39.43
CA ALA A 195 -4.27 15.36 39.04
C ALA A 195 -3.93 13.91 39.43
N GLY A 196 -4.85 13.18 40.04
CA GLY A 196 -4.59 11.76 40.28
C GLY A 196 -3.78 11.51 41.54
N LEU A 197 -3.90 12.41 42.52
CA LEU A 197 -3.21 12.21 43.79
C LEU A 197 -4.26 12.19 44.87
N VAL A 198 -3.90 11.55 45.99
CA VAL A 198 -4.76 11.40 47.14
C VAL A 198 -4.17 12.05 48.38
N THR A 199 -5.02 12.31 49.37
CA THR A 199 -4.56 12.88 50.62
C THR A 199 -5.62 12.73 51.70
N VAL A 200 -5.33 13.23 52.88
CA VAL A 200 -6.41 13.40 53.82
C VAL A 200 -6.32 14.76 54.45
N THR A 201 -7.48 15.34 54.68
CA THR A 201 -7.53 16.65 55.28
C THR A 201 -7.35 16.55 56.77
N THR A 202 -6.17 16.83 57.28
CA THR A 202 -6.01 16.73 58.74
C THR A 202 -5.90 18.11 59.41
N THR A 203 -6.40 18.23 60.63
CA THR A 203 -6.25 19.43 61.46
C THR A 203 -5.72 18.95 62.82
N PRO A 204 -4.41 18.66 62.91
CA PRO A 204 -3.84 18.17 64.15
C PRO A 204 -4.00 19.14 65.37
N LEU A 205 -4.91 18.79 66.29
CA LEU A 205 -5.33 19.71 67.37
C LEU A 205 -4.12 20.14 68.16
N ASN A 206 -3.99 21.44 68.38
CA ASN A 206 -2.98 21.95 69.31
C ASN A 206 -1.51 21.77 68.84
N CYS A 207 -1.30 21.47 67.57
CA CYS A 207 0.06 21.33 67.05
C CYS A 207 0.46 22.59 66.30
N GLY A 208 -0.45 23.54 66.27
CA GLY A 208 -0.21 24.81 65.60
C GLY A 208 1.07 25.48 66.04
N PRO A 209 1.07 26.04 67.26
CA PRO A 209 2.25 26.81 67.65
C PRO A 209 3.61 26.09 67.45
N ARG A 210 3.72 24.84 67.87
CA ARG A 210 4.99 24.12 67.71
C ARG A 210 5.38 23.98 66.23
N LEU A 211 4.41 23.79 65.33
CA LEU A 211 4.78 23.59 63.92
C LEU A 211 5.13 24.90 63.27
N ARG A 212 4.53 25.97 63.75
CA ARG A 212 4.86 27.27 63.23
C ARG A 212 6.35 27.48 63.42
N VAL A 213 6.75 27.47 64.70
CA VAL A 213 8.11 27.69 65.14
C VAL A 213 9.04 26.74 64.43
N LEU A 214 8.70 25.46 64.34
CA LEU A 214 9.60 24.48 63.72
C LEU A 214 9.93 24.88 62.28
N LEU A 215 8.92 25.40 61.59
CA LEU A 215 8.98 25.62 60.16
C LEU A 215 9.30 27.07 59.85
N GLY A 216 9.77 27.80 60.88
CA GLY A 216 10.15 29.20 60.81
C GLY A 216 9.08 30.12 60.23
N ARG A 217 7.83 29.91 60.57
CA ARG A 217 6.75 30.77 60.06
C ARG A 217 6.50 31.89 61.06
N PRO A 218 6.14 33.06 60.57
CA PRO A 218 6.13 34.24 61.42
C PRO A 218 4.92 34.25 62.36
N SER A 219 4.89 35.11 63.35
CA SER A 219 3.85 34.97 64.34
C SER A 219 2.40 35.19 63.87
N HIS A 220 2.21 35.91 62.78
CA HIS A 220 0.89 36.18 62.20
C HIS A 220 0.36 35.02 61.31
N GLU A 221 1.04 33.89 61.24
CA GLU A 221 0.54 32.76 60.45
C GLU A 221 0.13 31.62 61.36
N LYS A 222 -1.02 31.00 61.12
CA LYS A 222 -1.47 29.84 61.91
C LYS A 222 -1.79 28.68 61.00
N LEU A 223 -1.41 27.50 61.45
CA LEU A 223 -1.71 26.31 60.73
C LEU A 223 -3.22 26.12 60.68
N LEU A 224 -3.71 25.72 59.52
CA LEU A 224 -5.11 25.43 59.32
C LEU A 224 -5.30 23.96 58.88
N VAL A 225 -4.54 23.46 57.91
CA VAL A 225 -4.61 22.03 57.66
C VAL A 225 -3.26 21.42 57.28
N LEU A 226 -3.09 20.15 57.61
CA LEU A 226 -1.98 19.38 57.02
C LEU A 226 -2.54 18.41 56.03
N LEU A 227 -1.89 18.29 54.89
CA LEU A 227 -2.28 17.30 53.87
C LEU A 227 -1.05 16.61 53.52
N PRO A 228 -1.01 15.31 53.74
CA PRO A 228 0.00 14.42 53.17
C PRO A 228 -0.36 14.05 51.76
N VAL A 229 0.60 14.15 50.84
CA VAL A 229 0.26 13.95 49.46
C VAL A 229 1.05 12.84 48.85
N GLY A 230 0.34 12.02 48.04
CA GLY A 230 0.92 11.05 47.12
C GLY A 230 -0.01 10.04 46.50
N TYR A 231 0.53 8.89 46.07
CA TYR A 231 -0.26 7.74 45.56
C TYR A 231 -0.71 6.90 46.76
N PRO A 232 -1.93 6.36 46.74
CA PRO A 232 -2.42 5.46 47.76
C PRO A 232 -1.54 4.26 47.84
N SER A 233 -1.41 3.69 49.03
CA SER A 233 -0.58 2.52 49.19
C SER A 233 -1.34 1.34 48.61
N ARG A 234 -0.58 0.35 48.13
CA ARG A 234 -1.16 -0.92 47.69
C ARG A 234 -2.28 -1.39 48.61
N ASP A 235 -1.99 -1.51 49.90
CA ASP A 235 -2.98 -2.00 50.85
C ASP A 235 -3.97 -0.91 51.36
N ALA A 236 -4.14 0.16 50.58
CA ALA A 236 -4.91 1.27 51.08
C ALA A 236 -6.36 0.85 51.22
N THR A 237 -6.95 1.21 52.34
CA THR A 237 -8.37 1.02 52.55
C THR A 237 -9.04 2.37 52.90
N VAL A 238 -10.38 2.37 52.82
CA VAL A 238 -11.17 3.48 53.28
C VAL A 238 -12.42 2.97 53.97
N PRO A 239 -12.96 3.75 54.93
CA PRO A 239 -14.20 3.41 55.60
C PRO A 239 -15.42 3.50 54.69
N ASP A 240 -16.25 2.48 54.70
CA ASP A 240 -17.37 2.41 53.75
C ASP A 240 -18.49 3.43 54.08
N LEU A 241 -18.21 4.71 53.85
CA LEU A 241 -19.18 5.74 54.20
C LEU A 241 -20.01 6.15 53.01
N LYS A 242 -21.25 6.53 53.27
CA LYS A 242 -22.11 7.08 52.21
C LYS A 242 -22.25 8.61 52.34
N ARG A 243 -22.13 9.28 51.20
CA ARG A 243 -22.60 10.68 51.11
C ARG A 243 -24.12 10.85 51.07
N LYS A 244 -24.59 12.01 51.51
CA LYS A 244 -26.02 12.31 51.65
C LYS A 244 -26.67 12.45 50.29
N ALA A 245 -27.92 12.01 50.17
CA ALA A 245 -28.65 12.20 48.94
C ALA A 245 -28.84 13.70 48.69
N LEU A 246 -28.76 14.09 47.41
CA LEU A 246 -28.94 15.49 47.02
C LEU A 246 -30.10 16.22 47.71
N ASP A 247 -31.17 15.50 48.05
CA ASP A 247 -32.32 16.20 48.56
C ASP A 247 -32.14 16.43 50.02
N GLN A 248 -30.96 16.06 50.50
CA GLN A 248 -30.62 16.31 51.90
C GLN A 248 -29.52 17.33 52.06
N ILE A 249 -29.04 17.89 50.95
CA ILE A 249 -28.14 19.03 51.03
C ILE A 249 -28.74 20.25 50.31
N MET A 250 -29.67 19.99 49.39
CA MET A 250 -30.26 21.06 48.64
C MET A 250 -31.71 21.25 49.03
N VAL A 251 -32.07 22.49 49.31
CA VAL A 251 -33.43 22.86 49.54
C VAL A 251 -33.78 23.98 48.56
N THR A 252 -34.84 23.80 47.78
CA THR A 252 -35.32 24.87 46.92
C THR A 252 -36.47 25.58 47.58
N VAL A 253 -36.42 26.93 47.64
CA VAL A 253 -37.39 27.73 48.43
C VAL A 253 -38.21 28.75 47.63
N HIS A 254 -39.55 28.61 47.74
CA HIS A 254 -40.59 29.50 47.14
C HIS A 254 -41.31 30.24 48.27
N SER B 34 -19.30 1.69 65.19
CA SER B 34 -20.07 1.01 64.08
C SER B 34 -19.15 0.35 63.02
N VAL B 35 -18.98 1.00 61.85
CA VAL B 35 -17.77 0.86 60.98
C VAL B 35 -17.86 0.39 59.48
N GLU B 36 -17.14 -0.68 59.16
CA GLU B 36 -16.86 -1.24 57.83
C GLU B 36 -15.78 -0.56 56.95
N HIS B 37 -14.66 -1.25 56.73
CA HIS B 37 -13.54 -0.68 55.98
C HIS B 37 -13.18 -1.48 54.74
N ILE B 38 -13.26 -0.86 53.55
CA ILE B 38 -13.03 -1.54 52.24
C ILE B 38 -11.77 -1.12 51.47
N PRO B 39 -11.19 -2.03 50.64
CA PRO B 39 -10.04 -1.63 49.82
C PRO B 39 -10.42 -0.48 48.94
N PHE B 40 -9.55 0.52 48.92
CA PHE B 40 -9.78 1.74 48.18
C PHE B 40 -9.22 1.62 46.77
N SER B 41 -10.09 1.94 45.80
CA SER B 41 -9.78 1.79 44.39
C SER B 41 -9.28 3.11 43.80
N HIS B 42 -8.03 3.11 43.33
CA HIS B 42 -7.50 4.32 42.75
C HIS B 42 -7.48 4.29 41.24
N THR B 43 -7.66 5.44 40.65
CA THR B 43 -7.62 5.52 39.20
C THR B 43 -6.35 6.36 38.89
N ARG B 44 -5.29 5.67 38.45
CA ARG B 44 -3.95 6.27 38.28
C ARG B 44 -3.71 6.90 36.90
N TYR B 45 -2.77 7.84 36.84
CA TYR B 45 -2.43 8.54 35.60
C TYR B 45 -0.92 8.47 35.31
N PRO B 46 -0.52 8.16 34.06
CA PRO B 46 0.92 8.17 33.79
C PRO B 46 1.50 9.60 33.84
N GLU B 47 2.42 9.83 34.77
CA GLU B 47 2.99 11.17 35.09
C GLU B 47 2.92 12.30 34.04
N GLN B 48 3.22 12.00 32.80
CA GLN B 48 3.19 13.02 31.77
C GLN B 48 1.81 13.66 31.77
N GLU B 49 0.80 12.81 31.85
CA GLU B 49 -0.60 13.15 31.79
C GLU B 49 -1.01 13.96 33.04
N MET B 50 -0.38 13.64 34.19
CA MET B 50 -0.61 14.37 35.46
C MET B 50 -0.23 15.84 35.40
N ARG B 51 0.97 16.12 34.89
CA ARG B 51 1.41 17.48 34.57
C ARG B 51 0.43 18.14 33.57
N MET B 52 -0.07 17.36 32.62
CA MET B 52 -0.92 18.00 31.64
C MET B 52 -2.26 18.34 32.22
N ARG B 53 -2.82 17.42 33.01
CA ARG B 53 -4.16 17.63 33.58
C ARG B 53 -4.13 18.72 34.63
N SER B 54 -3.04 18.77 35.40
CA SER B 54 -2.92 19.74 36.50
C SER B 54 -2.60 21.15 36.03
N GLN B 55 -1.97 21.27 34.88
CA GLN B 55 -1.77 22.54 34.23
C GLN B 55 -3.08 23.10 33.62
N GLU B 56 -3.80 22.26 32.86
CA GLU B 56 -5.11 22.62 32.29
C GLU B 56 -6.09 23.04 33.36
N PHE B 57 -6.18 22.24 34.42
CA PHE B 57 -7.05 22.56 35.53
C PHE B 57 -6.67 23.87 36.22
N TYR B 58 -5.36 24.16 36.24
CA TYR B 58 -4.94 25.45 36.75
C TYR B 58 -5.40 26.53 35.81
N GLU B 59 -5.10 26.38 34.53
CA GLU B 59 -5.52 27.42 33.58
C GLU B 59 -7.02 27.70 33.62
N LEU B 60 -7.78 26.64 33.90
CA LEU B 60 -9.24 26.63 33.84
C LEU B 60 -9.79 27.45 34.97
N LEU B 61 -9.07 27.38 36.08
CA LEU B 61 -9.55 27.87 37.35
C LEU B 61 -9.19 29.32 37.39
N ASN B 62 -8.08 29.61 36.71
CA ASN B 62 -7.48 30.97 36.70
C ASN B 62 -8.35 31.97 35.99
N LYS B 63 -9.18 31.49 35.08
CA LYS B 63 -10.15 32.34 34.40
C LYS B 63 -11.37 32.63 35.26
N ARG B 64 -11.40 32.18 36.50
CA ARG B 64 -12.51 32.54 37.37
C ARG B 64 -12.27 33.90 37.96
N ARG B 65 -13.27 34.78 37.92
CA ARG B 65 -13.21 36.03 38.69
C ARG B 65 -14.54 36.29 39.40
N SER B 66 -14.52 36.95 40.55
CA SER B 66 -15.81 37.36 41.08
C SER B 66 -16.39 38.40 40.12
N VAL B 67 -17.66 38.21 39.73
CA VAL B 67 -18.41 39.02 38.74
C VAL B 67 -19.68 39.49 39.39
N ARG B 68 -19.94 40.79 39.36
CA ARG B 68 -21.00 41.34 40.18
C ARG B 68 -22.09 41.91 39.32
N PHE B 69 -22.10 41.51 38.04
CA PHE B 69 -23.09 41.93 37.06
C PHE B 69 -23.49 40.65 36.34
N ILE B 70 -24.64 40.11 36.78
CA ILE B 70 -25.14 38.80 36.39
C ILE B 70 -26.33 39.05 35.52
N SER B 71 -26.32 38.37 34.36
CA SER B 71 -27.48 38.45 33.46
C SER B 71 -28.67 37.60 33.98
N SER B 72 -29.84 37.91 33.45
CA SER B 72 -31.07 37.27 33.91
C SER B 72 -31.51 36.03 33.11
N GLU B 73 -30.74 35.63 32.11
CA GLU B 73 -31.00 34.40 31.41
C GLU B 73 -31.19 33.30 32.42
N HIS B 74 -32.21 32.47 32.17
CA HIS B 74 -32.41 31.20 32.88
C HIS B 74 -31.18 30.31 32.72
N VAL B 75 -30.74 29.66 33.79
CA VAL B 75 -29.77 28.55 33.62
C VAL B 75 -30.41 27.14 33.86
N PRO B 76 -29.80 26.05 33.31
CA PRO B 76 -30.44 24.73 33.52
C PRO B 76 -30.28 24.17 34.93
N MET B 77 -31.39 23.73 35.53
CA MET B 77 -31.35 22.98 36.77
C MET B 77 -30.35 21.83 36.85
N GLU B 78 -30.29 20.92 35.87
CA GLU B 78 -29.38 19.76 35.95
C GLU B 78 -27.98 20.20 36.34
N VAL B 79 -27.60 21.36 35.86
CA VAL B 79 -26.30 21.95 36.12
C VAL B 79 -26.13 22.49 37.55
N ILE B 80 -27.07 23.32 38.00
CA ILE B 80 -27.11 23.77 39.39
C ILE B 80 -27.07 22.56 40.31
N GLU B 81 -27.91 21.58 39.99
CA GLU B 81 -27.86 20.31 40.66
C GLU B 81 -26.47 19.74 40.70
N ASN B 82 -25.85 19.56 39.54
CA ASN B 82 -24.52 18.96 39.53
C ASN B 82 -23.45 19.72 40.24
N VAL B 83 -23.53 21.05 40.26
CA VAL B 83 -22.54 21.81 41.01
C VAL B 83 -22.82 21.63 42.49
N ILE B 84 -24.06 21.38 42.83
CA ILE B 84 -24.24 21.13 44.26
C ILE B 84 -23.80 19.71 44.66
N LYS B 85 -23.99 18.72 43.76
CA LYS B 85 -23.58 17.37 44.04
C LYS B 85 -22.06 17.39 44.22
N ALA B 86 -21.41 18.22 43.43
CA ALA B 86 -19.98 18.36 43.53
C ALA B 86 -19.58 18.91 44.88
N ALA B 87 -20.21 20.03 45.26
CA ALA B 87 -19.97 20.66 46.53
C ALA B 87 -20.16 19.71 47.66
N GLY B 88 -21.11 18.80 47.56
CA GLY B 88 -21.40 17.85 48.63
C GLY B 88 -20.45 16.67 48.77
N THR B 89 -19.51 16.53 47.84
CA THR B 89 -18.55 15.45 47.91
C THR B 89 -17.35 15.92 48.73
N ALA B 90 -17.46 17.07 49.36
CA ALA B 90 -16.32 17.54 50.15
C ALA B 90 -16.06 16.61 51.34
N PRO B 91 -14.80 16.55 51.84
CA PRO B 91 -14.49 16.07 53.18
C PRO B 91 -15.19 16.87 54.28
N SER B 92 -15.25 16.30 55.49
CA SER B 92 -15.78 16.97 56.64
C SER B 92 -15.34 16.27 57.92
N GLY B 93 -15.15 17.11 58.96
CA GLY B 93 -14.84 16.71 60.31
C GLY B 93 -15.78 15.60 60.68
N ALA B 94 -15.21 14.46 61.12
CA ALA B 94 -15.91 13.19 61.44
C ALA B 94 -17.07 12.84 60.50
N HIS B 95 -16.92 13.20 59.21
CA HIS B 95 -17.96 12.86 58.25
C HIS B 95 -19.31 13.33 58.70
N THR B 96 -19.39 14.59 59.09
CA THR B 96 -20.65 15.17 59.52
C THR B 96 -21.40 15.86 58.36
N GLU B 97 -20.73 16.20 57.27
CA GLU B 97 -21.41 16.88 56.15
C GLU B 97 -22.36 18.02 56.59
N PRO B 98 -21.87 19.04 57.31
CA PRO B 98 -22.76 19.96 57.98
C PRO B 98 -23.25 21.13 57.09
N TRP B 99 -23.62 20.83 55.84
CA TRP B 99 -23.92 21.88 54.89
C TRP B 99 -25.32 21.80 54.30
N THR B 100 -25.96 22.96 54.12
CA THR B 100 -27.25 23.06 53.45
C THR B 100 -27.14 24.15 52.38
N PHE B 101 -27.51 23.81 51.16
CA PHE B 101 -27.44 24.80 50.08
C PHE B 101 -28.90 25.24 49.80
N VAL B 102 -29.25 26.45 50.18
CA VAL B 102 -30.59 26.89 49.88
C VAL B 102 -30.61 27.60 48.51
N VAL B 103 -31.22 26.94 47.54
CA VAL B 103 -31.39 27.49 46.20
C VAL B 103 -32.71 28.26 46.11
N VAL B 104 -32.65 29.53 45.71
CA VAL B 104 -33.81 30.37 45.51
C VAL B 104 -33.84 30.92 44.07
N LYS B 105 -34.85 30.55 43.29
CA LYS B 105 -35.09 31.11 41.95
C LYS B 105 -36.39 31.95 41.86
N ASP B 106 -37.31 31.79 42.82
CA ASP B 106 -38.53 32.62 42.86
C ASP B 106 -38.23 34.12 42.91
N PRO B 107 -38.65 34.87 41.89
CA PRO B 107 -38.33 36.30 41.86
C PRO B 107 -38.88 37.04 43.09
N ASP B 108 -40.08 36.70 43.54
CA ASP B 108 -40.61 37.33 44.74
C ASP B 108 -39.67 37.23 45.93
N MET B 109 -39.13 36.04 46.14
CA MET B 109 -38.32 35.78 47.31
C MET B 109 -36.96 36.44 47.10
N LYS B 110 -36.47 36.37 45.84
CA LYS B 110 -35.19 36.94 45.50
C LYS B 110 -35.20 38.41 45.81
N HIS B 111 -36.33 39.01 45.54
CA HIS B 111 -36.53 40.40 45.85
C HIS B 111 -36.50 40.77 47.33
N LYS B 112 -37.01 39.86 48.17
CA LYS B 112 -37.16 40.14 49.61
C LYS B 112 -35.84 39.96 50.29
N ILE B 113 -35.01 39.10 49.71
CA ILE B 113 -33.59 38.98 50.08
C ILE B 113 -32.82 40.29 49.77
N ARG B 114 -33.07 40.85 48.58
CA ARG B 114 -32.48 42.14 48.18
C ARG B 114 -32.86 43.29 49.14
N GLU B 115 -34.14 43.44 49.44
CA GLU B 115 -34.56 44.39 50.47
C GLU B 115 -33.72 44.14 51.71
N ILE B 116 -33.77 42.96 52.34
CA ILE B 116 -33.03 42.77 53.59
C ILE B 116 -31.57 43.20 53.51
N ILE B 117 -30.86 42.63 52.54
CA ILE B 117 -29.43 42.83 52.39
C ILE B 117 -29.08 44.27 52.14
N GLU B 118 -29.85 44.91 51.28
CA GLU B 118 -29.55 46.29 50.88
C GLU B 118 -29.76 47.22 52.05
N GLU B 119 -30.84 46.98 52.78
CA GLU B 119 -31.12 47.69 54.02
C GLU B 119 -29.90 47.59 54.96
N GLU B 120 -29.40 46.36 55.17
CA GLU B 120 -28.33 46.14 56.12
C GLU B 120 -26.95 46.57 55.62
N GLU B 121 -26.62 46.39 54.34
CA GLU B 121 -25.30 46.82 53.88
C GLU B 121 -25.13 48.33 53.85
N GLU B 122 -26.22 49.04 53.60
CA GLU B 122 -26.26 50.50 53.79
C GLU B 122 -25.79 50.87 55.19
N ILE B 123 -26.40 50.33 56.25
CA ILE B 123 -25.89 50.49 57.64
C ILE B 123 -24.41 50.06 57.73
N ASN B 124 -24.09 48.91 57.16
CA ASN B 124 -22.71 48.41 57.20
C ASN B 124 -21.70 49.45 56.67
N TYR B 125 -21.96 49.98 55.49
CA TYR B 125 -21.09 50.99 54.88
C TYR B 125 -21.08 52.29 55.60
N MET B 126 -22.17 52.62 56.25
CA MET B 126 -22.31 53.94 56.78
C MET B 126 -21.70 54.09 58.14
N LYS B 127 -21.75 53.05 58.96
CA LYS B 127 -21.56 53.22 60.40
C LYS B 127 -20.82 52.04 61.02
N ARG B 128 -21.08 50.85 60.48
CA ARG B 128 -20.90 49.57 61.16
C ARG B 128 -19.63 48.75 60.74
N MET B 129 -19.25 48.77 59.47
CA MET B 129 -17.99 48.11 59.05
C MET B 129 -16.72 48.85 59.54
N GLY B 130 -16.89 50.10 59.96
CA GLY B 130 -15.78 50.97 60.27
C GLY B 130 -15.10 51.58 59.06
N LYS B 131 -14.33 52.65 59.29
CA LYS B 131 -13.64 53.42 58.22
C LYS B 131 -12.57 52.61 57.40
N ARG B 132 -11.63 51.98 58.11
CA ARG B 132 -10.59 51.13 57.54
C ARG B 132 -11.17 50.23 56.47
N TRP B 133 -12.14 49.40 56.88
CA TRP B 133 -12.77 48.44 55.97
C TRP B 133 -13.29 49.15 54.74
N VAL B 134 -14.21 50.08 54.96
CA VAL B 134 -14.82 50.84 53.88
C VAL B 134 -13.78 51.25 52.83
N THR B 135 -12.65 51.79 53.30
CA THR B 135 -11.52 52.24 52.47
C THR B 135 -10.86 51.10 51.69
N ASP B 136 -10.61 49.98 52.38
CA ASP B 136 -10.08 48.77 51.79
C ASP B 136 -10.89 48.33 50.57
N LEU B 137 -12.08 48.93 50.41
CA LEU B 137 -13.07 48.50 49.41
C LEU B 137 -13.29 49.44 48.25
N LYS B 138 -12.82 50.69 48.34
CA LYS B 138 -12.89 51.64 47.23
C LYS B 138 -12.43 51.01 45.91
N LYS B 139 -11.20 50.52 45.87
CA LYS B 139 -10.69 49.81 44.70
C LYS B 139 -11.70 48.85 44.03
N LEU B 140 -12.63 48.26 44.76
CA LEU B 140 -13.57 47.35 44.13
C LEU B 140 -14.94 47.99 43.74
N ARG B 141 -15.20 49.23 44.18
CA ARG B 141 -16.35 50.02 43.65
C ARG B 141 -17.68 49.36 43.98
N THR B 142 -17.70 48.63 45.08
CA THR B 142 -18.96 48.11 45.60
C THR B 142 -19.59 49.12 46.58
N ASN B 143 -20.92 49.16 46.57
CA ASN B 143 -21.66 49.73 47.70
C ASN B 143 -22.85 48.82 48.11
N TRP B 144 -23.87 49.39 48.71
CA TRP B 144 -24.92 48.58 49.26
C TRP B 144 -26.05 48.33 48.24
N ILE B 145 -26.02 48.95 47.07
CA ILE B 145 -26.95 48.55 46.03
C ILE B 145 -26.45 47.25 45.39
N LYS B 146 -27.27 46.19 45.43
CA LYS B 146 -26.88 44.88 44.93
C LYS B 146 -27.85 44.39 43.89
N GLU B 147 -27.69 44.84 42.67
CA GLU B 147 -28.65 44.52 41.63
C GLU B 147 -28.67 43.04 41.27
N TYR B 148 -27.56 42.34 41.47
CA TYR B 148 -27.57 40.94 41.03
C TYR B 148 -28.52 40.04 41.82
N LEU B 149 -28.89 40.47 43.03
CA LEU B 149 -29.90 39.82 43.85
C LEU B 149 -31.24 39.68 43.16
N ASP B 150 -31.62 40.70 42.39
CA ASP B 150 -32.83 40.62 41.58
C ASP B 150 -32.56 40.04 40.24
N THR B 151 -31.53 40.54 39.56
CA THR B 151 -31.23 40.04 38.22
C THR B 151 -30.96 38.56 38.10
N ALA B 152 -29.99 38.04 38.84
CA ALA B 152 -29.51 36.70 38.64
C ALA B 152 -30.64 35.66 38.73
N PRO B 153 -30.57 34.56 37.93
CA PRO B 153 -31.68 33.63 37.87
C PRO B 153 -31.64 32.61 39.00
N VAL B 154 -30.50 32.49 39.67
CA VAL B 154 -30.31 31.61 40.84
C VAL B 154 -29.54 32.29 41.99
N LEU B 155 -30.05 32.12 43.20
CA LEU B 155 -29.25 32.48 44.36
C LEU B 155 -28.95 31.19 45.10
N ILE B 156 -27.76 31.11 45.67
CA ILE B 156 -27.41 29.97 46.46
C ILE B 156 -26.92 30.44 47.79
N LEU B 157 -27.56 29.97 48.83
CA LEU B 157 -27.13 30.41 50.12
C LEU B 157 -26.61 29.20 50.82
N ILE B 158 -25.31 29.25 51.12
CA ILE B 158 -24.73 28.23 51.93
C ILE B 158 -24.90 28.47 53.44
N PHE B 159 -25.54 27.53 54.09
CA PHE B 159 -25.59 27.64 55.51
C PHE B 159 -24.77 26.53 56.10
N LYS B 160 -24.03 26.85 57.16
CA LYS B 160 -23.42 25.81 57.95
C LYS B 160 -24.33 25.35 59.12
N GLN B 161 -24.28 24.04 59.35
CA GLN B 161 -25.01 23.46 60.47
C GLN B 161 -24.08 23.44 61.67
N VAL B 162 -24.35 24.31 62.68
CA VAL B 162 -23.44 24.48 63.84
C VAL B 162 -23.47 23.26 64.74
N HIS B 163 -24.55 22.52 64.60
CA HIS B 163 -24.68 21.18 65.16
C HIS B 163 -25.74 20.50 64.28
N GLY B 164 -25.96 19.19 64.47
CA GLY B 164 -27.01 18.48 63.77
C GLY B 164 -27.75 17.51 64.65
N PHE B 165 -28.40 16.55 64.00
CA PHE B 165 -29.37 15.67 64.68
C PHE B 165 -29.28 14.24 64.22
N ALA B 166 -29.14 13.35 65.18
CA ALA B 166 -29.02 11.95 64.84
C ALA B 166 -30.36 11.59 64.22
N ALA B 167 -30.36 10.57 63.36
CA ALA B 167 -31.66 9.96 63.00
C ALA B 167 -32.60 9.84 64.24
N ASN B 168 -32.02 9.50 65.42
CA ASN B 168 -32.80 9.28 66.67
C ASN B 168 -33.16 10.56 67.40
N GLY B 169 -32.87 11.69 66.75
CA GLY B 169 -33.33 12.97 67.23
C GLY B 169 -32.42 13.68 68.22
N LYS B 170 -31.33 13.04 68.62
CA LYS B 170 -30.44 13.67 69.57
C LYS B 170 -29.28 14.46 68.89
N LYS B 171 -28.84 15.52 69.59
CA LYS B 171 -27.77 16.43 69.13
C LYS B 171 -26.51 15.70 68.74
N LYS B 172 -25.97 16.03 67.58
CA LYS B 172 -24.61 15.61 67.31
C LYS B 172 -23.69 16.78 66.96
N VAL B 173 -22.42 16.66 67.36
CA VAL B 173 -21.43 17.72 67.21
C VAL B 173 -20.92 17.74 65.78
N HIS B 174 -20.83 18.98 65.25
CA HIS B 174 -20.19 19.22 63.94
C HIS B 174 -18.77 19.84 64.08
N TYR B 175 -17.80 18.97 64.32
CA TYR B 175 -16.42 19.35 64.32
C TYR B 175 -15.96 20.14 63.06
N TYR B 176 -15.33 21.30 63.30
CA TYR B 176 -14.84 22.16 62.25
C TYR B 176 -15.88 22.39 61.17
N ASN B 177 -17.05 22.92 61.52
CA ASN B 177 -18.09 22.98 60.49
C ASN B 177 -17.82 24.14 59.55
N GLU B 178 -17.22 25.18 60.07
CA GLU B 178 -16.97 26.29 59.22
C GLU B 178 -15.92 25.93 58.17
N ILE B 179 -14.80 25.38 58.60
CA ILE B 179 -13.84 24.96 57.61
C ILE B 179 -14.43 23.93 56.61
N SER B 180 -15.25 22.98 57.10
CA SER B 180 -15.85 21.96 56.21
C SER B 180 -16.76 22.60 55.18
N VAL B 181 -17.68 23.44 55.65
CA VAL B 181 -18.62 24.11 54.78
C VAL B 181 -17.82 24.99 53.78
N SER B 182 -16.80 25.70 54.24
CA SER B 182 -16.04 26.59 53.38
C SER B 182 -15.35 25.84 52.28
N ILE B 183 -14.66 24.77 52.66
CA ILE B 183 -14.09 23.85 51.70
C ILE B 183 -15.14 23.47 50.64
N ALA B 184 -16.34 23.05 51.05
CA ALA B 184 -17.37 22.59 50.11
C ALA B 184 -17.66 23.70 49.13
N CYS B 185 -17.90 24.84 49.73
CA CYS B 185 -17.96 26.06 49.02
C CYS B 185 -16.79 26.26 47.97
N GLY B 186 -15.55 25.95 48.33
CA GLY B 186 -14.46 25.94 47.38
C GLY B 186 -14.80 25.05 46.19
N LEU B 187 -15.22 23.81 46.45
CA LEU B 187 -15.55 22.87 45.37
C LEU B 187 -16.71 23.38 44.55
N LEU B 188 -17.69 23.99 45.20
CA LEU B 188 -18.77 24.64 44.48
C LEU B 188 -18.20 25.70 43.52
N LEU B 189 -17.26 26.53 43.97
CA LEU B 189 -16.73 27.54 43.05
C LEU B 189 -16.03 26.88 41.88
N ALA B 190 -15.20 25.89 42.14
CA ALA B 190 -14.61 25.08 41.03
C ALA B 190 -15.69 24.54 40.08
N ALA B 191 -16.75 23.96 40.65
CA ALA B 191 -17.80 23.37 39.83
C ALA B 191 -18.55 24.42 38.99
N LEU B 192 -18.89 25.58 39.57
CA LEU B 192 -19.46 26.67 38.78
C LEU B 192 -18.56 26.99 37.59
N GLN B 193 -17.30 27.30 37.86
CA GLN B 193 -16.31 27.61 36.84
C GLN B 193 -16.22 26.57 35.75
N ASN B 194 -16.02 25.32 36.12
CA ASN B 194 -15.98 24.24 35.14
C ASN B 194 -17.18 24.26 34.15
N ALA B 195 -18.30 24.83 34.60
CA ALA B 195 -19.56 24.66 33.90
C ALA B 195 -19.98 25.90 33.10
N GLY B 196 -19.17 26.94 33.19
CA GLY B 196 -19.37 28.16 32.44
C GLY B 196 -20.32 29.15 33.07
N LEU B 197 -20.43 29.14 34.38
CA LEU B 197 -21.21 30.16 35.09
C LEU B 197 -20.31 31.03 35.96
N VAL B 198 -20.87 32.09 36.49
CA VAL B 198 -20.11 33.07 37.26
C VAL B 198 -20.89 33.33 38.52
N THR B 199 -20.22 33.90 39.49
CA THR B 199 -20.85 34.27 40.73
C THR B 199 -19.96 35.26 41.46
N VAL B 200 -20.37 35.65 42.66
CA VAL B 200 -19.49 36.34 43.55
C VAL B 200 -19.71 35.92 44.98
N THR B 201 -18.70 35.26 45.55
CA THR B 201 -18.71 34.89 46.95
C THR B 201 -19.05 36.11 47.75
N THR B 202 -20.20 36.16 48.39
CA THR B 202 -20.53 37.37 49.20
C THR B 202 -20.85 37.00 50.62
N THR B 203 -20.39 37.83 51.53
CA THR B 203 -20.71 37.66 52.92
C THR B 203 -21.55 38.85 53.31
N PRO B 204 -22.86 38.65 53.39
CA PRO B 204 -23.66 39.82 53.80
C PRO B 204 -23.64 40.13 55.33
N LEU B 205 -22.66 40.84 55.85
CA LEU B 205 -22.66 41.07 57.31
C LEU B 205 -24.01 41.56 57.91
N ASN B 206 -24.36 41.06 59.11
CA ASN B 206 -25.69 41.25 59.81
C ASN B 206 -26.97 40.83 59.09
N CYS B 207 -26.83 40.00 58.05
CA CYS B 207 -28.00 39.57 57.33
C CYS B 207 -28.47 38.21 57.73
N GLY B 208 -27.60 37.56 58.51
CA GLY B 208 -27.67 36.16 58.91
C GLY B 208 -29.03 35.73 59.37
N PRO B 209 -29.45 36.20 60.57
CA PRO B 209 -30.74 35.93 61.19
C PRO B 209 -31.95 36.29 60.31
N ARG B 210 -32.00 37.50 59.79
CA ARG B 210 -33.15 37.88 58.97
C ARG B 210 -33.40 36.96 57.82
N LEU B 211 -32.34 36.53 57.13
CA LEU B 211 -32.46 35.66 55.96
C LEU B 211 -32.84 34.24 56.38
N ARG B 212 -32.18 33.72 57.42
CA ARG B 212 -32.55 32.45 58.06
C ARG B 212 -34.06 32.28 58.28
N VAL B 213 -34.72 33.29 58.86
CA VAL B 213 -36.13 33.19 59.18
C VAL B 213 -36.90 33.30 57.86
N LEU B 214 -36.54 34.33 57.11
CA LEU B 214 -37.18 34.53 55.83
C LEU B 214 -37.17 33.21 55.04
N LEU B 215 -36.04 32.52 54.99
CA LEU B 215 -36.00 31.31 54.18
C LEU B 215 -36.50 30.07 54.90
N GLY B 216 -37.02 30.28 56.12
CA GLY B 216 -37.58 29.24 56.96
C GLY B 216 -36.58 28.33 57.67
N ARG B 217 -35.29 28.60 57.59
CA ARG B 217 -34.30 27.64 58.09
C ARG B 217 -34.29 27.44 59.60
N PRO B 218 -33.83 26.26 60.08
CA PRO B 218 -33.89 26.00 61.53
C PRO B 218 -32.74 26.61 62.33
N SER B 219 -32.97 26.76 63.63
CA SER B 219 -32.17 27.54 64.50
C SER B 219 -30.72 27.22 64.41
N HIS B 220 -30.39 25.94 64.42
CA HIS B 220 -29.00 25.49 64.28
C HIS B 220 -28.30 25.75 62.92
N GLU B 221 -28.98 26.40 61.98
CA GLU B 221 -28.31 26.80 60.77
C GLU B 221 -27.93 28.27 60.74
N LYS B 222 -26.68 28.54 60.35
CA LYS B 222 -26.13 29.91 60.24
C LYS B 222 -25.61 30.12 58.82
N LEU B 223 -25.96 31.26 58.20
CA LEU B 223 -25.55 31.59 56.84
C LEU B 223 -24.08 31.85 56.75
N LEU B 224 -23.43 31.18 55.83
CA LEU B 224 -22.00 31.41 55.65
C LEU B 224 -21.81 32.44 54.58
N VAL B 225 -22.34 32.13 53.39
CA VAL B 225 -21.94 32.80 52.18
C VAL B 225 -23.13 32.82 51.21
N LEU B 226 -23.20 33.78 50.32
CA LEU B 226 -24.36 33.87 49.41
C LEU B 226 -23.82 34.00 47.97
N LEU B 227 -24.32 33.19 47.06
CA LEU B 227 -23.73 33.17 45.70
C LEU B 227 -24.74 33.49 44.62
N PRO B 228 -24.71 34.71 44.06
CA PRO B 228 -25.62 34.92 42.93
C PRO B 228 -25.02 34.23 41.72
N VAL B 229 -25.79 33.38 41.05
CA VAL B 229 -25.25 32.56 39.95
C VAL B 229 -25.98 32.79 38.64
N GLY B 230 -25.20 32.98 37.57
CA GLY B 230 -25.73 32.95 36.21
C GLY B 230 -24.64 33.24 35.20
N TYR B 231 -24.97 33.81 34.04
CA TYR B 231 -23.88 34.23 33.18
C TYR B 231 -23.54 35.69 33.42
N PRO B 232 -22.36 36.15 32.98
CA PRO B 232 -22.22 37.61 33.15
C PRO B 232 -23.19 38.41 32.25
N SER B 233 -23.62 39.58 32.72
CA SER B 233 -24.19 40.61 31.87
C SER B 233 -23.31 40.93 30.67
N ARG B 234 -23.95 41.33 29.58
CA ARG B 234 -23.26 41.78 28.36
C ARG B 234 -22.17 42.78 28.70
N ASP B 235 -22.51 43.77 29.50
CA ASP B 235 -21.61 44.88 29.88
C ASP B 235 -20.50 44.54 30.89
N ALA B 236 -20.71 43.50 31.71
CA ALA B 236 -19.87 43.07 32.86
C ALA B 236 -18.37 43.45 32.97
N THR B 237 -18.02 44.15 34.06
CA THR B 237 -16.61 44.45 34.37
C THR B 237 -16.11 43.64 35.54
N VAL B 238 -14.79 43.61 35.71
CA VAL B 238 -14.15 43.20 36.98
C VAL B 238 -13.05 44.21 37.34
N PRO B 239 -12.73 44.39 38.63
CA PRO B 239 -11.50 45.14 38.83
C PRO B 239 -10.26 44.46 38.25
N ASP B 240 -9.26 45.28 37.93
CA ASP B 240 -8.06 44.76 37.30
C ASP B 240 -7.03 44.34 38.33
N LEU B 241 -7.31 43.20 38.96
CA LEU B 241 -6.47 42.68 40.01
C LEU B 241 -5.53 41.62 39.43
N LYS B 242 -4.34 41.53 40.00
CA LYS B 242 -3.43 40.48 39.59
C LYS B 242 -3.27 39.55 40.79
N ARG B 243 -3.08 38.28 40.49
CA ARG B 243 -2.85 37.28 41.53
C ARG B 243 -1.37 37.09 41.96
N LYS B 244 -1.11 36.72 43.22
CA LYS B 244 0.29 36.43 43.62
C LYS B 244 0.97 35.35 42.73
N ALA B 245 2.29 35.28 42.70
CA ALA B 245 2.95 34.29 41.85
C ALA B 245 3.29 33.13 42.79
N LEU B 246 3.75 32.01 42.23
CA LEU B 246 3.88 30.84 43.05
C LEU B 246 4.78 31.07 44.26
N ASP B 247 5.82 31.86 44.09
CA ASP B 247 6.84 31.90 45.12
C ASP B 247 6.36 32.89 46.15
N GLN B 248 5.18 33.42 45.99
CA GLN B 248 4.72 34.36 46.98
C GLN B 248 3.68 33.74 47.87
N ILE B 249 3.36 32.49 47.57
CA ILE B 249 2.36 31.76 48.31
C ILE B 249 2.92 30.43 48.83
N MET B 250 3.79 29.81 48.03
CA MET B 250 4.49 28.51 48.33
C MET B 250 5.91 28.74 48.92
N VAL B 251 6.33 27.88 49.83
CA VAL B 251 7.67 27.93 50.45
C VAL B 251 8.06 26.47 50.64
N THR B 252 9.15 26.02 50.03
CA THR B 252 9.66 24.65 50.28
C THR B 252 10.67 24.69 51.45
N VAL B 253 10.68 23.64 52.28
CA VAL B 253 11.63 23.52 53.42
C VAL B 253 12.41 22.21 53.31
N SER C 34 18.88 -13.35 36.36
CA SER C 34 18.06 -14.58 36.59
C SER C 34 16.68 -14.26 37.22
N VAL C 35 16.58 -14.18 38.56
CA VAL C 35 15.28 -14.17 39.33
C VAL C 35 14.50 -12.82 39.34
N GLU C 36 13.64 -12.61 40.35
CA GLU C 36 13.07 -11.28 40.62
C GLU C 36 11.57 -11.24 40.84
N HIS C 37 11.08 -11.26 42.08
CA HIS C 37 9.61 -11.43 42.30
C HIS C 37 8.85 -10.24 42.92
N ILE C 38 7.77 -9.83 42.28
CA ILE C 38 7.06 -8.60 42.64
C ILE C 38 5.65 -8.87 43.13
N PRO C 39 5.20 -8.14 44.16
CA PRO C 39 3.84 -8.24 44.66
C PRO C 39 2.80 -8.38 43.56
N PHE C 40 1.95 -9.41 43.64
CA PHE C 40 0.81 -9.50 42.73
C PHE C 40 -0.32 -8.54 43.13
N SER C 41 -0.85 -7.89 42.09
CA SER C 41 -1.93 -6.92 42.21
C SER C 41 -3.15 -7.48 41.49
N HIS C 42 -4.33 -7.23 42.05
CA HIS C 42 -5.51 -7.89 41.52
C HIS C 42 -6.83 -7.10 41.41
N THR C 43 -7.47 -7.20 40.24
CA THR C 43 -8.81 -6.64 39.97
C THR C 43 -9.85 -7.59 40.58
N ARG C 44 -10.34 -7.29 41.78
CA ARG C 44 -11.29 -8.19 42.40
C ARG C 44 -12.69 -7.66 42.25
N TYR C 45 -13.60 -8.42 41.64
CA TYR C 45 -15.00 -7.93 41.55
C TYR C 45 -15.84 -8.61 42.60
N PRO C 46 -16.90 -7.91 43.07
CA PRO C 46 -17.82 -8.55 44.04
C PRO C 46 -18.48 -9.81 43.44
N GLU C 47 -18.96 -10.71 44.29
CA GLU C 47 -19.51 -11.99 43.85
C GLU C 47 -20.63 -11.86 42.82
N GLN C 48 -21.45 -10.82 42.99
CA GLN C 48 -22.58 -10.56 42.08
C GLN C 48 -22.10 -10.37 40.66
N GLU C 49 -21.06 -9.56 40.53
CA GLU C 49 -20.53 -9.20 39.25
C GLU C 49 -19.69 -10.35 38.62
N MET C 50 -19.00 -11.07 39.50
CA MET C 50 -18.35 -12.29 39.18
C MET C 50 -19.37 -13.22 38.56
N ARG C 51 -20.55 -13.29 39.15
CA ARG C 51 -21.64 -14.12 38.63
C ARG C 51 -22.18 -13.61 37.29
N MET C 52 -22.22 -12.29 37.09
CA MET C 52 -22.68 -11.75 35.81
C MET C 52 -21.65 -11.89 34.67
N ARG C 53 -20.45 -11.34 34.84
CA ARG C 53 -19.39 -11.48 33.83
C ARG C 53 -19.25 -12.91 33.30
N SER C 54 -19.28 -13.88 34.20
CA SER C 54 -19.11 -15.28 33.82
C SER C 54 -20.30 -15.84 33.02
N GLN C 55 -21.52 -15.36 33.26
CA GLN C 55 -22.63 -15.76 32.36
C GLN C 55 -22.55 -14.99 31.05
N GLU C 56 -22.30 -13.68 31.14
CA GLU C 56 -22.06 -12.87 29.93
C GLU C 56 -21.00 -13.43 29.01
N PHE C 57 -19.92 -13.93 29.59
CA PHE C 57 -18.79 -14.47 28.83
C PHE C 57 -19.09 -15.80 28.14
N TYR C 58 -19.73 -16.73 28.83
CA TYR C 58 -20.08 -18.00 28.25
C TYR C 58 -21.11 -17.90 27.11
N GLU C 59 -22.16 -17.10 27.37
CA GLU C 59 -23.16 -16.80 26.35
C GLU C 59 -22.47 -16.31 25.08
N LEU C 60 -21.69 -15.24 25.22
CA LEU C 60 -20.70 -14.82 24.22
C LEU C 60 -19.97 -16.03 23.56
N LEU C 61 -19.38 -16.89 24.38
CA LEU C 61 -18.52 -17.89 23.86
C LEU C 61 -19.24 -18.99 23.09
N ASN C 62 -20.47 -19.31 23.53
CA ASN C 62 -21.34 -20.34 22.95
C ASN C 62 -21.81 -19.97 21.56
N LYS C 63 -21.79 -18.67 21.27
CA LYS C 63 -22.21 -18.23 19.95
C LYS C 63 -21.16 -18.54 18.90
N ARG C 64 -19.93 -18.79 19.32
CA ARG C 64 -18.83 -19.11 18.42
C ARG C 64 -19.10 -20.40 17.73
N ARG C 65 -18.91 -20.42 16.41
CA ARG C 65 -19.00 -21.66 15.64
C ARG C 65 -17.90 -21.65 14.57
N SER C 66 -17.32 -22.83 14.25
CA SER C 66 -16.42 -22.93 13.11
C SER C 66 -17.20 -22.64 11.81
N VAL C 67 -16.70 -21.71 11.01
CA VAL C 67 -17.41 -21.29 9.81
C VAL C 67 -16.51 -21.52 8.60
N ARG C 68 -17.03 -22.23 7.60
CA ARG C 68 -16.24 -22.64 6.47
C ARG C 68 -16.54 -21.91 5.19
N PHE C 69 -17.27 -20.79 5.29
CA PHE C 69 -17.60 -19.96 4.12
C PHE C 69 -17.40 -18.53 4.59
N ILE C 70 -16.43 -17.86 4.00
CA ILE C 70 -15.93 -16.63 4.58
C ILE C 70 -15.92 -15.47 3.60
N SER C 71 -16.47 -14.36 4.04
CA SER C 71 -16.60 -13.20 3.21
C SER C 71 -15.22 -12.68 2.82
N SER C 72 -15.03 -12.40 1.54
CA SER C 72 -13.76 -11.84 1.11
C SER C 72 -13.62 -10.34 1.42
N GLU C 73 -14.67 -9.79 2.03
CA GLU C 73 -14.68 -8.44 2.60
C GLU C 73 -13.52 -8.20 3.54
N HIS C 74 -12.84 -7.10 3.34
CA HIS C 74 -11.69 -6.75 4.14
C HIS C 74 -12.02 -6.50 5.61
N VAL C 75 -11.16 -7.01 6.51
CA VAL C 75 -11.25 -6.76 7.93
C VAL C 75 -10.01 -5.98 8.31
N PRO C 76 -10.14 -5.01 9.25
CA PRO C 76 -9.14 -4.07 9.75
C PRO C 76 -7.95 -4.72 10.40
N MET C 77 -6.76 -4.34 9.92
CA MET C 77 -5.49 -4.77 10.48
C MET C 77 -5.35 -4.59 11.98
N GLU C 78 -5.85 -3.47 12.52
CA GLU C 78 -5.66 -3.18 13.95
C GLU C 78 -6.26 -4.35 14.68
N VAL C 79 -7.48 -4.71 14.25
CA VAL C 79 -8.22 -5.78 14.92
C VAL C 79 -7.41 -7.05 14.96
N ILE C 80 -6.98 -7.53 13.80
CA ILE C 80 -6.17 -8.75 13.71
C ILE C 80 -4.90 -8.68 14.58
N GLU C 81 -4.25 -7.52 14.59
CA GLU C 81 -3.17 -7.29 15.55
C GLU C 81 -3.58 -7.48 17.00
N ASN C 82 -4.77 -7.00 17.40
CA ASN C 82 -5.21 -7.21 18.78
C ASN C 82 -5.58 -8.62 19.14
N VAL C 83 -6.07 -9.40 18.18
CA VAL C 83 -6.36 -10.80 18.54
C VAL C 83 -5.09 -11.65 18.69
N ILE C 84 -4.03 -11.31 17.95
CA ILE C 84 -2.77 -12.06 18.06
C ILE C 84 -2.09 -11.60 19.32
N LYS C 85 -2.18 -10.31 19.64
CA LYS C 85 -1.71 -9.80 20.94
C LYS C 85 -2.29 -10.63 22.08
N ALA C 86 -3.60 -10.76 22.11
CA ALA C 86 -4.33 -11.57 23.12
C ALA C 86 -3.80 -13.01 23.27
N ALA C 87 -3.69 -13.71 22.13
CA ALA C 87 -3.10 -15.04 22.07
C ALA C 87 -1.78 -15.11 22.78
N GLY C 88 -0.95 -14.08 22.57
CA GLY C 88 0.38 -13.99 23.12
C GLY C 88 0.43 -13.79 24.60
N THR C 89 -0.73 -13.51 25.23
CA THR C 89 -0.77 -13.44 26.71
C THR C 89 -0.86 -14.82 27.36
N ALA C 90 -0.77 -15.91 26.58
CA ALA C 90 -0.96 -17.24 27.16
C ALA C 90 0.20 -17.63 28.09
N PRO C 91 -0.05 -18.48 29.10
CA PRO C 91 1.02 -19.06 29.89
C PRO C 91 1.74 -19.99 28.96
N SER C 92 2.92 -20.44 29.31
CA SER C 92 3.69 -21.29 28.40
C SER C 92 4.56 -21.94 29.40
N GLY C 93 4.95 -23.18 29.10
CA GLY C 93 5.82 -23.94 30.00
C GLY C 93 7.13 -23.19 30.21
N ALA C 94 7.53 -23.02 31.46
CA ALA C 94 8.76 -22.33 31.81
C ALA C 94 8.99 -21.00 31.03
N HIS C 95 7.91 -20.25 30.71
CA HIS C 95 8.06 -18.95 29.99
C HIS C 95 8.90 -19.02 28.68
N THR C 96 8.49 -19.86 27.75
CA THR C 96 9.24 -20.00 26.54
C THR C 96 8.53 -19.22 25.43
N GLU C 97 7.22 -19.02 25.59
CA GLU C 97 6.42 -18.36 24.57
C GLU C 97 6.68 -18.92 23.19
N PRO C 98 6.50 -20.25 23.01
CA PRO C 98 7.00 -20.92 21.80
C PRO C 98 6.09 -20.80 20.58
N TRP C 99 5.38 -19.69 20.44
CA TRP C 99 4.51 -19.53 19.28
C TRP C 99 5.05 -18.54 18.19
N THR C 100 4.66 -18.74 16.93
CA THR C 100 4.84 -17.76 15.85
C THR C 100 3.50 -17.70 15.12
N PHE C 101 2.94 -16.50 14.95
CA PHE C 101 1.65 -16.30 14.27
C PHE C 101 1.87 -15.74 12.87
N VAL C 102 1.61 -16.53 11.86
CA VAL C 102 2.02 -16.09 10.53
C VAL C 102 0.78 -15.65 9.75
N VAL C 103 0.80 -14.41 9.29
CA VAL C 103 -0.36 -13.76 8.69
C VAL C 103 -0.19 -13.58 7.19
N VAL C 104 -1.02 -14.23 6.39
CA VAL C 104 -0.99 -14.04 4.95
C VAL C 104 -2.22 -13.26 4.48
N LYS C 105 -1.98 -12.17 3.78
CA LYS C 105 -2.99 -11.34 3.14
C LYS C 105 -2.80 -11.37 1.61
N ASP C 106 -1.56 -11.49 1.15
CA ASP C 106 -1.31 -11.47 -0.27
C ASP C 106 -2.07 -12.57 -0.98
N PRO C 107 -2.98 -12.21 -1.89
CA PRO C 107 -3.79 -13.10 -2.75
C PRO C 107 -3.02 -14.15 -3.54
N ASP C 108 -1.83 -13.81 -4.01
CA ASP C 108 -1.09 -14.82 -4.75
C ASP C 108 -0.59 -15.83 -3.77
N MET C 109 -0.21 -15.36 -2.60
CA MET C 109 0.37 -16.24 -1.59
C MET C 109 -0.72 -17.21 -1.15
N LYS C 110 -1.85 -16.64 -0.75
CA LYS C 110 -3.00 -17.39 -0.34
C LYS C 110 -3.38 -18.47 -1.37
N HIS C 111 -3.33 -18.18 -2.67
CA HIS C 111 -3.61 -19.22 -3.68
C HIS C 111 -2.57 -20.35 -3.68
N LYS C 112 -1.29 -20.00 -3.65
CA LYS C 112 -0.23 -20.99 -3.49
C LYS C 112 -0.58 -21.94 -2.32
N ILE C 113 -1.05 -21.37 -1.20
CA ILE C 113 -1.45 -22.15 -0.04
C ILE C 113 -2.67 -23.03 -0.34
N ARG C 114 -3.66 -22.45 -1.02
CA ARG C 114 -4.78 -23.25 -1.45
C ARG C 114 -4.28 -24.45 -2.30
N GLU C 115 -3.38 -24.20 -3.25
CA GLU C 115 -2.82 -25.26 -4.09
C GLU C 115 -2.29 -26.41 -3.24
N ILE C 116 -1.35 -26.13 -2.34
CA ILE C 116 -0.76 -27.16 -1.48
C ILE C 116 -1.82 -28.01 -0.78
N ILE C 117 -2.71 -27.35 -0.01
CA ILE C 117 -3.63 -27.99 0.90
C ILE C 117 -4.62 -28.82 0.14
N GLU C 118 -5.30 -28.23 -0.83
CA GLU C 118 -6.20 -28.97 -1.70
C GLU C 118 -5.52 -30.18 -2.30
N GLU C 119 -4.27 -30.04 -2.74
CA GLU C 119 -3.59 -31.18 -3.30
C GLU C 119 -3.36 -32.25 -2.20
N GLU C 120 -2.86 -31.83 -1.04
CA GLU C 120 -2.61 -32.80 0.04
C GLU C 120 -3.91 -33.35 0.65
N GLU C 121 -4.88 -32.49 0.94
CA GLU C 121 -6.14 -32.99 1.50
C GLU C 121 -6.79 -33.95 0.52
N GLU C 122 -6.63 -33.75 -0.79
CA GLU C 122 -7.26 -34.71 -1.72
C GLU C 122 -6.75 -36.15 -1.51
N ILE C 123 -5.44 -36.30 -1.35
CA ILE C 123 -4.86 -37.60 -1.05
C ILE C 123 -5.23 -37.96 0.39
N ASN C 124 -5.14 -36.99 1.32
CA ASN C 124 -5.60 -37.25 2.71
C ASN C 124 -6.96 -37.94 2.73
N TYR C 125 -7.84 -37.57 1.79
CA TYR C 125 -9.20 -38.05 1.75
C TYR C 125 -9.35 -39.41 1.16
N MET C 126 -8.55 -39.73 0.15
CA MET C 126 -8.78 -40.97 -0.55
C MET C 126 -7.85 -42.12 -0.18
N LYS C 127 -6.70 -41.81 0.44
CA LYS C 127 -5.85 -42.87 1.02
C LYS C 127 -5.49 -42.64 2.49
N ARG C 128 -4.86 -41.52 2.85
CA ARG C 128 -4.19 -41.52 4.16
C ARG C 128 -4.96 -41.30 5.47
N MET C 129 -6.07 -40.56 5.46
CA MET C 129 -6.87 -40.39 6.69
C MET C 129 -7.51 -41.70 7.10
N GLY C 130 -7.97 -42.49 6.13
CA GLY C 130 -8.51 -43.84 6.39
C GLY C 130 -10.01 -43.86 6.37
N LYS C 131 -10.57 -45.05 6.13
CA LYS C 131 -12.00 -45.29 5.99
C LYS C 131 -12.80 -44.71 7.15
N ARG C 132 -12.36 -44.97 8.37
CA ARG C 132 -13.08 -44.57 9.57
C ARG C 132 -13.07 -43.04 9.77
N TRP C 133 -11.90 -42.43 9.58
CA TRP C 133 -11.77 -40.99 9.70
C TRP C 133 -12.70 -40.33 8.67
N VAL C 134 -12.56 -40.69 7.40
CA VAL C 134 -13.48 -40.16 6.39
C VAL C 134 -14.99 -40.31 6.76
N THR C 135 -15.45 -41.54 7.06
CA THR C 135 -16.82 -41.80 7.60
C THR C 135 -17.29 -40.81 8.71
N ASP C 136 -16.49 -40.64 9.78
CA ASP C 136 -16.76 -39.67 10.89
C ASP C 136 -16.92 -38.16 10.49
N LEU C 137 -16.32 -37.79 9.34
CA LEU C 137 -16.44 -36.47 8.69
C LEU C 137 -17.63 -36.26 7.70
N LYS C 138 -18.21 -37.36 7.16
CA LYS C 138 -19.32 -37.30 6.18
C LYS C 138 -20.39 -36.27 6.55
N LYS C 139 -20.89 -36.43 7.78
CA LYS C 139 -21.72 -35.49 8.53
C LYS C 139 -21.46 -33.99 8.25
N LEU C 140 -20.19 -33.56 8.29
CA LEU C 140 -19.85 -32.14 8.32
C LEU C 140 -19.57 -31.61 6.90
N ARG C 141 -19.72 -32.53 5.94
CA ARG C 141 -19.77 -32.23 4.50
C ARG C 141 -18.51 -31.62 3.88
N THR C 142 -17.36 -31.82 4.53
CA THR C 142 -16.11 -31.28 4.02
C THR C 142 -15.42 -32.24 3.07
N ASN C 143 -14.68 -31.67 2.15
CA ASN C 143 -13.81 -32.41 1.25
C ASN C 143 -12.52 -31.60 0.98
N TRP C 144 -11.81 -31.89 -0.09
CA TRP C 144 -10.55 -31.16 -0.26
C TRP C 144 -10.64 -29.78 -0.89
N ILE C 145 -11.79 -29.42 -1.46
CA ILE C 145 -11.98 -28.07 -1.98
C ILE C 145 -12.13 -27.08 -0.81
N LYS C 146 -11.21 -26.11 -0.74
CA LYS C 146 -11.10 -25.18 0.37
C LYS C 146 -11.10 -23.75 -0.15
N GLU C 147 -12.29 -23.25 -0.39
CA GLU C 147 -12.45 -22.00 -1.08
C GLU C 147 -12.15 -20.83 -0.14
N TYR C 148 -12.38 -21.03 1.14
CA TYR C 148 -12.14 -19.96 2.10
C TYR C 148 -10.64 -19.55 2.14
N LEU C 149 -9.76 -20.36 1.56
CA LEU C 149 -8.34 -20.11 1.60
C LEU C 149 -8.00 -19.04 0.60
N ASP C 150 -8.81 -18.98 -0.48
CA ASP C 150 -8.80 -17.91 -1.47
C ASP C 150 -9.69 -16.75 -1.02
N THR C 151 -10.97 -16.97 -0.70
CA THR C 151 -11.84 -15.83 -0.32
C THR C 151 -11.46 -15.12 1.00
N ALA C 152 -11.02 -15.83 2.01
CA ALA C 152 -10.80 -15.14 3.28
C ALA C 152 -9.76 -13.97 3.15
N PRO C 153 -9.99 -12.85 3.88
CA PRO C 153 -9.10 -11.76 3.71
C PRO C 153 -7.77 -11.96 4.42
N VAL C 154 -7.71 -12.87 5.35
CA VAL C 154 -6.51 -13.07 6.19
C VAL C 154 -6.37 -14.57 6.51
N LEU C 155 -5.17 -15.08 6.41
CA LEU C 155 -4.98 -16.41 6.94
C LEU C 155 -4.03 -16.26 8.11
N ILE C 156 -4.27 -17.03 9.17
CA ILE C 156 -3.37 -17.09 10.30
C ILE C 156 -2.84 -18.50 10.41
N LEU C 157 -1.56 -18.65 10.18
CA LEU C 157 -0.89 -19.89 10.50
C LEU C 157 -0.17 -19.77 11.84
N ILE C 158 -0.39 -20.81 12.65
CA ILE C 158 0.19 -20.87 13.96
C ILE C 158 1.17 -22.01 13.94
N PHE C 159 2.43 -21.65 14.12
CA PHE C 159 3.46 -22.63 14.23
C PHE C 159 3.91 -22.65 15.68
N LYS C 160 4.01 -23.85 16.25
CA LYS C 160 4.77 -24.04 17.49
C LYS C 160 6.23 -24.10 17.15
N GLN C 161 7.07 -23.44 17.97
CA GLN C 161 8.51 -23.59 17.88
C GLN C 161 8.87 -24.77 18.77
N VAL C 162 9.34 -25.87 18.17
CA VAL C 162 9.59 -27.09 18.95
C VAL C 162 10.87 -26.98 19.78
N HIS C 163 11.73 -26.06 19.38
CA HIS C 163 12.78 -25.58 20.29
C HIS C 163 13.02 -24.15 19.93
N GLY C 164 13.80 -23.44 20.74
CA GLY C 164 14.06 -22.02 20.52
C GLY C 164 15.51 -21.70 20.69
N PHE C 165 15.86 -20.44 20.49
CA PHE C 165 17.27 -20.01 20.62
C PHE C 165 17.42 -18.83 21.53
N ALA C 166 18.34 -18.96 22.48
CA ALA C 166 18.72 -17.85 23.37
C ALA C 166 19.05 -16.51 22.65
N ALA C 167 20.28 -16.26 22.26
CA ALA C 167 20.68 -14.88 21.87
C ALA C 167 22.12 -15.01 21.64
N ASN C 168 22.69 -15.80 22.56
CA ASN C 168 23.97 -16.45 22.41
C ASN C 168 23.93 -17.63 21.43
N GLY C 169 22.76 -17.83 20.81
CA GLY C 169 22.58 -18.86 19.78
C GLY C 169 22.55 -20.31 20.24
N LYS C 170 22.63 -20.48 21.57
CA LYS C 170 22.44 -21.74 22.28
C LYS C 170 20.96 -22.15 22.18
N LYS C 171 20.72 -23.43 21.92
CA LYS C 171 19.38 -24.01 22.01
C LYS C 171 18.70 -23.82 23.39
N LYS C 172 17.44 -23.42 23.34
CA LYS C 172 16.54 -23.18 24.47
C LYS C 172 15.49 -24.32 24.35
N VAL C 173 15.28 -25.13 25.39
CA VAL C 173 14.27 -26.24 25.36
C VAL C 173 12.88 -25.68 25.55
N HIS C 174 11.90 -26.19 24.81
CA HIS C 174 10.53 -25.66 24.86
C HIS C 174 9.49 -26.61 25.40
N TYR C 175 9.52 -26.81 26.72
CA TYR C 175 8.59 -27.68 27.48
C TYR C 175 7.13 -27.53 27.06
N TYR C 176 6.46 -28.65 26.75
CA TYR C 176 5.03 -28.69 26.39
C TYR C 176 4.67 -27.57 25.44
N ASN C 177 5.44 -27.48 24.35
CA ASN C 177 5.26 -26.41 23.42
C ASN C 177 3.89 -26.61 22.84
N GLU C 178 3.58 -27.85 22.42
CA GLU C 178 2.32 -28.08 21.74
C GLU C 178 1.13 -27.68 22.61
N ILE C 179 1.13 -28.13 23.83
CA ILE C 179 0.06 -27.72 24.69
C ILE C 179 -0.01 -26.19 24.86
N SER C 180 1.14 -25.55 25.05
CA SER C 180 1.17 -24.11 25.29
C SER C 180 0.57 -23.33 24.12
N VAL C 181 0.95 -23.76 22.92
CA VAL C 181 0.65 -23.02 21.72
C VAL C 181 -0.82 -23.24 21.42
N SER C 182 -1.30 -24.40 21.83
CA SER C 182 -2.71 -24.73 21.77
C SER C 182 -3.55 -23.95 22.77
N ILE C 183 -3.07 -23.80 24.00
CA ILE C 183 -3.69 -22.82 24.89
C ILE C 183 -3.88 -21.44 24.19
N ALA C 184 -2.83 -20.96 23.50
CA ALA C 184 -2.79 -19.59 22.95
C ALA C 184 -3.78 -19.49 21.81
N CYS C 185 -3.86 -20.61 21.16
CA CYS C 185 -4.64 -20.73 20.01
C CYS C 185 -6.09 -20.76 20.51
N GLY C 186 -6.32 -21.39 21.64
CA GLY C 186 -7.58 -21.13 22.41
C GLY C 186 -7.87 -19.64 22.62
N LEU C 187 -6.94 -18.93 23.24
CA LEU C 187 -7.16 -17.49 23.55
C LEU C 187 -7.52 -16.70 22.32
N LEU C 188 -6.88 -17.07 21.20
CA LEU C 188 -7.07 -16.45 19.90
C LEU C 188 -8.49 -16.64 19.41
N LEU C 189 -9.03 -17.86 19.48
CA LEU C 189 -10.43 -18.08 19.11
C LEU C 189 -11.41 -17.32 20.00
N ALA C 190 -11.11 -17.20 21.29
CA ALA C 190 -11.88 -16.32 22.15
C ALA C 190 -11.87 -14.90 21.63
N ALA C 191 -10.68 -14.41 21.33
CA ALA C 191 -10.49 -13.02 20.94
C ALA C 191 -11.15 -12.70 19.60
N LEU C 192 -11.10 -13.66 18.66
CA LEU C 192 -11.77 -13.57 17.37
C LEU C 192 -13.26 -13.53 17.55
N GLN C 193 -13.77 -14.38 18.44
CA GLN C 193 -15.19 -14.28 18.78
C GLN C 193 -15.44 -12.92 19.46
N ASN C 194 -14.63 -12.56 20.42
CA ASN C 194 -14.89 -11.27 21.09
C ASN C 194 -14.95 -10.09 20.16
N ALA C 195 -14.35 -10.23 18.96
CA ALA C 195 -14.24 -9.08 18.05
C ALA C 195 -15.34 -9.05 17.01
N GLY C 196 -16.13 -10.11 16.95
CA GLY C 196 -17.16 -10.22 15.94
C GLY C 196 -16.64 -10.75 14.63
N LEU C 197 -15.66 -11.64 14.70
CA LEU C 197 -15.15 -12.34 13.51
C LEU C 197 -15.32 -13.85 13.65
N VAL C 198 -15.25 -14.55 12.52
CA VAL C 198 -15.39 -15.99 12.56
C VAL C 198 -14.19 -16.67 11.90
N THR C 199 -13.96 -17.92 12.23
CA THR C 199 -12.93 -18.74 11.56
C THR C 199 -13.26 -20.24 11.53
N VAL C 200 -12.33 -21.07 11.05
CA VAL C 200 -12.44 -22.48 11.40
C VAL C 200 -11.06 -23.05 11.71
N THR C 201 -10.90 -23.49 12.97
CA THR C 201 -9.67 -24.13 13.36
C THR C 201 -9.45 -25.27 12.40
N THR C 202 -8.38 -25.22 11.60
CA THR C 202 -8.06 -26.38 10.75
C THR C 202 -6.67 -26.93 10.92
N THR C 203 -6.56 -28.21 10.66
CA THR C 203 -5.33 -28.92 10.76
C THR C 203 -5.09 -29.53 9.37
N PRO C 204 -4.34 -28.81 8.52
CA PRO C 204 -4.02 -29.38 7.20
C PRO C 204 -2.99 -30.49 7.35
N LEU C 205 -3.48 -31.70 7.61
CA LEU C 205 -2.63 -32.87 7.62
C LEU C 205 -1.66 -32.93 6.41
N ASN C 206 -0.41 -33.29 6.69
CA ASN C 206 0.65 -33.44 5.71
C ASN C 206 1.09 -32.20 5.00
N CYS C 207 0.70 -31.06 5.53
CA CYS C 207 1.00 -29.83 4.84
C CYS C 207 2.01 -28.96 5.52
N GLY C 208 2.36 -29.34 6.75
CA GLY C 208 3.38 -28.68 7.53
C GLY C 208 4.59 -28.38 6.68
N PRO C 209 5.35 -29.41 6.37
CA PRO C 209 6.64 -29.18 5.66
C PRO C 209 6.55 -28.34 4.34
N ARG C 210 5.56 -28.56 3.47
CA ARG C 210 5.45 -27.69 2.30
C ARG C 210 5.07 -26.24 2.61
N LEU C 211 4.24 -26.03 3.64
CA LEU C 211 3.89 -24.66 4.03
C LEU C 211 5.00 -23.87 4.76
N ARG C 212 5.81 -24.57 5.55
CA ARG C 212 6.95 -23.94 6.17
C ARG C 212 7.77 -23.27 5.10
N VAL C 213 8.19 -24.07 4.12
CA VAL C 213 9.10 -23.61 3.08
C VAL C 213 8.48 -22.49 2.30
N LEU C 214 7.25 -22.68 1.82
CA LEU C 214 6.55 -21.63 1.09
C LEU C 214 6.59 -20.30 1.83
N LEU C 215 6.50 -20.35 3.15
CA LEU C 215 6.49 -19.15 3.94
C LEU C 215 7.85 -18.72 4.53
N GLY C 216 8.89 -19.52 4.28
CA GLY C 216 10.26 -19.20 4.74
C GLY C 216 10.48 -19.30 6.26
N ARG C 217 9.83 -20.25 6.92
CA ARG C 217 9.98 -20.41 8.37
C ARG C 217 11.13 -21.34 8.63
N PRO C 218 11.73 -21.28 9.82
CA PRO C 218 12.89 -22.13 10.14
C PRO C 218 12.58 -23.59 10.56
N SER C 219 13.54 -24.47 10.38
CA SER C 219 13.48 -25.86 10.86
C SER C 219 12.70 -26.10 12.14
N HIS C 220 13.03 -25.35 13.18
CA HIS C 220 12.41 -25.60 14.47
C HIS C 220 10.93 -25.24 14.57
N GLU C 221 10.34 -24.72 13.49
CA GLU C 221 8.94 -24.36 13.47
C GLU C 221 8.09 -25.37 12.68
N LYS C 222 6.98 -25.77 13.31
CA LYS C 222 5.98 -26.67 12.68
C LYS C 222 4.60 -26.09 12.84
N LEU C 223 3.89 -26.14 11.71
CA LEU C 223 2.51 -25.75 11.62
C LEU C 223 1.64 -26.60 12.57
N LEU C 224 0.87 -25.91 13.42
CA LEU C 224 -0.10 -26.52 14.30
C LEU C 224 -1.46 -26.44 13.62
N VAL C 225 -2.07 -25.24 13.63
CA VAL C 225 -3.38 -25.00 13.02
C VAL C 225 -3.33 -23.86 12.04
N LEU C 226 -4.28 -23.85 11.11
CA LEU C 226 -4.44 -22.79 10.10
C LEU C 226 -5.85 -22.23 10.24
N LEU C 227 -5.97 -20.94 10.49
CA LEU C 227 -7.27 -20.37 10.68
C LEU C 227 -7.57 -19.36 9.57
N PRO C 228 -8.54 -19.66 8.69
CA PRO C 228 -8.98 -18.55 7.79
C PRO C 228 -9.84 -17.61 8.58
N VAL C 229 -9.54 -16.31 8.54
CA VAL C 229 -10.32 -15.33 9.32
C VAL C 229 -11.09 -14.36 8.40
N GLY C 230 -12.34 -14.00 8.75
CA GLY C 230 -13.06 -12.85 8.20
C GLY C 230 -14.47 -12.65 8.78
N TYR C 231 -15.38 -12.12 7.96
CA TYR C 231 -16.80 -12.15 8.23
C TYR C 231 -17.39 -13.38 7.55
N PRO C 232 -18.57 -13.86 8.03
CA PRO C 232 -19.20 -15.00 7.34
C PRO C 232 -19.66 -14.57 5.99
N SER C 233 -19.56 -15.47 5.05
CA SER C 233 -20.15 -15.31 3.73
C SER C 233 -21.67 -15.12 3.90
N ARG C 234 -22.34 -14.54 2.92
CA ARG C 234 -23.79 -14.32 3.04
C ARG C 234 -24.62 -15.61 2.98
N ASP C 235 -23.96 -16.72 2.69
CA ASP C 235 -24.58 -17.99 2.55
C ASP C 235 -23.80 -18.97 3.42
N ALA C 236 -23.17 -18.50 4.48
CA ALA C 236 -22.54 -19.39 5.44
C ALA C 236 -23.54 -20.42 6.01
N THR C 237 -23.19 -21.69 5.94
CA THR C 237 -23.92 -22.63 6.73
C THR C 237 -23.03 -23.22 7.83
N VAL C 238 -23.64 -23.65 8.93
CA VAL C 238 -23.01 -24.52 9.91
C VAL C 238 -23.86 -25.78 10.02
N PRO C 239 -23.21 -26.93 10.28
CA PRO C 239 -23.96 -28.12 10.68
C PRO C 239 -24.75 -27.85 11.96
N ASP C 240 -25.92 -28.45 12.10
CA ASP C 240 -26.67 -28.32 13.32
C ASP C 240 -26.19 -29.35 14.36
N LEU C 241 -25.30 -28.92 15.25
CA LEU C 241 -24.75 -29.81 16.23
C LEU C 241 -24.98 -29.22 17.58
N LYS C 242 -25.00 -30.09 18.59
CA LYS C 242 -25.19 -29.58 19.94
C LYS C 242 -24.00 -29.75 20.84
N ARG C 243 -23.98 -28.96 21.90
CA ARG C 243 -22.90 -29.07 22.87
C ARG C 243 -23.41 -29.91 23.96
N LYS C 244 -22.48 -30.65 24.59
CA LYS C 244 -22.79 -31.42 25.80
C LYS C 244 -23.41 -30.53 26.94
N ALA C 245 -24.31 -31.06 27.73
CA ALA C 245 -24.76 -30.27 28.88
C ALA C 245 -23.61 -30.26 29.90
N LEU C 246 -23.63 -29.30 30.84
CA LEU C 246 -22.59 -29.23 31.86
C LEU C 246 -22.25 -30.59 32.51
N ASP C 247 -23.27 -31.34 32.91
CA ASP C 247 -22.97 -32.54 33.66
C ASP C 247 -22.39 -33.69 32.81
N GLN C 248 -22.31 -33.53 31.49
CA GLN C 248 -21.67 -34.57 30.68
C GLN C 248 -20.18 -34.21 30.49
N ILE C 249 -19.78 -33.04 30.99
CA ILE C 249 -18.40 -32.54 30.86
C ILE C 249 -17.78 -32.21 32.21
N MET C 250 -18.59 -31.96 33.24
CA MET C 250 -18.09 -31.68 34.61
C MET C 250 -18.46 -32.69 35.73
N VAL C 251 -17.53 -32.94 36.63
CA VAL C 251 -17.71 -33.94 37.66
C VAL C 251 -17.19 -33.33 38.95
N THR C 252 -18.07 -33.08 39.91
CA THR C 252 -17.65 -32.69 41.24
C THR C 252 -17.38 -33.94 42.04
N VAL C 253 -16.33 -33.89 42.87
CA VAL C 253 -15.92 -35.06 43.63
C VAL C 253 -15.72 -34.82 45.14
N HIS C 254 -16.22 -35.81 45.90
CA HIS C 254 -15.61 -36.33 47.16
C HIS C 254 -15.03 -37.72 46.82
N VAL D 35 -26.72 -35.33 9.68
CA VAL D 35 -27.12 -34.05 10.35
C VAL D 35 -27.33 -32.98 9.32
N GLU D 36 -28.27 -32.10 9.66
CA GLU D 36 -28.70 -30.94 8.90
C GLU D 36 -27.69 -29.82 8.87
N HIS D 37 -27.56 -29.14 7.74
CA HIS D 37 -26.75 -27.94 7.65
C HIS D 37 -27.67 -26.74 7.52
N ILE D 38 -27.57 -25.82 8.47
CA ILE D 38 -28.49 -24.69 8.56
C ILE D 38 -27.77 -23.35 8.33
N PRO D 39 -28.50 -22.29 7.97
CA PRO D 39 -27.80 -21.03 7.65
C PRO D 39 -27.19 -20.43 8.90
N PHE D 40 -26.02 -19.82 8.78
CA PHE D 40 -25.36 -19.26 9.94
C PHE D 40 -25.68 -17.79 10.08
N SER D 41 -26.20 -17.40 11.24
CA SER D 41 -26.44 -15.97 11.51
C SER D 41 -25.38 -15.51 12.48
N HIS D 42 -24.86 -14.35 12.20
CA HIS D 42 -23.81 -13.82 13.00
C HIS D 42 -24.16 -12.37 13.32
N THR D 43 -23.56 -11.80 14.35
CA THR D 43 -23.74 -10.36 14.53
C THR D 43 -22.44 -9.56 14.44
N ARG D 44 -22.48 -8.45 13.72
CA ARG D 44 -21.33 -7.65 13.39
C ARG D 44 -21.27 -6.35 14.17
N TYR D 45 -20.09 -5.91 14.55
CA TYR D 45 -19.97 -4.54 15.10
C TYR D 45 -19.35 -3.66 14.02
N PRO D 46 -19.68 -2.36 14.02
CA PRO D 46 -18.88 -1.45 13.19
C PRO D 46 -17.41 -1.56 13.57
N GLU D 47 -16.53 -1.48 12.56
CA GLU D 47 -15.08 -1.53 12.73
C GLU D 47 -14.55 -0.82 13.97
N GLN D 48 -15.04 0.39 14.21
CA GLN D 48 -14.58 1.17 15.36
C GLN D 48 -14.76 0.40 16.67
N GLU D 49 -15.92 -0.24 16.79
CA GLU D 49 -16.25 -0.97 17.99
C GLU D 49 -15.48 -2.27 18.03
N MET D 50 -15.30 -2.88 16.86
CA MET D 50 -14.41 -4.01 16.70
C MET D 50 -12.99 -3.71 17.25
N ARG D 51 -12.52 -2.48 16.99
CA ARG D 51 -11.27 -1.96 17.58
C ARG D 51 -11.45 -1.75 19.07
N MET D 52 -12.53 -1.12 19.52
CA MET D 52 -12.68 -0.93 21.00
C MET D 52 -12.49 -2.30 21.70
N ARG D 53 -13.12 -3.34 21.14
CA ARG D 53 -13.35 -4.57 21.86
C ARG D 53 -12.11 -5.44 21.91
N SER D 54 -11.41 -5.51 20.79
CA SER D 54 -10.14 -6.24 20.74
C SER D 54 -9.10 -5.57 21.65
N GLN D 55 -8.92 -4.27 21.52
CA GLN D 55 -8.09 -3.54 22.48
C GLN D 55 -8.49 -3.79 23.93
N GLU D 56 -9.78 -3.73 24.27
CA GLU D 56 -10.28 -3.92 25.64
C GLU D 56 -9.99 -5.32 26.22
N PHE D 57 -10.28 -6.36 25.43
CA PHE D 57 -10.11 -7.74 25.79
C PHE D 57 -8.63 -8.06 25.98
N TYR D 58 -7.81 -7.60 25.04
CA TYR D 58 -6.35 -7.76 25.14
C TYR D 58 -5.84 -7.27 26.49
N GLU D 59 -6.29 -6.08 26.90
CA GLU D 59 -5.97 -5.45 28.20
C GLU D 59 -6.25 -6.42 29.35
N LEU D 60 -7.46 -6.98 29.28
CA LEU D 60 -8.02 -7.82 30.29
C LEU D 60 -7.20 -9.08 30.35
N LEU D 61 -6.88 -9.66 29.20
CA LEU D 61 -6.15 -10.93 29.17
C LEU D 61 -4.73 -10.74 29.58
N ASN D 62 -4.16 -9.59 29.25
CA ASN D 62 -2.80 -9.27 29.60
C ASN D 62 -2.52 -9.04 31.09
N LYS D 63 -3.55 -8.74 31.86
CA LYS D 63 -3.37 -8.67 33.31
C LYS D 63 -3.35 -10.06 33.96
N ARG D 64 -3.65 -11.12 33.19
CA ARG D 64 -3.57 -12.47 33.76
C ARG D 64 -2.12 -12.87 34.11
N ARG D 65 -1.92 -13.30 35.36
CA ARG D 65 -0.69 -13.98 35.70
C ARG D 65 -1.01 -15.32 36.33
N SER D 66 -0.21 -16.34 35.98
CA SER D 66 -0.14 -17.58 36.75
C SER D 66 0.23 -17.22 38.16
N VAL D 67 -0.60 -17.64 39.13
CA VAL D 67 -0.44 -17.29 40.54
C VAL D 67 -0.32 -18.54 41.36
N ARG D 68 0.80 -18.64 42.06
CA ARG D 68 1.06 -19.78 42.92
C ARG D 68 0.75 -19.61 44.44
N PHE D 69 -0.05 -18.61 44.81
CA PHE D 69 -0.37 -18.30 46.22
C PHE D 69 -1.84 -17.95 46.33
N ILE D 70 -2.62 -18.91 46.84
CA ILE D 70 -4.06 -18.87 46.68
C ILE D 70 -4.83 -18.84 48.00
N SER D 71 -5.60 -17.79 48.22
CA SER D 71 -6.32 -17.69 49.49
C SER D 71 -7.35 -18.81 49.63
N SER D 72 -7.57 -19.24 50.88
CA SER D 72 -8.43 -20.36 51.19
C SER D 72 -9.91 -20.00 51.10
N GLU D 73 -10.20 -18.69 51.04
CA GLU D 73 -11.56 -18.14 50.96
C GLU D 73 -12.45 -18.70 49.86
N HIS D 74 -13.70 -19.01 50.26
CA HIS D 74 -14.73 -19.63 49.39
C HIS D 74 -14.94 -18.89 48.07
N VAL D 75 -15.13 -19.65 47.00
CA VAL D 75 -15.50 -19.06 45.70
C VAL D 75 -16.91 -19.51 45.34
N PRO D 76 -17.65 -18.62 44.67
CA PRO D 76 -19.02 -18.93 44.24
C PRO D 76 -19.05 -19.98 43.14
N MET D 77 -19.77 -21.06 43.40
CA MET D 77 -19.71 -22.23 42.58
C MET D 77 -20.44 -21.97 41.27
N GLU D 78 -21.52 -21.20 41.30
CA GLU D 78 -22.21 -20.86 40.05
C GLU D 78 -21.19 -20.29 39.06
N VAL D 79 -20.08 -19.73 39.58
CA VAL D 79 -19.00 -19.11 38.76
C VAL D 79 -18.01 -20.14 38.23
N ILE D 80 -17.68 -21.14 39.02
CA ILE D 80 -16.80 -22.21 38.57
C ILE D 80 -17.57 -22.97 37.50
N GLU D 81 -18.86 -23.20 37.75
CA GLU D 81 -19.74 -23.71 36.71
C GLU D 81 -19.64 -22.87 35.44
N ASN D 82 -19.98 -21.59 35.53
CA ASN D 82 -19.92 -20.76 34.31
C ASN D 82 -18.65 -20.85 33.48
N VAL D 83 -17.49 -21.06 34.12
CA VAL D 83 -16.23 -20.99 33.37
C VAL D 83 -15.98 -22.33 32.69
N ILE D 84 -16.54 -23.37 33.27
CA ILE D 84 -16.37 -24.68 32.72
C ILE D 84 -17.32 -24.83 31.55
N LYS D 85 -18.50 -24.21 31.64
CA LYS D 85 -19.39 -24.14 30.46
C LYS D 85 -18.67 -23.49 29.27
N ALA D 86 -18.03 -22.33 29.53
CA ALA D 86 -17.16 -21.66 28.57
C ALA D 86 -16.17 -22.63 27.94
N ALA D 87 -15.40 -23.28 28.80
CA ALA D 87 -14.39 -24.20 28.37
C ALA D 87 -14.99 -25.16 27.34
N GLY D 88 -16.22 -25.63 27.53
CA GLY D 88 -16.77 -26.62 26.62
C GLY D 88 -17.38 -26.03 25.37
N THR D 89 -17.13 -24.74 25.11
CA THR D 89 -17.71 -24.10 23.89
C THR D 89 -16.63 -24.07 22.89
N ALA D 90 -15.52 -24.68 23.26
CA ALA D 90 -14.34 -24.85 22.41
C ALA D 90 -14.64 -25.74 21.19
N PRO D 91 -13.87 -25.58 20.07
CA PRO D 91 -14.03 -26.57 19.00
C PRO D 91 -13.31 -27.83 19.37
N SER D 92 -13.49 -28.88 18.59
CA SER D 92 -12.83 -30.17 18.79
C SER D 92 -12.79 -30.95 17.45
N GLY D 93 -11.73 -31.72 17.22
CA GLY D 93 -11.60 -32.50 16.01
C GLY D 93 -12.82 -33.41 15.82
N ALA D 94 -13.40 -33.32 14.62
CA ALA D 94 -14.68 -33.99 14.26
C ALA D 94 -15.77 -33.87 15.30
N HIS D 95 -15.79 -32.76 16.04
CA HIS D 95 -16.88 -32.53 17.04
C HIS D 95 -17.01 -33.68 18.02
N THR D 96 -15.96 -33.91 18.83
CA THR D 96 -15.90 -35.11 19.65
C THR D 96 -15.88 -34.69 21.09
N GLU D 97 -15.59 -33.43 21.34
CA GLU D 97 -15.64 -32.86 22.71
C GLU D 97 -14.96 -33.76 23.77
N PRO D 98 -13.66 -34.02 23.61
CA PRO D 98 -13.02 -35.06 24.42
C PRO D 98 -12.39 -34.62 25.70
N TRP D 99 -13.15 -34.00 26.57
CA TRP D 99 -12.60 -33.45 27.82
C TRP D 99 -13.47 -33.65 29.07
N THR D 100 -12.88 -33.83 30.25
CA THR D 100 -13.61 -33.96 31.48
C THR D 100 -13.00 -33.02 32.46
N PHE D 101 -13.86 -32.28 33.14
CA PHE D 101 -13.44 -31.29 34.09
C PHE D 101 -13.76 -31.79 35.49
N VAL D 102 -12.73 -32.20 36.22
CA VAL D 102 -12.87 -32.75 37.53
C VAL D 102 -12.58 -31.65 38.54
N VAL D 103 -13.66 -31.19 39.16
CA VAL D 103 -13.63 -30.23 40.26
C VAL D 103 -13.46 -30.94 41.62
N VAL D 104 -12.72 -30.34 42.54
CA VAL D 104 -12.51 -31.00 43.81
C VAL D 104 -12.41 -29.93 44.90
N LYS D 105 -13.49 -29.81 45.67
CA LYS D 105 -13.61 -28.82 46.75
C LYS D 105 -13.20 -29.45 48.08
N ASP D 106 -13.46 -30.75 48.24
CA ASP D 106 -13.20 -31.45 49.52
C ASP D 106 -11.72 -31.50 49.98
N PRO D 107 -11.45 -30.97 51.19
CA PRO D 107 -10.14 -30.84 51.80
C PRO D 107 -9.32 -32.13 51.87
N ASP D 108 -9.95 -33.22 52.31
CA ASP D 108 -9.26 -34.51 52.43
C ASP D 108 -8.84 -35.02 51.05
N MET D 109 -9.58 -34.69 50.02
CA MET D 109 -9.20 -35.12 48.69
C MET D 109 -8.22 -34.10 48.10
N LYS D 110 -8.39 -32.84 48.46
CA LYS D 110 -7.40 -31.87 48.03
C LYS D 110 -6.08 -32.32 48.63
N HIS D 111 -6.09 -32.68 49.90
CA HIS D 111 -4.90 -33.20 50.53
C HIS D 111 -4.34 -34.54 49.96
N LYS D 112 -5.17 -35.48 49.54
CA LYS D 112 -4.62 -36.76 49.03
C LYS D 112 -3.87 -36.49 47.74
N ILE D 113 -4.32 -35.47 47.06
CA ILE D 113 -3.74 -35.09 45.82
C ILE D 113 -2.39 -34.43 46.07
N ARG D 114 -2.34 -33.55 47.06
CA ARG D 114 -1.13 -32.82 47.37
C ARG D 114 -0.01 -33.75 47.77
N GLU D 115 -0.32 -34.71 48.65
CA GLU D 115 0.65 -35.74 49.02
C GLU D 115 1.23 -36.48 47.85
N ILE D 116 0.37 -36.84 46.88
CA ILE D 116 0.77 -37.58 45.66
C ILE D 116 1.70 -36.76 44.77
N ILE D 117 1.32 -35.50 44.58
CA ILE D 117 2.06 -34.60 43.70
C ILE D 117 3.40 -34.16 44.30
N GLU D 118 3.40 -33.65 45.52
CA GLU D 118 4.66 -33.45 46.27
C GLU D 118 5.60 -34.69 46.23
N GLU D 119 5.05 -35.88 46.38
CA GLU D 119 5.91 -37.05 46.34
C GLU D 119 6.48 -37.30 44.94
N GLU D 120 5.62 -37.17 43.95
CA GLU D 120 6.02 -37.46 42.59
C GLU D 120 6.97 -36.39 42.10
N GLU D 121 6.66 -35.15 42.46
CA GLU D 121 7.42 -34.00 42.01
C GLU D 121 8.83 -33.90 42.69
N GLU D 122 8.94 -34.39 43.92
CA GLU D 122 10.25 -34.46 44.53
C GLU D 122 11.20 -35.41 43.78
N ILE D 123 10.69 -36.54 43.30
CA ILE D 123 11.53 -37.39 42.45
C ILE D 123 11.83 -36.68 41.11
N ASN D 124 10.81 -36.03 40.53
CA ASN D 124 11.05 -35.37 39.27
C ASN D 124 12.16 -34.34 39.40
N TYR D 125 12.08 -33.47 40.41
CA TYR D 125 13.14 -32.50 40.69
C TYR D 125 14.51 -33.09 40.95
N MET D 126 14.55 -34.13 41.78
CA MET D 126 15.78 -34.82 42.19
C MET D 126 16.43 -35.68 41.12
N LYS D 127 15.66 -36.24 40.20
CA LYS D 127 16.22 -37.10 39.11
C LYS D 127 15.46 -37.02 37.80
N ARG D 128 14.13 -37.14 37.83
CA ARG D 128 13.37 -37.27 36.58
C ARG D 128 13.50 -36.19 35.51
N MET D 129 13.61 -34.92 35.90
CA MET D 129 13.44 -33.83 34.91
C MET D 129 14.74 -33.58 34.19
N GLY D 130 15.85 -33.78 34.89
CA GLY D 130 17.18 -33.53 34.34
C GLY D 130 17.73 -32.19 34.80
N LYS D 131 19.06 -32.07 34.72
CA LYS D 131 19.81 -30.91 35.23
C LYS D 131 19.31 -29.68 34.51
N ARG D 132 19.25 -29.75 33.17
CA ARG D 132 18.89 -28.61 32.34
C ARG D 132 17.53 -28.04 32.67
N TRP D 133 16.54 -28.90 32.59
CA TRP D 133 15.19 -28.57 33.00
C TRP D 133 15.08 -27.94 34.40
N VAL D 134 15.80 -28.50 35.36
CA VAL D 134 15.78 -28.00 36.74
C VAL D 134 16.40 -26.61 36.82
N THR D 135 17.48 -26.40 36.05
CA THR D 135 18.16 -25.12 35.85
C THR D 135 17.24 -24.10 35.22
N ASP D 136 16.50 -24.53 34.20
CA ASP D 136 15.72 -23.61 33.41
C ASP D 136 14.66 -23.03 34.33
N LEU D 137 14.39 -23.73 35.44
CA LEU D 137 13.27 -23.35 36.30
C LEU D 137 13.66 -22.48 37.47
N LYS D 138 14.98 -22.30 37.66
CA LYS D 138 15.49 -21.60 38.84
C LYS D 138 14.85 -20.21 39.01
N LYS D 139 14.94 -19.36 37.99
CA LYS D 139 14.40 -18.01 38.08
C LYS D 139 12.91 -17.91 38.53
N LEU D 140 12.13 -18.97 38.32
CA LEU D 140 10.73 -18.94 38.73
C LEU D 140 10.52 -19.39 40.16
N ARG D 141 11.56 -19.96 40.77
CA ARG D 141 11.55 -20.25 42.23
C ARG D 141 10.62 -21.41 42.69
N THR D 142 10.24 -22.30 41.77
CA THR D 142 9.35 -23.42 42.14
C THR D 142 10.16 -24.56 42.76
N ASN D 143 9.47 -25.43 43.52
CA ASN D 143 10.05 -26.67 44.10
C ASN D 143 8.91 -27.68 44.22
N TRP D 144 9.07 -28.74 44.98
CA TRP D 144 8.03 -29.75 45.08
C TRP D 144 6.96 -29.47 46.14
N ILE D 145 7.16 -28.46 47.01
CA ILE D 145 6.11 -28.14 47.95
C ILE D 145 5.03 -27.30 47.25
N LYS D 146 3.79 -27.77 47.32
CA LYS D 146 2.67 -27.20 46.61
C LYS D 146 1.50 -26.93 47.53
N GLU D 147 1.64 -25.91 48.39
CA GLU D 147 0.59 -25.50 49.34
C GLU D 147 -0.75 -25.09 48.72
N TYR D 148 -0.72 -24.48 47.55
CA TYR D 148 -1.95 -24.09 46.91
C TYR D 148 -2.86 -25.30 46.70
N LEU D 149 -2.32 -26.53 46.67
CA LEU D 149 -3.18 -27.71 46.57
C LEU D 149 -4.01 -27.91 47.84
N ASP D 150 -3.57 -27.36 48.97
CA ASP D 150 -4.41 -27.39 50.15
C ASP D 150 -5.18 -26.10 50.33
N THR D 151 -4.50 -24.96 50.27
CA THR D 151 -5.16 -23.66 50.53
C THR D 151 -6.27 -23.29 49.50
N ALA D 152 -6.07 -23.64 48.22
CA ALA D 152 -7.03 -23.31 47.16
C ALA D 152 -8.37 -23.92 47.44
N PRO D 153 -9.46 -23.13 47.30
CA PRO D 153 -10.80 -23.59 47.58
C PRO D 153 -11.19 -24.71 46.62
N VAL D 154 -10.66 -24.65 45.39
CA VAL D 154 -11.07 -25.52 44.28
C VAL D 154 -9.94 -25.87 43.31
N LEU D 155 -9.82 -27.16 43.05
CA LEU D 155 -8.91 -27.62 42.01
C LEU D 155 -9.70 -28.04 40.80
N ILE D 156 -9.27 -27.64 39.64
CA ILE D 156 -9.82 -28.26 38.46
C ILE D 156 -8.74 -29.06 37.78
N LEU D 157 -8.96 -30.36 37.70
CA LEU D 157 -8.10 -31.22 36.90
C LEU D 157 -8.76 -31.43 35.56
N ILE D 158 -8.06 -31.14 34.48
CA ILE D 158 -8.56 -31.47 33.13
C ILE D 158 -7.91 -32.71 32.62
N PHE D 159 -8.78 -33.64 32.22
CA PHE D 159 -8.44 -34.88 31.60
C PHE D 159 -8.85 -34.82 30.16
N LYS D 160 -8.01 -35.32 29.29
CA LYS D 160 -8.44 -35.60 27.93
C LYS D 160 -8.97 -37.03 27.84
N GLN D 161 -10.00 -37.21 27.05
CA GLN D 161 -10.44 -38.55 26.71
C GLN D 161 -9.72 -38.99 25.43
N VAL D 162 -8.68 -39.82 25.56
CA VAL D 162 -7.88 -40.23 24.39
C VAL D 162 -8.61 -41.01 23.36
N HIS D 163 -9.63 -41.75 23.77
CA HIS D 163 -10.67 -42.20 22.87
C HIS D 163 -11.97 -42.03 23.66
N GLY D 164 -13.10 -42.47 23.09
CA GLY D 164 -14.43 -42.37 23.70
C GLY D 164 -15.27 -43.58 23.38
N PHE D 165 -16.54 -43.55 23.78
CA PHE D 165 -17.42 -44.71 23.53
C PHE D 165 -18.76 -44.27 22.95
N ALA D 166 -19.28 -45.00 21.96
CA ALA D 166 -20.55 -44.62 21.35
C ALA D 166 -21.68 -45.09 22.27
N ALA D 167 -22.90 -44.61 22.01
CA ALA D 167 -24.16 -45.27 22.48
C ALA D 167 -24.08 -46.81 22.66
N ASN D 168 -23.79 -47.50 21.55
CA ASN D 168 -23.62 -48.95 21.47
C ASN D 168 -22.33 -49.57 22.03
N GLY D 169 -21.56 -48.84 22.87
CA GLY D 169 -20.28 -49.35 23.42
C GLY D 169 -19.04 -49.66 22.55
N LYS D 170 -19.08 -49.35 21.26
CA LYS D 170 -17.88 -49.50 20.42
C LYS D 170 -17.10 -48.16 20.46
N LYS D 171 -15.76 -48.27 20.37
CA LYS D 171 -14.82 -47.14 20.53
C LYS D 171 -14.95 -46.09 19.42
N LYS D 172 -14.85 -44.83 19.79
CA LYS D 172 -14.73 -43.78 18.78
C LYS D 172 -13.40 -43.02 18.91
N VAL D 173 -12.93 -42.50 17.80
CA VAL D 173 -11.61 -41.91 17.70
C VAL D 173 -11.78 -40.44 18.05
N HIS D 174 -10.89 -39.91 18.88
CA HIS D 174 -10.91 -38.49 19.21
C HIS D 174 -9.75 -37.77 18.52
N TYR D 175 -10.00 -37.34 17.30
CA TYR D 175 -8.99 -36.66 16.52
C TYR D 175 -8.36 -35.47 17.20
N TYR D 176 -7.01 -35.48 17.30
CA TYR D 176 -6.29 -34.33 17.87
C TYR D 176 -6.90 -33.91 19.22
N ASN D 177 -7.02 -34.89 20.12
CA ASN D 177 -7.74 -34.67 21.35
C ASN D 177 -6.94 -33.84 22.30
N GLU D 178 -5.61 -33.82 22.12
CA GLU D 178 -4.77 -33.05 23.01
C GLU D 178 -4.79 -31.57 22.67
N ILE D 179 -4.70 -31.29 21.37
CA ILE D 179 -4.90 -29.94 20.90
C ILE D 179 -6.27 -29.45 21.33
N SER D 180 -7.31 -30.22 21.02
CA SER D 180 -8.68 -29.78 21.33
C SER D 180 -8.87 -29.38 22.80
N VAL D 181 -8.41 -30.27 23.66
CA VAL D 181 -8.54 -30.03 25.05
C VAL D 181 -7.62 -28.87 25.51
N SER D 182 -6.49 -28.68 24.83
CA SER D 182 -5.62 -27.60 25.32
C SER D 182 -6.32 -26.28 25.05
N ILE D 183 -6.93 -26.18 23.87
CA ILE D 183 -7.71 -25.01 23.46
C ILE D 183 -8.83 -24.73 24.44
N ALA D 184 -9.54 -25.78 24.84
CA ALA D 184 -10.68 -25.61 25.72
C ALA D 184 -10.13 -24.98 26.97
N CYS D 185 -9.04 -25.54 27.38
CA CYS D 185 -8.30 -25.03 28.50
C CYS D 185 -7.87 -23.56 28.31
N GLY D 186 -7.54 -23.20 27.10
CA GLY D 186 -7.32 -21.81 26.81
C GLY D 186 -8.54 -20.96 27.11
N LEU D 187 -9.69 -21.35 26.56
CA LEU D 187 -10.94 -20.67 26.94
C LEU D 187 -11.16 -20.55 28.47
N LEU D 188 -10.71 -21.56 29.21
CA LEU D 188 -10.88 -21.64 30.61
C LEU D 188 -10.03 -20.60 31.36
N LEU D 189 -8.76 -20.47 31.00
CA LEU D 189 -7.97 -19.41 31.65
C LEU D 189 -8.59 -18.04 31.35
N ALA D 190 -9.08 -17.88 30.12
CA ALA D 190 -9.72 -16.60 29.81
C ALA D 190 -10.98 -16.36 30.64
N ALA D 191 -11.80 -17.40 30.81
CA ALA D 191 -13.05 -17.23 31.53
C ALA D 191 -12.73 -16.86 32.97
N LEU D 192 -11.84 -17.64 33.59
CA LEU D 192 -11.26 -17.38 34.90
C LEU D 192 -10.79 -15.95 35.12
N GLN D 193 -9.93 -15.46 34.21
CA GLN D 193 -9.52 -14.03 34.26
C GLN D 193 -10.72 -13.09 34.24
N ASN D 194 -11.62 -13.32 33.29
CA ASN D 194 -12.78 -12.51 33.11
C ASN D 194 -13.56 -12.53 34.42
N ALA D 195 -13.59 -13.69 35.04
CA ALA D 195 -14.49 -13.92 36.13
C ALA D 195 -13.95 -13.34 37.51
N GLY D 196 -12.71 -12.83 37.52
CA GLY D 196 -12.04 -12.35 38.71
C GLY D 196 -11.26 -13.43 39.48
N LEU D 197 -11.09 -14.62 38.91
CA LEU D 197 -10.34 -15.64 39.68
C LEU D 197 -8.95 -15.67 39.16
N VAL D 198 -8.05 -16.35 39.87
CA VAL D 198 -6.65 -16.65 39.44
C VAL D 198 -6.24 -18.11 39.57
N THR D 199 -5.22 -18.50 38.81
CA THR D 199 -4.75 -19.88 38.83
C THR D 199 -3.32 -20.06 38.32
N VAL D 200 -2.78 -21.26 38.38
CA VAL D 200 -1.52 -21.48 37.67
C VAL D 200 -1.69 -22.75 36.95
N THR D 201 -1.39 -22.75 35.66
CA THR D 201 -1.49 -23.98 34.82
C THR D 201 -0.39 -24.92 35.22
N THR D 202 -0.71 -26.07 35.80
CA THR D 202 0.37 -26.98 36.15
C THR D 202 0.34 -28.31 35.42
N THR D 203 1.49 -28.94 35.31
CA THR D 203 1.56 -30.25 34.68
C THR D 203 2.43 -31.11 35.56
N PRO D 204 1.78 -31.86 36.45
CA PRO D 204 2.46 -32.77 37.37
C PRO D 204 2.97 -34.03 36.68
N LEU D 205 4.19 -33.97 36.15
CA LEU D 205 4.79 -35.10 35.41
C LEU D 205 4.65 -36.37 36.26
N ASN D 206 4.34 -37.47 35.61
CA ASN D 206 4.18 -38.77 36.27
C ASN D 206 3.15 -38.82 37.44
N CYS D 207 2.28 -37.83 37.57
CA CYS D 207 1.20 -37.95 38.53
C CYS D 207 -0.07 -38.51 37.95
N GLY D 208 -0.07 -38.65 36.63
CA GLY D 208 -1.25 -39.08 35.87
C GLY D 208 -1.94 -40.30 36.42
N PRO D 209 -1.30 -41.47 36.26
CA PRO D 209 -1.93 -42.72 36.79
C PRO D 209 -2.43 -42.67 38.26
N ARG D 210 -1.74 -42.01 39.17
CA ARG D 210 -2.25 -42.05 40.56
C ARG D 210 -3.44 -41.11 40.79
N LEU D 211 -3.37 -39.96 40.17
CA LEU D 211 -4.50 -39.06 40.26
C LEU D 211 -5.74 -39.68 39.62
N ARG D 212 -5.58 -40.26 38.42
CA ARG D 212 -6.71 -40.90 37.70
C ARG D 212 -7.47 -41.90 38.60
N VAL D 213 -6.73 -42.78 39.28
CA VAL D 213 -7.28 -43.83 40.19
C VAL D 213 -7.89 -43.17 41.45
N LEU D 214 -7.20 -42.21 42.04
CA LEU D 214 -7.76 -41.52 43.19
C LEU D 214 -9.16 -40.98 42.91
N LEU D 215 -9.30 -40.37 41.74
CA LEU D 215 -10.53 -39.67 41.39
C LEU D 215 -11.50 -40.51 40.56
N GLY D 216 -11.28 -41.82 40.51
CA GLY D 216 -12.23 -42.75 39.95
C GLY D 216 -12.50 -42.60 38.46
N ARG D 217 -11.51 -42.11 37.73
CA ARG D 217 -11.69 -41.82 36.32
C ARG D 217 -11.51 -43.01 35.39
N PRO D 218 -12.28 -43.04 34.30
CA PRO D 218 -12.12 -44.13 33.32
C PRO D 218 -10.68 -44.31 32.85
N SER D 219 -10.39 -45.53 32.48
CA SER D 219 -9.11 -45.93 31.95
C SER D 219 -8.62 -45.12 30.73
N HIS D 220 -9.54 -44.65 29.88
CA HIS D 220 -9.16 -43.96 28.65
C HIS D 220 -8.92 -42.46 28.84
N GLU D 221 -8.94 -42.00 30.08
CA GLU D 221 -8.79 -40.57 30.39
C GLU D 221 -7.40 -40.24 30.98
N LYS D 222 -6.77 -39.17 30.51
CA LYS D 222 -5.39 -38.88 30.91
C LYS D 222 -5.36 -37.48 31.40
N LEU D 223 -4.80 -37.28 32.58
CA LEU D 223 -4.69 -35.94 33.15
C LEU D 223 -3.87 -35.10 32.24
N LEU D 224 -4.37 -33.92 31.92
CA LEU D 224 -3.57 -33.03 31.10
C LEU D 224 -2.97 -31.91 31.98
N VAL D 225 -3.79 -31.32 32.83
CA VAL D 225 -3.48 -30.06 33.43
C VAL D 225 -4.27 -29.90 34.79
N LEU D 226 -3.58 -29.43 35.82
CA LEU D 226 -4.29 -29.13 37.06
C LEU D 226 -4.31 -27.61 37.24
N LEU D 227 -5.50 -27.04 37.44
CA LEU D 227 -5.60 -25.61 37.82
C LEU D 227 -6.09 -25.50 39.22
N PRO D 228 -5.27 -25.00 40.13
CA PRO D 228 -5.81 -24.56 41.44
C PRO D 228 -6.44 -23.22 41.20
N VAL D 229 -7.70 -23.08 41.59
CA VAL D 229 -8.45 -21.84 41.36
C VAL D 229 -8.94 -21.19 42.66
N GLY D 230 -8.77 -19.88 42.80
CA GLY D 230 -9.31 -19.09 43.94
C GLY D 230 -8.99 -17.60 43.79
N TYR D 231 -9.02 -16.83 44.90
CA TYR D 231 -8.54 -15.44 44.89
C TYR D 231 -7.07 -15.49 45.20
N PRO D 232 -6.29 -14.46 44.84
CA PRO D 232 -4.91 -14.36 45.31
C PRO D 232 -4.79 -14.09 46.83
N SER D 233 -3.78 -14.70 47.44
CA SER D 233 -3.41 -14.47 48.82
C SER D 233 -3.11 -13.01 48.95
N ARG D 234 -3.35 -12.45 50.12
CA ARG D 234 -2.77 -11.15 50.42
C ARG D 234 -1.27 -11.09 50.02
N ASP D 235 -0.50 -12.10 50.46
CA ASP D 235 0.95 -12.17 50.25
C ASP D 235 1.44 -12.49 48.82
N ALA D 236 0.53 -12.76 47.87
CA ALA D 236 0.94 -13.34 46.59
C ALA D 236 2.02 -12.58 45.83
N THR D 237 3.04 -13.28 45.34
CA THR D 237 3.95 -12.65 44.38
C THR D 237 3.89 -13.29 42.98
N VAL D 238 4.53 -12.62 42.03
CA VAL D 238 4.72 -13.15 40.70
C VAL D 238 6.11 -12.80 40.21
N PRO D 239 6.70 -13.70 39.39
CA PRO D 239 7.91 -13.39 38.62
C PRO D 239 7.72 -12.20 37.62
N ASP D 240 8.52 -11.14 37.81
CA ASP D 240 8.59 -9.95 36.92
C ASP D 240 9.10 -10.31 35.52
N LEU D 241 8.34 -11.20 34.85
CA LEU D 241 8.56 -11.58 33.46
C LEU D 241 7.91 -10.59 32.48
N LYS D 242 8.28 -10.73 31.21
CA LYS D 242 8.01 -9.77 30.14
C LYS D 242 7.65 -10.55 28.88
N ARG D 243 6.52 -10.20 28.28
CA ARG D 243 6.01 -10.96 27.16
C ARG D 243 6.62 -10.42 25.91
N LYS D 244 6.88 -11.26 24.90
CA LYS D 244 7.37 -10.72 23.65
C LYS D 244 6.52 -9.53 23.07
N ALA D 245 7.20 -8.68 22.31
CA ALA D 245 6.56 -7.65 21.54
C ALA D 245 5.82 -8.33 20.40
N LEU D 246 4.68 -7.71 20.04
CA LEU D 246 3.85 -8.14 18.94
C LEU D 246 4.71 -8.65 17.78
N ASP D 247 5.73 -7.89 17.43
CA ASP D 247 6.51 -8.31 16.29
C ASP D 247 7.55 -9.43 16.54
N GLN D 248 7.60 -9.99 17.75
CA GLN D 248 8.42 -11.22 17.99
C GLN D 248 7.59 -12.51 17.88
N ILE D 249 6.26 -12.32 17.76
CA ILE D 249 5.30 -13.42 17.63
C ILE D 249 4.50 -13.33 16.34
N MET D 250 4.48 -12.17 15.69
CA MET D 250 3.68 -12.03 14.47
C MET D 250 4.52 -11.66 13.25
N VAL D 251 4.30 -12.38 12.18
CA VAL D 251 5.02 -12.20 10.92
C VAL D 251 3.98 -12.08 9.82
N THR D 252 4.28 -11.30 8.79
CA THR D 252 3.40 -11.12 7.66
C THR D 252 4.19 -11.47 6.39
N VAL D 253 3.59 -12.22 5.46
CA VAL D 253 4.31 -12.72 4.28
C VAL D 253 3.64 -12.30 2.95
N HIS D 254 4.41 -11.64 2.07
CA HIS D 254 3.88 -11.08 0.82
C HIS D 254 4.59 -11.68 -0.39
N SER E 34 56.88 -15.57 -53.89
CA SER E 34 57.66 -15.58 -52.61
C SER E 34 56.73 -15.46 -51.39
N VAL E 35 56.51 -14.24 -50.90
CA VAL E 35 55.63 -13.93 -49.72
C VAL E 35 55.65 -14.90 -48.50
N GLU E 36 56.03 -14.38 -47.32
CA GLU E 36 56.09 -15.22 -46.10
C GLU E 36 54.70 -15.61 -45.57
N HIS E 37 54.65 -16.44 -44.52
CA HIS E 37 53.41 -16.99 -44.03
C HIS E 37 53.18 -16.81 -42.53
N ILE E 38 52.66 -15.65 -42.12
CA ILE E 38 52.51 -15.33 -40.69
C ILE E 38 51.54 -16.23 -39.92
N PRO E 39 51.54 -16.16 -38.56
CA PRO E 39 50.52 -17.01 -37.98
C PRO E 39 49.24 -16.24 -38.08
N PHE E 40 48.15 -16.95 -37.89
CA PHE E 40 46.82 -16.37 -37.95
C PHE E 40 46.30 -16.26 -36.52
N SER E 41 46.00 -15.05 -36.07
CA SER E 41 45.32 -14.93 -34.76
C SER E 41 43.83 -14.95 -35.08
N HIS E 42 43.00 -15.27 -34.10
CA HIS E 42 41.58 -15.39 -34.42
C HIS E 42 40.64 -15.19 -33.19
N THR E 43 39.46 -14.58 -33.38
CA THR E 43 38.52 -14.48 -32.22
C THR E 43 37.56 -15.62 -32.18
N ARG E 44 37.48 -16.28 -31.04
CA ARG E 44 36.53 -17.30 -30.81
C ARG E 44 35.50 -16.72 -29.86
N TYR E 45 34.30 -17.26 -29.90
CA TYR E 45 33.28 -16.95 -28.87
C TYR E 45 32.83 -18.29 -28.28
N PRO E 46 32.57 -18.33 -26.97
CA PRO E 46 31.92 -19.52 -26.41
C PRO E 46 30.72 -20.00 -27.27
N GLU E 47 30.47 -21.32 -27.31
CA GLU E 47 29.41 -21.93 -28.11
C GLU E 47 28.05 -21.25 -27.98
N GLN E 48 27.66 -20.91 -26.75
CA GLN E 48 26.39 -20.26 -26.57
C GLN E 48 26.41 -18.90 -27.27
N GLU E 49 27.55 -18.23 -27.26
CA GLU E 49 27.53 -16.97 -27.94
C GLU E 49 27.39 -17.23 -29.43
N MET E 50 28.23 -18.11 -29.98
CA MET E 50 28.20 -18.46 -31.39
C MET E 50 26.79 -18.67 -31.93
N ARG E 51 25.94 -19.31 -31.13
CA ARG E 51 24.56 -19.66 -31.48
C ARG E 51 23.68 -18.44 -31.50
N MET E 52 24.01 -17.44 -30.70
CA MET E 52 23.23 -16.20 -30.72
C MET E 52 23.57 -15.33 -31.93
N ARG E 53 24.83 -14.99 -32.08
CA ARG E 53 25.28 -14.26 -33.23
C ARG E 53 24.87 -14.90 -34.55
N SER E 54 24.74 -16.23 -34.56
CA SER E 54 24.29 -16.90 -35.76
C SER E 54 22.75 -16.83 -35.95
N GLN E 55 21.97 -16.86 -34.86
CA GLN E 55 20.52 -16.62 -34.95
C GLN E 55 20.25 -15.24 -35.50
N GLU E 56 20.97 -14.30 -34.94
CA GLU E 56 20.69 -12.89 -35.11
C GLU E 56 21.00 -12.40 -36.50
N PHE E 57 22.23 -12.67 -36.94
CA PHE E 57 22.66 -12.49 -38.32
C PHE E 57 21.63 -13.10 -39.25
N TYR E 58 21.35 -14.39 -39.12
CA TYR E 58 20.33 -14.93 -40.01
C TYR E 58 19.05 -14.11 -40.00
N GLU E 59 18.56 -13.78 -38.79
CA GLU E 59 17.28 -13.05 -38.63
C GLU E 59 17.31 -11.72 -39.37
N LEU E 60 18.49 -11.11 -39.40
CA LEU E 60 18.78 -9.85 -40.08
C LEU E 60 18.88 -9.98 -41.59
N LEU E 61 19.64 -10.97 -42.06
CA LEU E 61 19.80 -11.15 -43.51
C LEU E 61 18.48 -11.49 -44.18
N ASN E 62 17.70 -12.31 -43.48
CA ASN E 62 16.36 -12.69 -43.91
C ASN E 62 15.36 -11.52 -44.12
N LYS E 63 15.68 -10.35 -43.57
CA LYS E 63 14.82 -9.18 -43.71
C LYS E 63 15.17 -8.41 -44.95
N ARG E 64 16.22 -8.82 -45.66
CA ARG E 64 16.61 -8.21 -46.92
C ARG E 64 15.66 -8.68 -48.03
N ARG E 65 15.07 -7.71 -48.74
CA ARG E 65 14.25 -8.00 -49.92
C ARG E 65 14.80 -7.21 -51.10
N SER E 66 14.64 -7.68 -52.32
CA SER E 66 15.04 -6.78 -53.43
C SER E 66 13.98 -5.62 -53.46
N VAL E 67 14.40 -4.37 -53.45
CA VAL E 67 13.44 -3.31 -53.50
C VAL E 67 13.61 -2.50 -54.80
N ARG E 68 12.56 -2.50 -55.60
CA ARG E 68 12.54 -1.83 -56.88
C ARG E 68 12.03 -0.38 -56.83
N PHE E 69 11.72 0.15 -55.61
CA PHE E 69 11.19 1.50 -55.41
C PHE E 69 12.02 2.29 -54.40
N ILE E 70 12.93 3.10 -54.90
CA ILE E 70 13.90 3.69 -54.00
C ILE E 70 13.64 5.20 -53.84
N SER E 71 13.59 5.66 -52.59
CA SER E 71 13.45 7.07 -52.31
C SER E 71 14.64 7.80 -52.87
N SER E 72 14.45 9.07 -53.13
CA SER E 72 15.42 9.87 -53.76
C SER E 72 16.23 10.63 -52.71
N GLU E 73 15.87 10.42 -51.44
CA GLU E 73 16.54 10.99 -50.27
C GLU E 73 18.03 10.62 -50.27
N HIS E 74 18.88 11.54 -49.81
CA HIS E 74 20.34 11.33 -49.88
C HIS E 74 20.87 10.26 -48.97
N VAL E 75 22.05 9.76 -49.30
CA VAL E 75 22.71 8.77 -48.47
C VAL E 75 24.12 9.25 -48.09
N PRO E 76 24.58 8.93 -46.85
CA PRO E 76 25.93 9.30 -46.43
C PRO E 76 26.97 8.56 -47.27
N MET E 77 27.78 9.33 -47.97
CA MET E 77 28.84 8.77 -48.74
C MET E 77 29.75 7.81 -47.93
N GLU E 78 29.77 7.94 -46.59
CA GLU E 78 30.60 7.06 -45.74
C GLU E 78 30.12 5.64 -45.82
N VAL E 79 28.83 5.45 -45.62
CA VAL E 79 28.29 4.12 -45.64
C VAL E 79 28.59 3.36 -46.95
N ILE E 80 28.37 4.00 -48.10
CA ILE E 80 28.63 3.42 -49.42
C ILE E 80 30.10 3.03 -49.56
N GLU E 81 30.99 3.85 -49.00
CA GLU E 81 32.42 3.52 -48.99
C GLU E 81 32.66 2.25 -48.21
N ASN E 82 32.26 2.26 -46.94
CA ASN E 82 32.27 1.09 -46.09
C ASN E 82 31.67 -0.21 -46.61
N VAL E 83 30.63 -0.14 -47.43
CA VAL E 83 29.99 -1.38 -47.92
C VAL E 83 30.76 -1.91 -49.12
N ILE E 84 31.35 -1.00 -49.90
CA ILE E 84 32.30 -1.40 -50.91
C ILE E 84 33.56 -1.95 -50.22
N LYS E 85 34.05 -1.28 -49.17
CA LYS E 85 35.24 -1.77 -48.48
C LYS E 85 34.96 -3.22 -48.03
N ALA E 86 33.85 -3.41 -47.34
CA ALA E 86 33.31 -4.74 -47.04
C ALA E 86 33.29 -5.69 -48.26
N ALA E 87 32.93 -5.21 -49.42
CA ALA E 87 32.94 -6.14 -50.52
C ALA E 87 34.37 -6.53 -50.96
N GLY E 88 35.34 -5.62 -50.75
CA GLY E 88 36.72 -5.79 -51.19
C GLY E 88 37.40 -6.82 -50.34
N THR E 89 36.79 -7.17 -49.21
CA THR E 89 37.37 -8.22 -48.36
C THR E 89 37.13 -9.63 -48.83
N ALA E 90 36.42 -9.84 -49.93
CA ALA E 90 36.04 -11.24 -50.31
C ALA E 90 37.28 -12.08 -50.71
N PRO E 91 37.17 -13.43 -50.69
CA PRO E 91 38.28 -14.27 -51.18
C PRO E 91 38.28 -14.11 -52.69
N SER E 92 39.35 -14.45 -53.38
CA SER E 92 39.28 -14.39 -54.85
C SER E 92 40.24 -15.45 -55.32
N GLY E 93 40.02 -16.01 -56.49
CA GLY E 93 40.98 -16.95 -57.10
C GLY E 93 42.40 -16.41 -56.97
N ALA E 94 43.30 -17.23 -56.44
CA ALA E 94 44.73 -16.95 -56.48
C ALA E 94 45.03 -15.53 -55.95
N HIS E 95 44.20 -15.01 -55.10
CA HIS E 95 44.43 -13.63 -54.60
C HIS E 95 44.58 -12.56 -55.68
N THR E 96 43.79 -12.69 -56.76
CA THR E 96 43.69 -11.73 -57.87
C THR E 96 42.72 -10.54 -57.67
N GLU E 97 41.84 -10.58 -56.69
CA GLU E 97 40.96 -9.42 -56.37
C GLU E 97 40.35 -8.70 -57.62
N PRO E 98 39.62 -9.45 -58.50
CA PRO E 98 39.31 -9.00 -59.85
C PRO E 98 38.09 -8.15 -60.06
N TRP E 99 37.93 -7.07 -59.29
CA TRP E 99 36.65 -6.38 -59.27
C TRP E 99 36.79 -4.88 -59.21
N THR E 100 35.87 -4.20 -59.88
CA THR E 100 35.81 -2.77 -59.85
C THR E 100 34.40 -2.37 -59.58
N PHE E 101 34.23 -1.54 -58.57
CA PHE E 101 32.96 -0.98 -58.24
C PHE E 101 32.92 0.43 -58.77
N VAL E 102 32.02 0.67 -59.71
CA VAL E 102 31.79 2.02 -60.22
C VAL E 102 30.56 2.63 -59.51
N VAL E 103 30.83 3.69 -58.75
CA VAL E 103 29.78 4.44 -58.08
C VAL E 103 29.40 5.64 -58.96
N VAL E 104 28.13 5.69 -59.37
CA VAL E 104 27.59 6.79 -60.14
C VAL E 104 26.56 7.49 -59.29
N LYS E 105 26.65 8.80 -59.14
CA LYS E 105 25.64 9.49 -58.35
C LYS E 105 25.23 10.77 -59.06
N ASP E 106 25.92 11.08 -60.14
CA ASP E 106 25.65 12.30 -60.90
C ASP E 106 24.32 12.18 -61.67
N PRO E 107 23.36 13.10 -61.41
CA PRO E 107 22.08 12.82 -62.10
C PRO E 107 22.20 12.67 -63.61
N ASP E 108 23.01 13.48 -64.26
CA ASP E 108 23.05 13.42 -65.72
C ASP E 108 23.74 12.19 -66.29
N MET E 109 24.69 11.60 -65.55
CA MET E 109 25.22 10.29 -65.95
C MET E 109 24.20 9.18 -65.63
N LYS E 110 23.49 9.32 -64.51
CA LYS E 110 22.43 8.39 -64.16
C LYS E 110 21.40 8.27 -65.23
N HIS E 111 21.06 9.39 -65.86
CA HIS E 111 20.06 9.32 -66.88
C HIS E 111 20.50 8.63 -68.16
N LYS E 112 21.74 8.85 -68.57
CA LYS E 112 22.27 8.15 -69.74
C LYS E 112 22.21 6.66 -69.54
N ILE E 113 22.50 6.28 -68.30
CA ILE E 113 22.45 4.90 -67.91
C ILE E 113 21.02 4.40 -68.09
N ARG E 114 20.10 5.17 -67.52
CA ARG E 114 18.72 4.83 -67.62
C ARG E 114 18.23 4.75 -69.05
N GLU E 115 18.76 5.62 -69.93
CA GLU E 115 18.37 5.58 -71.35
C GLU E 115 18.76 4.28 -71.97
N ILE E 116 20.02 3.90 -71.78
CA ILE E 116 20.61 2.77 -72.46
C ILE E 116 19.88 1.50 -72.04
N ILE E 117 19.62 1.40 -70.73
CA ILE E 117 18.96 0.21 -70.18
C ILE E 117 17.48 0.07 -70.57
N GLU E 118 16.76 1.20 -70.63
CA GLU E 118 15.34 1.11 -70.96
C GLU E 118 15.18 0.68 -72.39
N GLU E 119 16.05 1.22 -73.23
CA GLU E 119 16.03 0.87 -74.63
C GLU E 119 16.26 -0.61 -74.81
N GLU E 120 17.27 -1.16 -74.14
CA GLU E 120 17.66 -2.55 -74.34
C GLU E 120 16.66 -3.48 -73.68
N GLU E 121 16.15 -3.08 -72.53
CA GLU E 121 15.25 -3.95 -71.80
C GLU E 121 13.95 -4.00 -72.52
N GLU E 122 13.63 -2.91 -73.21
CA GLU E 122 12.40 -2.93 -73.97
C GLU E 122 12.48 -3.92 -75.10
N ILE E 123 13.62 -3.97 -75.79
CA ILE E 123 13.83 -5.04 -76.77
C ILE E 123 13.88 -6.38 -76.07
N ASN E 124 14.48 -6.41 -74.86
CA ASN E 124 14.53 -7.64 -74.08
C ASN E 124 13.16 -8.30 -73.85
N TYR E 125 12.19 -7.51 -73.36
CA TYR E 125 10.80 -7.94 -73.24
C TYR E 125 10.10 -8.06 -74.57
N MET E 126 10.24 -7.12 -75.50
CA MET E 126 9.57 -7.33 -76.79
C MET E 126 9.95 -8.69 -77.39
N LYS E 127 11.25 -8.99 -77.51
CA LYS E 127 11.62 -10.26 -78.18
C LYS E 127 12.89 -11.04 -77.73
N ARG E 128 13.93 -10.36 -77.27
CA ARG E 128 15.26 -11.01 -77.03
C ARG E 128 15.34 -12.04 -75.87
N MET E 129 14.53 -11.88 -74.83
CA MET E 129 14.50 -12.83 -73.70
C MET E 129 13.85 -14.13 -74.02
N GLY E 130 12.77 -14.11 -74.79
CA GLY E 130 12.04 -15.34 -75.10
C GLY E 130 10.74 -15.40 -74.32
N LYS E 131 9.76 -16.11 -74.87
CA LYS E 131 8.45 -16.26 -74.24
C LYS E 131 8.60 -16.87 -72.84
N ARG E 132 9.33 -17.99 -72.72
CA ARG E 132 9.45 -18.63 -71.40
C ARG E 132 10.04 -17.70 -70.34
N TRP E 133 11.09 -16.96 -70.66
CA TRP E 133 11.69 -16.06 -69.71
C TRP E 133 10.72 -14.94 -69.29
N VAL E 134 10.01 -14.35 -70.25
CA VAL E 134 9.11 -13.28 -69.90
C VAL E 134 7.85 -13.79 -69.18
N THR E 135 7.42 -15.02 -69.48
CA THR E 135 6.33 -15.64 -68.70
C THR E 135 6.70 -15.82 -67.24
N ASP E 136 7.92 -16.34 -67.01
CA ASP E 136 8.48 -16.55 -65.69
C ASP E 136 8.59 -15.26 -64.94
N LEU E 137 8.76 -14.15 -65.66
CA LEU E 137 8.89 -12.89 -65.00
C LEU E 137 7.55 -12.27 -64.59
N LYS E 138 6.44 -12.71 -65.20
CA LYS E 138 5.10 -12.11 -64.97
C LYS E 138 4.71 -11.81 -63.51
N LYS E 139 4.81 -12.81 -62.63
CA LYS E 139 4.39 -12.63 -61.23
C LYS E 139 5.08 -11.46 -60.55
N LEU E 140 6.33 -11.20 -60.91
CA LEU E 140 7.07 -10.09 -60.29
C LEU E 140 6.70 -8.75 -60.88
N ARG E 141 5.97 -8.77 -62.00
CA ARG E 141 5.35 -7.55 -62.52
C ARG E 141 6.36 -6.56 -62.90
N THR E 142 7.33 -7.01 -63.70
CA THR E 142 8.45 -6.17 -63.95
C THR E 142 8.41 -5.80 -65.43
N ASN E 143 8.90 -4.62 -65.79
CA ASN E 143 8.97 -4.25 -67.23
C ASN E 143 10.21 -3.44 -67.55
N TRP E 144 10.25 -2.78 -68.70
CA TRP E 144 11.47 -2.15 -69.16
C TRP E 144 11.60 -0.74 -68.56
N ILE E 145 10.60 -0.30 -67.81
CA ILE E 145 10.64 1.02 -67.19
C ILE E 145 11.40 0.88 -65.88
N LYS E 146 12.46 1.67 -65.76
CA LYS E 146 13.36 1.55 -64.64
C LYS E 146 13.49 2.90 -63.96
N GLU E 147 12.38 3.36 -63.41
CA GLU E 147 12.37 4.58 -62.60
C GLU E 147 13.57 4.74 -61.65
N TYR E 148 13.95 3.66 -60.95
CA TYR E 148 14.98 3.74 -59.90
C TYR E 148 16.33 4.20 -60.39
N LEU E 149 16.56 4.15 -61.69
CA LEU E 149 17.87 4.55 -62.17
C LEU E 149 17.96 6.06 -62.12
N ASP E 150 16.83 6.76 -62.04
CA ASP E 150 16.88 8.21 -61.81
C ASP E 150 16.69 8.54 -60.36
N THR E 151 15.66 8.00 -59.72
CA THR E 151 15.33 8.37 -58.32
C THR E 151 16.37 7.92 -57.29
N ALA E 152 17.03 6.78 -57.53
CA ALA E 152 18.12 6.33 -56.64
C ALA E 152 19.29 7.33 -56.61
N PRO E 153 19.69 7.77 -55.40
CA PRO E 153 20.82 8.68 -55.14
C PRO E 153 22.21 8.12 -55.49
N VAL E 154 22.38 6.81 -55.58
CA VAL E 154 23.62 6.26 -56.11
C VAL E 154 23.36 4.96 -56.82
N LEU E 155 24.18 4.66 -57.82
CA LEU E 155 24.11 3.36 -58.45
C LEU E 155 25.48 2.72 -58.30
N ILE E 156 25.51 1.45 -57.89
CA ILE E 156 26.75 0.75 -57.86
C ILE E 156 26.78 -0.27 -59.02
N LEU E 157 27.74 -0.13 -59.93
CA LEU E 157 27.91 -1.09 -61.04
C LEU E 157 29.18 -1.92 -60.86
N ILE E 158 29.00 -3.19 -60.59
CA ILE E 158 30.10 -4.07 -60.30
C ILE E 158 30.65 -4.69 -61.61
N PHE E 159 31.92 -4.41 -61.88
CA PHE E 159 32.60 -4.87 -63.07
C PHE E 159 33.49 -6.02 -62.70
N LYS E 160 33.38 -7.14 -63.42
CA LYS E 160 34.42 -8.15 -63.34
C LYS E 160 35.62 -7.80 -64.26
N GLN E 161 36.85 -7.94 -63.73
CA GLN E 161 38.05 -7.86 -64.56
C GLN E 161 38.33 -9.24 -65.16
N VAL E 162 38.01 -9.46 -66.43
CA VAL E 162 38.14 -10.81 -66.97
C VAL E 162 39.60 -11.34 -67.10
N HIS E 163 40.58 -10.45 -67.16
CA HIS E 163 41.97 -10.80 -66.90
C HIS E 163 42.49 -9.48 -66.35
N GLY E 164 43.79 -9.40 -66.03
CA GLY E 164 44.38 -8.20 -65.46
C GLY E 164 45.70 -7.83 -66.08
N PHE E 165 46.36 -6.83 -65.50
CA PHE E 165 47.69 -6.39 -65.96
C PHE E 165 48.53 -6.06 -64.73
N ALA E 166 49.63 -6.78 -64.51
CA ALA E 166 50.66 -6.36 -63.50
C ALA E 166 51.18 -4.90 -63.76
N ALA E 167 51.97 -4.31 -62.84
CA ALA E 167 52.67 -3.02 -63.19
C ALA E 167 53.80 -3.29 -64.20
N ASN E 168 54.43 -4.45 -64.01
CA ASN E 168 55.22 -5.07 -65.05
C ASN E 168 54.54 -4.95 -66.44
N GLY E 169 53.19 -4.95 -66.48
CA GLY E 169 52.38 -4.75 -67.71
C GLY E 169 52.19 -6.07 -68.43
N LYS E 170 52.61 -7.11 -67.71
CA LYS E 170 52.19 -8.49 -67.91
C LYS E 170 50.66 -8.60 -67.87
N LYS E 171 50.11 -9.30 -68.85
CA LYS E 171 48.75 -9.86 -68.78
C LYS E 171 48.69 -10.89 -67.65
N LYS E 172 47.81 -10.69 -66.68
CA LYS E 172 47.64 -11.75 -65.69
C LYS E 172 46.33 -12.55 -65.81
N VAL E 173 46.36 -13.82 -65.41
CA VAL E 173 45.16 -14.62 -65.43
C VAL E 173 44.40 -14.40 -64.13
N HIS E 174 43.12 -14.06 -64.27
CA HIS E 174 42.21 -13.95 -63.18
C HIS E 174 41.32 -15.23 -62.99
N TYR E 175 41.75 -16.14 -62.13
CA TYR E 175 41.07 -17.45 -61.98
C TYR E 175 39.73 -17.33 -61.31
N TYR E 176 38.70 -17.92 -61.93
CA TYR E 176 37.34 -17.85 -61.44
C TYR E 176 36.93 -16.43 -61.12
N ASN E 177 37.04 -15.52 -62.11
CA ASN E 177 36.71 -14.13 -61.82
C ASN E 177 35.24 -14.02 -61.52
N GLU E 178 34.40 -14.68 -62.33
CA GLU E 178 32.98 -14.51 -62.17
C GLU E 178 32.45 -14.91 -60.78
N ILE E 179 32.90 -16.06 -60.29
CA ILE E 179 32.51 -16.52 -58.98
C ILE E 179 33.08 -15.48 -58.00
N SER E 180 34.35 -15.17 -58.18
CA SER E 180 35.03 -14.28 -57.28
C SER E 180 34.26 -12.95 -57.07
N VAL E 181 33.75 -12.38 -58.16
CA VAL E 181 33.17 -11.07 -58.08
C VAL E 181 31.76 -11.25 -57.54
N SER E 182 31.17 -12.41 -57.86
CA SER E 182 29.88 -12.74 -57.31
C SER E 182 29.88 -12.89 -55.82
N ILE E 183 30.86 -13.58 -55.24
CA ILE E 183 31.00 -13.62 -53.79
C ILE E 183 31.07 -12.17 -53.23
N ALA E 184 32.04 -11.40 -53.69
CA ALA E 184 32.21 -10.04 -53.17
C ALA E 184 30.84 -9.32 -53.19
N CYS E 185 30.12 -9.64 -54.25
CA CYS E 185 28.86 -9.05 -54.47
C CYS E 185 27.84 -9.45 -53.39
N GLY E 186 27.85 -10.73 -53.02
CA GLY E 186 27.06 -11.20 -51.88
C GLY E 186 27.47 -10.44 -50.62
N LEU E 187 28.75 -10.14 -50.52
CA LEU E 187 29.25 -9.49 -49.35
C LEU E 187 28.68 -8.06 -49.26
N LEU E 188 28.66 -7.35 -50.41
CA LEU E 188 28.00 -6.05 -50.54
C LEU E 188 26.52 -6.11 -50.09
N LEU E 189 25.79 -7.10 -50.60
CA LEU E 189 24.36 -7.18 -50.27
C LEU E 189 24.14 -7.30 -48.77
N ALA E 190 25.01 -8.08 -48.10
CA ALA E 190 24.94 -8.17 -46.66
C ALA E 190 25.26 -6.84 -46.00
N ALA E 191 26.30 -6.17 -46.50
CA ALA E 191 26.78 -4.92 -45.89
C ALA E 191 25.74 -3.82 -45.96
N LEU E 192 25.13 -3.65 -47.13
CA LEU E 192 24.05 -2.68 -47.33
C LEU E 192 22.93 -2.99 -46.35
N GLN E 193 22.52 -4.26 -46.29
CA GLN E 193 21.42 -4.64 -45.44
C GLN E 193 21.75 -4.32 -43.98
N ASN E 194 23.01 -4.55 -43.61
CA ASN E 194 23.48 -4.28 -42.25
C ASN E 194 23.48 -2.81 -41.97
N ALA E 195 23.73 -2.01 -42.99
CA ALA E 195 23.72 -0.56 -42.85
C ALA E 195 22.29 0.01 -42.92
N GLY E 196 21.30 -0.80 -43.27
CA GLY E 196 19.96 -0.24 -43.36
C GLY E 196 19.62 0.45 -44.67
N LEU E 197 20.49 0.36 -45.69
CA LEU E 197 20.08 0.79 -47.04
C LEU E 197 19.43 -0.43 -47.70
N VAL E 198 18.73 -0.20 -48.83
CA VAL E 198 18.15 -1.28 -49.67
C VAL E 198 18.57 -1.20 -51.15
N THR E 199 18.22 -2.22 -51.91
CA THR E 199 18.64 -2.23 -53.30
C THR E 199 18.01 -3.34 -54.07
N VAL E 200 18.37 -3.48 -55.36
CA VAL E 200 17.96 -4.65 -56.12
C VAL E 200 19.07 -5.15 -57.03
N THR E 201 19.34 -6.45 -57.03
CA THR E 201 20.41 -6.99 -57.85
C THR E 201 19.92 -7.09 -59.29
N THR E 202 20.42 -6.28 -60.20
CA THR E 202 19.91 -6.40 -61.55
C THR E 202 21.05 -6.80 -62.48
N THR E 203 20.72 -7.57 -63.50
CA THR E 203 21.61 -7.91 -64.59
C THR E 203 20.94 -7.54 -65.92
N PRO E 204 20.94 -6.24 -66.28
CA PRO E 204 20.46 -5.71 -67.54
C PRO E 204 21.05 -6.44 -68.79
N LEU E 205 20.26 -7.32 -69.38
CA LEU E 205 20.78 -8.15 -70.44
C LEU E 205 21.20 -7.24 -71.55
N ASN E 206 22.40 -7.49 -72.07
CA ASN E 206 22.85 -6.81 -73.28
C ASN E 206 23.24 -5.34 -73.14
N CYS E 207 23.40 -4.84 -71.94
CA CYS E 207 23.80 -3.46 -71.82
C CYS E 207 25.28 -3.36 -71.62
N GLY E 208 25.89 -4.51 -71.30
CA GLY E 208 27.29 -4.54 -70.97
C GLY E 208 28.11 -3.54 -71.77
N PRO E 209 28.34 -3.86 -73.05
CA PRO E 209 29.23 -3.02 -73.85
C PRO E 209 28.89 -1.50 -73.85
N ARG E 210 27.62 -1.12 -74.00
CA ARG E 210 27.31 0.33 -73.98
C ARG E 210 27.62 1.01 -72.64
N LEU E 211 27.40 0.33 -71.53
CA LEU E 211 27.71 1.02 -70.28
C LEU E 211 29.22 1.07 -70.03
N ARG E 212 29.93 0.14 -70.65
CA ARG E 212 31.38 0.13 -70.44
C ARG E 212 31.97 1.37 -71.08
N VAL E 213 31.79 1.48 -72.40
CA VAL E 213 32.11 2.68 -73.14
C VAL E 213 31.58 3.94 -72.45
N LEU E 214 30.34 3.92 -71.97
CA LEU E 214 29.77 5.14 -71.40
C LEU E 214 30.55 5.63 -70.19
N LEU E 215 31.00 4.72 -69.32
CA LEU E 215 31.65 5.12 -68.06
C LEU E 215 33.18 5.05 -68.16
N GLY E 216 33.67 4.88 -69.39
CA GLY E 216 35.09 4.83 -69.68
C GLY E 216 35.86 3.67 -69.10
N ARG E 217 35.19 2.55 -68.91
CA ARG E 217 35.85 1.38 -68.35
C ARG E 217 36.67 0.68 -69.41
N PRO E 218 37.86 0.20 -69.01
CA PRO E 218 38.80 -0.35 -69.97
C PRO E 218 38.19 -1.59 -70.51
N SER E 219 38.65 -2.10 -71.63
CA SER E 219 37.94 -3.19 -72.27
C SER E 219 38.01 -4.55 -71.58
N HIS E 220 38.88 -4.72 -70.61
CA HIS E 220 38.94 -6.00 -69.89
C HIS E 220 37.91 -6.07 -68.73
N GLU E 221 37.00 -5.11 -68.65
CA GLU E 221 36.02 -5.10 -67.56
C GLU E 221 34.66 -5.38 -68.13
N LYS E 222 33.95 -6.36 -67.61
CA LYS E 222 32.59 -6.65 -68.08
C LYS E 222 31.65 -6.42 -66.93
N LEU E 223 30.55 -5.80 -67.22
CA LEU E 223 29.60 -5.50 -66.19
C LEU E 223 29.04 -6.83 -65.70
N LEU E 224 28.86 -6.96 -64.40
CA LEU E 224 28.24 -8.15 -63.83
C LEU E 224 26.92 -7.81 -63.19
N VAL E 225 26.83 -6.74 -62.40
CA VAL E 225 25.53 -6.35 -61.89
C VAL E 225 25.40 -4.88 -61.63
N LEU E 226 24.16 -4.43 -61.62
CA LEU E 226 23.90 -3.08 -61.30
C LEU E 226 22.98 -3.02 -60.09
N LEU E 227 23.33 -2.14 -59.17
CA LEU E 227 22.74 -2.07 -57.83
C LEU E 227 22.36 -0.65 -57.61
N PRO E 228 21.10 -0.37 -57.68
CA PRO E 228 20.51 0.92 -57.33
C PRO E 228 20.44 1.07 -55.83
N VAL E 229 21.09 2.07 -55.27
CA VAL E 229 21.15 2.15 -53.80
C VAL E 229 20.50 3.39 -53.16
N GLY E 230 19.69 3.16 -52.11
CA GLY E 230 19.11 4.24 -51.31
C GLY E 230 18.21 3.75 -50.18
N TYR E 231 17.29 4.59 -49.69
CA TYR E 231 16.23 4.20 -48.70
C TYR E 231 14.99 3.73 -49.46
N PRO E 232 14.25 2.75 -48.95
CA PRO E 232 13.05 2.32 -49.65
C PRO E 232 12.10 3.46 -49.82
N SER E 233 11.42 3.51 -50.96
CA SER E 233 10.40 4.52 -51.19
C SER E 233 9.28 4.36 -50.21
N ARG E 234 8.74 5.52 -49.80
CA ARG E 234 7.80 5.61 -48.70
C ARG E 234 6.73 4.53 -48.79
N ASP E 235 6.31 4.22 -50.00
CA ASP E 235 5.25 3.26 -50.18
C ASP E 235 5.71 2.16 -51.21
N ALA E 236 6.92 1.67 -50.99
CA ALA E 236 7.46 0.57 -51.75
C ALA E 236 6.65 -0.70 -51.51
N THR E 237 6.64 -1.58 -52.48
CA THR E 237 6.09 -2.89 -52.28
C THR E 237 7.14 -3.92 -52.62
N VAL E 238 6.85 -5.17 -52.25
CA VAL E 238 7.65 -6.29 -52.67
C VAL E 238 6.70 -7.42 -52.89
N PRO E 239 7.03 -8.33 -53.81
CA PRO E 239 6.18 -9.49 -54.02
C PRO E 239 6.14 -10.29 -52.75
N ASP E 240 5.06 -11.03 -52.54
CA ASP E 240 4.99 -11.92 -51.39
C ASP E 240 5.65 -13.28 -51.68
N LEU E 241 6.99 -13.34 -51.67
CA LEU E 241 7.66 -14.62 -51.90
C LEU E 241 8.03 -15.32 -50.61
N LYS E 242 8.09 -16.66 -50.66
CA LYS E 242 8.45 -17.51 -49.52
C LYS E 242 9.79 -18.11 -49.76
N ARG E 243 10.73 -17.90 -48.83
CA ARG E 243 12.00 -18.63 -48.94
C ARG E 243 11.82 -20.13 -48.61
N LYS E 244 12.70 -20.97 -49.15
CA LYS E 244 12.67 -22.40 -48.91
C LYS E 244 12.96 -22.69 -47.43
N ALA E 245 12.29 -23.68 -46.86
CA ALA E 245 12.68 -24.18 -45.56
C ALA E 245 14.07 -24.85 -45.65
N LEU E 246 14.79 -24.75 -44.53
CA LEU E 246 16.13 -25.30 -44.34
C LEU E 246 16.34 -26.67 -44.96
N ASP E 247 15.37 -27.55 -44.79
CA ASP E 247 15.61 -28.89 -45.23
C ASP E 247 15.35 -29.07 -46.71
N GLN E 248 15.13 -27.99 -47.45
CA GLN E 248 15.15 -28.05 -48.92
C GLN E 248 16.34 -27.38 -49.56
N ILE E 249 17.20 -26.79 -48.74
CA ILE E 249 18.40 -26.17 -49.26
C ILE E 249 19.55 -26.86 -48.59
N MET E 250 19.23 -27.82 -47.71
CA MET E 250 20.29 -28.44 -46.93
C MET E 250 20.09 -29.95 -46.80
N VAL E 251 21.15 -30.68 -47.13
CA VAL E 251 21.20 -32.15 -47.10
C VAL E 251 22.45 -32.63 -46.33
N THR E 252 22.27 -33.40 -45.28
CA THR E 252 23.37 -33.95 -44.52
C THR E 252 23.67 -35.39 -44.97
N VAL E 253 24.88 -35.73 -45.40
CA VAL E 253 25.09 -37.04 -46.05
C VAL E 253 26.00 -38.02 -45.32
N HIS E 254 25.43 -39.13 -44.87
CA HIS E 254 26.13 -40.25 -44.17
C HIS E 254 25.97 -41.60 -44.89
N SER F 34 1.51 -16.00 -60.27
CA SER F 34 0.51 -15.39 -59.32
C SER F 34 0.66 -13.86 -59.26
N VAL F 35 0.35 -13.38 -58.06
CA VAL F 35 1.31 -12.80 -57.16
C VAL F 35 1.01 -12.25 -55.82
N GLU F 36 0.78 -10.96 -55.71
CA GLU F 36 0.42 -10.45 -54.41
C GLU F 36 1.54 -9.61 -53.89
N HIS F 37 1.43 -8.32 -54.08
CA HIS F 37 2.46 -7.41 -53.65
C HIS F 37 2.02 -6.72 -52.36
N ILE F 38 2.91 -6.69 -51.38
CA ILE F 38 2.64 -6.08 -50.09
C ILE F 38 3.56 -4.92 -49.79
N PRO F 39 3.07 -3.93 -49.02
CA PRO F 39 3.89 -2.84 -48.49
C PRO F 39 5.18 -3.35 -47.90
N PHE F 40 6.29 -2.71 -48.26
CA PHE F 40 7.59 -3.16 -47.82
C PHE F 40 7.98 -2.59 -46.48
N SER F 41 7.88 -3.48 -45.50
CA SER F 41 8.33 -3.34 -44.11
C SER F 41 9.85 -3.10 -43.96
N HIS F 42 10.27 -1.87 -43.63
CA HIS F 42 11.69 -1.54 -43.47
C HIS F 42 12.04 -0.92 -42.13
N THR F 43 13.24 -1.22 -41.68
CA THR F 43 13.71 -0.80 -40.37
C THR F 43 14.93 0.16 -40.58
N ARG F 44 14.68 1.46 -40.36
CA ARG F 44 15.61 2.58 -40.73
C ARG F 44 16.53 3.00 -39.57
N TYR F 45 17.79 3.36 -39.88
CA TYR F 45 18.75 3.76 -38.85
C TYR F 45 19.23 5.22 -38.95
N PRO F 46 19.27 5.93 -37.81
CA PRO F 46 19.84 7.29 -37.88
C PRO F 46 21.25 7.29 -38.46
N GLU F 47 21.44 8.07 -39.51
CA GLU F 47 22.73 8.27 -40.21
C GLU F 47 24.02 8.03 -39.39
N GLN F 48 23.96 8.35 -38.10
CA GLN F 48 25.10 8.21 -37.21
C GLN F 48 25.35 6.73 -37.02
N GLU F 49 24.30 6.02 -36.62
CA GLU F 49 24.37 4.60 -36.43
C GLU F 49 24.76 3.83 -37.71
N MET F 50 24.37 4.35 -38.88
CA MET F 50 24.69 3.74 -40.19
C MET F 50 26.17 3.74 -40.48
N ARG F 51 26.77 4.92 -40.46
CA ARG F 51 28.19 5.09 -40.32
C ARG F 51 28.82 4.11 -39.30
N MET F 52 28.21 3.96 -38.13
CA MET F 52 28.80 3.06 -37.12
C MET F 52 28.72 1.58 -37.52
N ARG F 53 27.53 1.11 -37.88
CA ARG F 53 27.31 -0.29 -38.19
C ARG F 53 28.09 -0.75 -39.44
N SER F 54 28.27 0.12 -40.41
CA SER F 54 29.04 -0.24 -41.61
C SER F 54 30.55 -0.28 -41.33
N GLN F 55 31.01 0.58 -40.45
CA GLN F 55 32.36 0.55 -39.90
C GLN F 55 32.67 -0.82 -39.25
N GLU F 56 31.88 -1.17 -38.23
CA GLU F 56 32.07 -2.40 -37.50
C GLU F 56 32.02 -3.63 -38.43
N PHE F 57 31.02 -3.68 -39.30
CA PHE F 57 30.84 -4.81 -40.22
C PHE F 57 31.99 -4.96 -41.16
N TYR F 58 32.59 -3.85 -41.57
CA TYR F 58 33.71 -3.94 -42.47
C TYR F 58 34.89 -4.50 -41.74
N GLU F 59 35.12 -4.01 -40.53
CA GLU F 59 36.18 -4.54 -39.68
C GLU F 59 35.97 -6.02 -39.35
N LEU F 60 34.71 -6.43 -39.22
CA LEU F 60 34.42 -7.81 -38.85
C LEU F 60 34.92 -8.71 -39.97
N LEU F 61 34.51 -8.31 -41.17
CA LEU F 61 34.76 -9.05 -42.36
C LEU F 61 36.18 -8.96 -42.74
N ASN F 62 36.81 -7.81 -42.46
CA ASN F 62 38.24 -7.66 -42.76
C ASN F 62 39.14 -8.64 -42.03
N LYS F 63 38.80 -8.98 -40.80
CA LYS F 63 39.53 -10.08 -40.16
C LYS F 63 39.36 -11.48 -40.81
N ARG F 64 38.56 -11.60 -41.87
CA ARG F 64 38.35 -12.94 -42.47
C ARG F 64 39.52 -13.25 -43.35
N ARG F 65 40.00 -14.46 -43.29
CA ARG F 65 41.08 -14.91 -44.17
C ARG F 65 40.79 -16.36 -44.46
N SER F 66 41.25 -16.87 -45.59
CA SER F 66 41.11 -18.26 -45.88
C SER F 66 42.14 -19.01 -45.05
N VAL F 67 41.69 -20.03 -44.31
CA VAL F 67 42.55 -20.84 -43.38
C VAL F 67 42.58 -22.27 -43.90
N ARG F 68 43.77 -22.86 -44.03
CA ARG F 68 43.90 -24.15 -44.73
C ARG F 68 44.42 -25.20 -43.77
N PHE F 69 44.34 -24.86 -42.48
CA PHE F 69 44.68 -25.70 -41.34
C PHE F 69 43.58 -25.58 -40.25
N ILE F 70 42.69 -26.57 -40.26
CA ILE F 70 41.47 -26.53 -39.50
C ILE F 70 41.54 -27.63 -38.47
N SER F 71 41.24 -27.24 -37.23
CA SER F 71 41.26 -28.11 -36.05
C SER F 71 40.08 -29.04 -36.09
N SER F 72 40.13 -30.10 -35.30
CA SER F 72 39.05 -31.04 -35.45
C SER F 72 37.99 -31.04 -34.35
N GLU F 73 38.07 -30.07 -33.44
CA GLU F 73 37.04 -29.89 -32.45
C GLU F 73 35.62 -29.91 -33.03
N HIS F 74 34.68 -30.64 -32.40
CA HIS F 74 33.21 -30.54 -32.73
C HIS F 74 32.77 -29.06 -32.81
N VAL F 75 31.96 -28.75 -33.82
CA VAL F 75 31.26 -27.44 -33.88
C VAL F 75 29.74 -27.63 -33.73
N PRO F 76 29.06 -26.68 -33.05
CA PRO F 76 27.64 -26.84 -32.77
C PRO F 76 26.77 -26.87 -34.05
N MET F 77 25.95 -27.90 -34.21
CA MET F 77 25.13 -28.02 -35.42
C MET F 77 24.15 -26.84 -35.64
N GLU F 78 23.59 -26.30 -34.57
CA GLU F 78 22.64 -25.21 -34.66
C GLU F 78 23.25 -24.04 -35.45
N VAL F 79 24.55 -23.86 -35.24
CA VAL F 79 25.37 -22.85 -35.92
C VAL F 79 25.60 -23.17 -37.42
N ILE F 80 25.99 -24.38 -37.77
CA ILE F 80 26.05 -24.70 -39.19
C ILE F 80 24.67 -24.42 -39.85
N GLU F 81 23.62 -24.96 -39.28
CA GLU F 81 22.25 -24.62 -39.68
C GLU F 81 21.99 -23.13 -39.84
N ASN F 82 22.42 -22.31 -38.89
CA ASN F 82 22.23 -20.85 -39.04
C ASN F 82 22.95 -20.11 -40.19
N VAL F 83 24.12 -20.62 -40.56
CA VAL F 83 24.92 -20.00 -41.60
C VAL F 83 24.36 -20.41 -42.99
N ILE F 84 23.75 -21.58 -43.02
CA ILE F 84 23.14 -21.99 -44.27
C ILE F 84 21.82 -21.23 -44.42
N LYS F 85 21.06 -21.16 -43.34
CA LYS F 85 19.86 -20.30 -43.28
C LYS F 85 20.16 -18.90 -43.84
N ALA F 86 21.17 -18.21 -43.33
CA ALA F 86 21.58 -16.91 -43.91
C ALA F 86 21.94 -16.99 -45.41
N ALA F 87 22.79 -17.97 -45.79
CA ALA F 87 23.12 -18.18 -47.20
C ALA F 87 21.91 -18.30 -48.11
N GLY F 88 20.92 -19.11 -47.70
CA GLY F 88 19.59 -19.17 -48.36
C GLY F 88 18.75 -17.88 -48.42
N THR F 89 19.18 -16.78 -47.78
CA THR F 89 18.40 -15.54 -47.86
C THR F 89 18.81 -14.70 -49.05
N ALA F 90 19.55 -15.31 -49.96
CA ALA F 90 20.24 -14.53 -51.02
C ALA F 90 19.29 -14.30 -52.18
N PRO F 91 19.44 -13.20 -52.93
CA PRO F 91 18.65 -13.10 -54.14
C PRO F 91 18.99 -14.18 -55.16
N SER F 92 18.12 -14.33 -56.16
CA SER F 92 18.30 -15.29 -57.20
C SER F 92 17.43 -14.89 -58.38
N GLY F 93 17.97 -15.19 -59.58
CA GLY F 93 17.37 -14.84 -60.83
C GLY F 93 15.98 -15.42 -60.80
N ALA F 94 14.98 -14.56 -61.03
CA ALA F 94 13.53 -14.90 -61.04
C ALA F 94 13.19 -15.73 -59.82
N HIS F 95 13.77 -15.36 -58.67
CA HIS F 95 13.50 -16.06 -57.44
C HIS F 95 13.52 -17.56 -57.57
N THR F 96 14.61 -18.16 -57.99
CA THR F 96 14.64 -19.59 -58.16
C THR F 96 15.43 -20.32 -57.05
N GLU F 97 16.21 -19.62 -56.26
CA GLU F 97 16.93 -20.31 -55.17
C GLU F 97 17.68 -21.63 -55.59
N PRO F 98 18.54 -21.57 -56.63
CA PRO F 98 19.10 -22.78 -57.28
C PRO F 98 20.30 -23.43 -56.54
N TRP F 99 20.24 -23.46 -55.21
CA TRP F 99 21.32 -23.95 -54.36
C TRP F 99 20.96 -25.14 -53.44
N THR F 100 21.92 -26.06 -53.31
CA THR F 100 21.86 -27.22 -52.43
C THR F 100 23.16 -27.12 -51.69
N PHE F 101 23.07 -27.09 -50.38
CA PHE F 101 24.25 -27.08 -49.53
C PHE F 101 24.36 -28.52 -48.99
N VAL F 102 25.41 -29.23 -49.35
CA VAL F 102 25.54 -30.58 -48.82
C VAL F 102 26.56 -30.52 -47.68
N VAL F 103 26.05 -30.86 -46.49
CA VAL F 103 26.88 -30.82 -45.31
C VAL F 103 27.30 -32.23 -45.01
N VAL F 104 28.61 -32.47 -44.93
CA VAL F 104 29.14 -33.79 -44.62
C VAL F 104 29.93 -33.76 -43.32
N LYS F 105 29.46 -34.53 -42.36
CA LYS F 105 29.97 -34.62 -41.00
C LYS F 105 30.65 -35.96 -40.80
N ASP F 106 30.17 -37.00 -41.50
CA ASP F 106 30.63 -38.39 -41.28
C ASP F 106 32.09 -38.62 -41.66
N PRO F 107 32.93 -39.02 -40.67
CA PRO F 107 34.37 -39.15 -40.94
C PRO F 107 34.71 -39.99 -42.20
N ASP F 108 34.19 -41.19 -42.34
CA ASP F 108 34.74 -41.94 -43.47
C ASP F 108 34.14 -41.55 -44.83
N MET F 109 33.09 -40.74 -44.82
CA MET F 109 32.67 -40.15 -46.08
C MET F 109 33.60 -38.94 -46.37
N LYS F 110 33.99 -38.19 -45.33
CA LYS F 110 34.93 -37.07 -45.51
C LYS F 110 36.21 -37.60 -46.11
N HIS F 111 36.61 -38.76 -45.63
CA HIS F 111 37.79 -39.42 -46.09
C HIS F 111 37.69 -39.79 -47.57
N LYS F 112 36.48 -40.15 -48.02
CA LYS F 112 36.32 -40.59 -49.41
C LYS F 112 36.38 -39.42 -50.36
N ILE F 113 35.93 -38.26 -49.87
CA ILE F 113 36.06 -37.00 -50.59
C ILE F 113 37.53 -36.68 -50.79
N ARG F 114 38.32 -36.89 -49.73
CA ARG F 114 39.75 -36.53 -49.74
C ARG F 114 40.56 -37.42 -50.68
N GLU F 115 40.37 -38.71 -50.58
CA GLU F 115 40.82 -39.59 -51.62
C GLU F 115 40.57 -39.01 -53.01
N ILE F 116 39.33 -38.62 -53.36
CA ILE F 116 39.06 -38.12 -54.72
C ILE F 116 39.78 -36.83 -55.07
N ILE F 117 39.61 -35.82 -54.21
CA ILE F 117 40.21 -34.50 -54.43
C ILE F 117 41.72 -34.60 -54.55
N GLU F 118 42.36 -35.33 -53.63
CA GLU F 118 43.83 -35.55 -53.71
C GLU F 118 44.30 -36.27 -54.97
N GLU F 119 43.59 -37.32 -55.38
CA GLU F 119 43.92 -37.99 -56.64
C GLU F 119 43.98 -36.96 -57.81
N GLU F 120 42.92 -36.15 -57.94
CA GLU F 120 42.80 -35.26 -59.09
C GLU F 120 43.61 -33.99 -58.96
N GLU F 121 43.82 -33.46 -57.76
CA GLU F 121 44.67 -32.27 -57.66
C GLU F 121 46.13 -32.60 -58.00
N GLU F 122 46.58 -33.79 -57.60
CA GLU F 122 47.90 -34.25 -58.03
C GLU F 122 47.99 -34.04 -59.52
N ILE F 123 47.08 -34.68 -60.27
CA ILE F 123 47.04 -34.60 -61.74
C ILE F 123 46.86 -33.16 -62.18
N ASN F 124 46.15 -32.37 -61.40
CA ASN F 124 45.94 -30.97 -61.74
C ASN F 124 47.27 -30.25 -61.65
N TYR F 125 48.02 -30.53 -60.59
CA TYR F 125 49.32 -29.87 -60.38
C TYR F 125 50.43 -30.33 -61.32
N MET F 126 50.45 -31.61 -61.65
CA MET F 126 51.49 -32.12 -62.51
C MET F 126 51.31 -31.68 -63.93
N LYS F 127 50.09 -31.71 -64.45
CA LYS F 127 49.90 -31.50 -65.90
C LYS F 127 48.63 -30.80 -66.40
N ARG F 128 47.72 -30.36 -65.53
CA ARG F 128 46.38 -29.99 -66.05
C ARG F 128 46.03 -28.53 -65.89
N MET F 129 46.56 -27.90 -64.85
CA MET F 129 46.38 -26.50 -64.61
C MET F 129 47.33 -25.69 -65.47
N GLY F 130 48.39 -26.33 -65.95
CA GLY F 130 49.42 -25.68 -66.76
C GLY F 130 50.46 -24.97 -65.90
N LYS F 131 51.67 -24.79 -66.46
CA LYS F 131 52.77 -24.17 -65.69
C LYS F 131 52.43 -22.79 -65.09
N ARG F 132 51.77 -21.93 -65.88
CA ARG F 132 51.39 -20.56 -65.46
C ARG F 132 50.64 -20.58 -64.15
N TRP F 133 49.54 -21.34 -64.14
CA TRP F 133 48.72 -21.47 -62.95
C TRP F 133 49.52 -21.95 -61.74
N VAL F 134 50.26 -23.03 -61.91
CA VAL F 134 51.08 -23.52 -60.82
C VAL F 134 52.03 -22.44 -60.26
N THR F 135 52.62 -21.63 -61.13
CA THR F 135 53.58 -20.62 -60.75
C THR F 135 52.87 -19.59 -59.90
N ASP F 136 51.62 -19.29 -60.31
CA ASP F 136 50.77 -18.30 -59.67
C ASP F 136 50.33 -18.76 -58.29
N LEU F 137 50.55 -20.05 -57.99
CA LEU F 137 50.18 -20.62 -56.70
C LEU F 137 51.34 -20.95 -55.80
N LYS F 138 52.54 -20.61 -56.23
CA LYS F 138 53.73 -21.00 -55.47
C LYS F 138 53.74 -20.24 -54.17
N LYS F 139 53.46 -18.96 -54.26
CA LYS F 139 53.40 -18.10 -53.10
C LYS F 139 52.27 -18.52 -52.16
N LEU F 140 51.37 -19.39 -52.58
CA LEU F 140 50.36 -19.79 -51.59
C LEU F 140 50.67 -21.16 -50.97
N ARG F 141 51.62 -21.90 -51.55
CA ARG F 141 52.22 -23.09 -50.88
C ARG F 141 51.30 -24.30 -50.83
N THR F 142 50.22 -24.24 -51.57
CA THR F 142 49.31 -25.37 -51.69
C THR F 142 49.93 -26.39 -52.65
N ASN F 143 49.77 -27.68 -52.33
CA ASN F 143 49.99 -28.77 -53.26
C ASN F 143 48.71 -29.59 -53.32
N TRP F 144 48.79 -30.85 -53.67
CA TRP F 144 47.61 -31.62 -53.75
C TRP F 144 47.20 -32.26 -52.42
N ILE F 145 47.98 -32.08 -51.35
CA ILE F 145 47.65 -32.73 -50.10
C ILE F 145 46.75 -31.87 -49.25
N LYS F 146 45.55 -32.37 -48.97
CA LYS F 146 44.52 -31.55 -48.37
C LYS F 146 44.08 -32.08 -47.03
N GLU F 147 44.96 -32.00 -46.04
CA GLU F 147 44.71 -32.59 -44.75
C GLU F 147 43.39 -32.14 -44.14
N TYR F 148 43.03 -30.86 -44.35
CA TYR F 148 41.80 -30.35 -43.76
C TYR F 148 40.52 -31.12 -44.12
N LEU F 149 40.53 -31.89 -45.21
CA LEU F 149 39.38 -32.71 -45.58
C LEU F 149 39.07 -33.83 -44.57
N ASP F 150 40.08 -34.36 -43.89
CA ASP F 150 39.83 -35.30 -42.79
C ASP F 150 39.69 -34.56 -41.47
N THR F 151 40.64 -33.70 -41.18
CA THR F 151 40.62 -32.96 -39.95
C THR F 151 39.35 -32.19 -39.67
N ALA F 152 38.88 -31.42 -40.65
CA ALA F 152 37.81 -30.47 -40.39
C ALA F 152 36.55 -31.22 -39.97
N PRO F 153 35.79 -30.68 -39.01
CA PRO F 153 34.71 -31.49 -38.53
C PRO F 153 33.51 -31.53 -39.46
N VAL F 154 33.39 -30.54 -40.37
CA VAL F 154 32.21 -30.36 -41.25
C VAL F 154 32.66 -29.88 -42.61
N LEU F 155 32.18 -30.54 -43.66
CA LEU F 155 32.46 -30.00 -45.00
C LEU F 155 31.15 -29.56 -45.56
N ILE F 156 31.10 -28.33 -46.08
CA ILE F 156 29.96 -27.86 -46.87
C ILE F 156 30.27 -27.88 -48.36
N LEU F 157 29.50 -28.61 -49.14
CA LEU F 157 29.64 -28.61 -50.62
C LEU F 157 28.46 -27.88 -51.25
N ILE F 158 28.74 -26.72 -51.85
CA ILE F 158 27.73 -25.92 -52.49
C ILE F 158 27.55 -26.32 -53.96
N PHE F 159 26.34 -26.78 -54.26
CA PHE F 159 25.99 -27.24 -55.61
C PHE F 159 25.02 -26.26 -56.24
N LYS F 160 25.35 -25.77 -57.42
CA LYS F 160 24.36 -25.04 -58.24
C LYS F 160 23.46 -26.07 -58.96
N GLN F 161 22.18 -25.72 -59.04
CA GLN F 161 21.17 -26.51 -59.75
C GLN F 161 21.09 -25.84 -61.09
N VAL F 162 21.61 -26.49 -62.15
CA VAL F 162 21.71 -25.81 -63.46
C VAL F 162 20.33 -25.52 -64.01
N HIS F 163 19.39 -26.38 -63.67
CA HIS F 163 17.97 -26.11 -63.85
C HIS F 163 17.34 -26.82 -62.68
N GLY F 164 16.00 -26.77 -62.56
CA GLY F 164 15.25 -27.36 -61.44
C GLY F 164 13.89 -27.89 -61.86
N PHE F 165 13.09 -28.36 -60.90
CA PHE F 165 11.76 -28.92 -61.17
C PHE F 165 10.63 -28.30 -60.35
N ALA F 166 9.45 -28.14 -60.97
CA ALA F 166 8.35 -27.69 -60.12
C ALA F 166 7.72 -28.93 -59.48
N ALA F 167 7.00 -28.71 -58.37
CA ALA F 167 6.06 -29.71 -57.83
C ALA F 167 5.61 -30.73 -58.92
N ASN F 168 5.15 -30.22 -60.07
CA ASN F 168 4.55 -31.04 -61.10
C ASN F 168 5.54 -31.65 -62.11
N GLY F 169 6.83 -31.66 -61.76
CA GLY F 169 7.82 -32.41 -62.52
C GLY F 169 8.27 -31.89 -63.87
N LYS F 170 7.71 -30.77 -64.32
CA LYS F 170 8.28 -30.12 -65.48
C LYS F 170 9.48 -29.19 -65.08
N LYS F 171 10.47 -29.18 -65.97
CA LYS F 171 11.66 -28.36 -65.89
C LYS F 171 11.39 -26.89 -65.62
N LYS F 172 12.23 -26.26 -64.84
CA LYS F 172 12.20 -24.82 -64.83
C LYS F 172 13.61 -24.31 -65.08
N VAL F 173 13.71 -23.09 -65.60
CA VAL F 173 14.96 -22.48 -66.01
C VAL F 173 15.53 -21.72 -64.81
N HIS F 174 16.83 -21.89 -64.59
CA HIS F 174 17.50 -21.20 -63.48
C HIS F 174 18.38 -20.09 -63.99
N TYR F 175 17.73 -18.98 -64.32
CA TYR F 175 18.35 -17.77 -64.77
C TYR F 175 19.48 -17.38 -63.84
N TYR F 176 20.69 -17.37 -64.39
CA TYR F 176 21.89 -16.94 -63.72
C TYR F 176 22.15 -17.76 -62.45
N ASN F 177 22.25 -19.07 -62.60
CA ASN F 177 22.37 -19.87 -61.42
C ASN F 177 23.76 -19.64 -60.77
N GLU F 178 24.82 -19.76 -61.58
CA GLU F 178 26.15 -19.49 -61.08
C GLU F 178 26.33 -18.18 -60.26
N ILE F 179 26.03 -17.02 -60.85
CA ILE F 179 26.03 -15.79 -60.09
C ILE F 179 25.15 -15.85 -58.80
N SER F 180 23.95 -16.44 -58.84
CA SER F 180 23.06 -16.56 -57.65
C SER F 180 23.66 -17.38 -56.53
N VAL F 181 24.22 -18.53 -56.88
CA VAL F 181 24.73 -19.45 -55.89
C VAL F 181 26.04 -18.86 -55.35
N SER F 182 26.80 -18.26 -56.26
CA SER F 182 28.02 -17.59 -55.92
C SER F 182 27.73 -16.54 -54.90
N ILE F 183 26.73 -15.71 -55.16
CA ILE F 183 26.26 -14.71 -54.20
C ILE F 183 25.92 -15.36 -52.84
N ALA F 184 25.14 -16.46 -52.83
CA ALA F 184 24.66 -17.06 -51.58
C ALA F 184 25.85 -17.46 -50.74
N CYS F 185 26.81 -17.98 -51.47
CA CYS F 185 28.02 -18.41 -50.93
C CYS F 185 28.78 -17.24 -50.27
N GLY F 186 28.83 -16.11 -50.93
CA GLY F 186 29.23 -14.86 -50.30
C GLY F 186 28.54 -14.63 -48.97
N LEU F 187 27.22 -14.78 -48.91
CA LEU F 187 26.52 -14.72 -47.62
C LEU F 187 26.97 -15.77 -46.61
N LEU F 188 27.12 -17.01 -47.01
CA LEU F 188 27.70 -18.05 -46.13
C LEU F 188 29.05 -17.59 -45.58
N LEU F 189 29.98 -17.09 -46.42
CA LEU F 189 31.29 -16.67 -45.90
C LEU F 189 31.10 -15.62 -44.85
N ALA F 190 30.33 -14.56 -45.15
CA ALA F 190 29.96 -13.60 -44.07
C ALA F 190 29.41 -14.26 -42.77
N ALA F 191 28.41 -15.12 -42.94
CA ALA F 191 27.78 -15.80 -41.82
C ALA F 191 28.81 -16.55 -40.95
N LEU F 192 29.65 -17.40 -41.60
CA LEU F 192 30.78 -18.05 -40.93
C LEU F 192 31.62 -17.06 -40.17
N GLN F 193 32.00 -15.94 -40.78
CA GLN F 193 32.87 -15.03 -40.08
C GLN F 193 32.16 -14.47 -38.85
N ASN F 194 30.91 -14.08 -39.00
CA ASN F 194 30.16 -13.51 -37.89
C ASN F 194 30.14 -14.46 -36.66
N ALA F 195 30.05 -15.76 -36.94
CA ALA F 195 29.88 -16.84 -35.94
C ALA F 195 31.20 -17.40 -35.40
N GLY F 196 32.32 -16.84 -35.85
CA GLY F 196 33.62 -17.23 -35.35
C GLY F 196 34.23 -18.54 -35.87
N LEU F 197 33.85 -19.00 -37.07
CA LEU F 197 34.46 -20.15 -37.69
C LEU F 197 35.31 -19.72 -38.87
N VAL F 198 35.91 -20.68 -39.55
CA VAL F 198 36.85 -20.37 -40.65
C VAL F 198 36.76 -21.47 -41.67
N THR F 199 37.20 -21.13 -42.86
CA THR F 199 37.20 -22.06 -43.95
C THR F 199 38.17 -21.59 -45.04
N VAL F 200 38.18 -22.31 -46.15
CA VAL F 200 38.77 -21.79 -47.34
C VAL F 200 37.82 -22.14 -48.51
N THR F 201 37.46 -21.14 -49.30
CA THR F 201 36.79 -21.36 -50.53
C THR F 201 37.64 -22.21 -51.48
N THR F 202 37.23 -23.42 -51.79
CA THR F 202 38.08 -24.22 -52.65
C THR F 202 37.35 -24.71 -53.86
N THR F 203 37.99 -24.63 -55.01
CA THR F 203 37.42 -25.20 -56.20
C THR F 203 38.20 -26.45 -56.57
N PRO F 204 37.67 -27.62 -56.23
CA PRO F 204 38.46 -28.78 -56.56
C PRO F 204 38.29 -29.11 -58.06
N LEU F 205 39.11 -28.55 -58.93
CA LEU F 205 39.01 -28.82 -60.40
C LEU F 205 38.99 -30.31 -60.82
N ASN F 206 38.09 -30.68 -61.74
CA ASN F 206 37.82 -32.06 -62.25
C ASN F 206 37.33 -33.08 -61.25
N CYS F 207 36.81 -32.62 -60.12
CA CYS F 207 36.36 -33.50 -59.06
C CYS F 207 34.88 -33.66 -59.05
N GLY F 208 34.22 -32.70 -59.69
CA GLY F 208 32.79 -32.39 -59.52
C GLY F 208 31.89 -33.56 -59.82
N PRO F 209 32.08 -34.22 -61.00
CA PRO F 209 31.40 -35.48 -61.35
C PRO F 209 31.52 -36.59 -60.30
N ARG F 210 32.73 -37.04 -60.04
CA ARG F 210 32.95 -38.04 -59.01
C ARG F 210 32.37 -37.73 -57.64
N LEU F 211 32.38 -36.48 -57.24
CA LEU F 211 31.82 -36.10 -55.94
C LEU F 211 30.29 -36.06 -55.99
N ARG F 212 29.75 -35.74 -57.16
CA ARG F 212 28.33 -35.63 -57.31
C ARG F 212 27.72 -37.00 -57.10
N VAL F 213 28.35 -38.00 -57.71
CA VAL F 213 27.90 -39.37 -57.63
C VAL F 213 28.12 -39.85 -56.20
N LEU F 214 29.34 -39.69 -55.69
CA LEU F 214 29.61 -40.17 -54.36
C LEU F 214 28.64 -39.59 -53.30
N LEU F 215 28.05 -38.43 -53.53
CA LEU F 215 27.13 -37.91 -52.52
C LEU F 215 25.68 -38.11 -52.94
N GLY F 216 25.54 -38.87 -54.02
CA GLY F 216 24.26 -39.16 -54.66
C GLY F 216 23.42 -37.95 -54.96
N ARG F 217 23.97 -36.93 -55.62
CA ARG F 217 23.17 -35.76 -55.97
C ARG F 217 22.64 -35.88 -57.39
N PRO F 218 21.49 -35.29 -57.66
CA PRO F 218 20.81 -35.56 -58.96
C PRO F 218 21.60 -34.94 -60.12
N SER F 219 21.39 -35.41 -61.34
CA SER F 219 22.40 -35.13 -62.37
C SER F 219 22.37 -33.68 -62.76
N HIS F 220 21.27 -33.01 -62.45
CA HIS F 220 21.19 -31.59 -62.69
C HIS F 220 21.91 -30.66 -61.68
N GLU F 221 22.64 -31.22 -60.71
CA GLU F 221 23.51 -30.40 -59.89
C GLU F 221 24.99 -30.50 -60.25
N LYS F 222 25.69 -29.40 -60.09
CA LYS F 222 27.12 -29.29 -60.40
C LYS F 222 27.69 -28.58 -59.23
N LEU F 223 28.70 -29.20 -58.65
CA LEU F 223 29.50 -28.64 -57.59
C LEU F 223 30.16 -27.37 -58.06
N LEU F 224 29.98 -26.32 -57.24
CA LEU F 224 30.65 -25.03 -57.40
C LEU F 224 31.90 -24.97 -56.52
N VAL F 225 31.69 -25.07 -55.21
CA VAL F 225 32.69 -24.73 -54.25
C VAL F 225 32.57 -25.68 -53.06
N LEU F 226 33.61 -25.78 -52.24
CA LEU F 226 33.68 -26.79 -51.16
C LEU F 226 34.40 -26.08 -50.05
N LEU F 227 33.84 -26.14 -48.84
CA LEU F 227 34.32 -25.33 -47.73
C LEU F 227 34.52 -26.15 -46.48
N PRO F 228 35.81 -26.39 -46.07
CA PRO F 228 35.98 -27.10 -44.81
C PRO F 228 35.71 -26.10 -43.68
N VAL F 229 34.84 -26.44 -42.75
CA VAL F 229 34.46 -25.47 -41.75
C VAL F 229 34.91 -25.91 -40.39
N GLY F 230 35.35 -24.96 -39.57
CA GLY F 230 35.83 -25.28 -38.24
C GLY F 230 36.59 -24.15 -37.59
N TYR F 231 37.31 -24.47 -36.53
CA TYR F 231 38.16 -23.44 -35.92
C TYR F 231 39.53 -23.63 -36.52
N PRO F 232 40.38 -22.60 -36.46
CA PRO F 232 41.75 -22.83 -36.90
C PRO F 232 42.43 -23.89 -36.06
N SER F 233 43.27 -24.71 -36.69
CA SER F 233 44.40 -25.32 -36.00
C SER F 233 45.11 -24.30 -35.14
N ARG F 234 45.62 -24.79 -34.02
CA ARG F 234 46.31 -23.94 -33.06
C ARG F 234 47.59 -23.43 -33.74
N ASP F 235 48.20 -24.30 -34.54
CA ASP F 235 49.40 -23.96 -35.30
C ASP F 235 49.22 -23.02 -36.51
N ALA F 236 47.98 -22.76 -36.92
CA ALA F 236 47.64 -22.30 -38.29
C ALA F 236 48.28 -21.00 -38.80
N THR F 237 48.81 -21.05 -40.03
CA THR F 237 49.35 -19.86 -40.70
C THR F 237 48.41 -19.38 -41.80
N VAL F 238 48.62 -18.16 -42.28
CA VAL F 238 48.13 -17.73 -43.62
C VAL F 238 49.22 -17.02 -44.44
N PRO F 239 49.12 -17.09 -45.79
CA PRO F 239 49.95 -16.20 -46.60
C PRO F 239 49.80 -14.77 -46.10
N ASP F 240 50.86 -14.00 -46.19
CA ASP F 240 50.84 -12.66 -45.63
C ASP F 240 50.50 -11.65 -46.69
N LEU F 241 49.26 -11.70 -47.14
CA LEU F 241 48.81 -10.89 -48.27
C LEU F 241 48.22 -9.58 -47.81
N LYS F 242 48.26 -8.62 -48.71
CA LYS F 242 47.62 -7.33 -48.46
C LYS F 242 46.41 -7.14 -49.38
N ARG F 243 45.42 -6.43 -48.84
CA ARG F 243 44.23 -6.06 -49.65
C ARG F 243 44.29 -4.68 -50.30
N LYS F 244 43.70 -4.54 -51.48
CA LYS F 244 43.68 -3.24 -52.16
C LYS F 244 43.03 -2.09 -51.35
N ALA F 245 43.48 -0.86 -51.63
CA ALA F 245 42.94 0.29 -50.94
C ALA F 245 41.63 0.54 -51.61
N LEU F 246 40.80 1.36 -50.95
CA LEU F 246 39.57 1.76 -51.56
C LEU F 246 39.74 2.28 -53.01
N ASP F 247 40.72 3.16 -53.23
CA ASP F 247 40.86 3.78 -54.55
C ASP F 247 41.41 2.77 -55.59
N GLN F 248 41.76 1.58 -55.17
CA GLN F 248 42.18 0.66 -56.16
C GLN F 248 41.00 -0.18 -56.63
N ILE F 249 39.86 -0.01 -55.97
CA ILE F 249 38.74 -0.85 -56.32
C ILE F 249 37.55 -0.04 -56.76
N MET F 250 37.41 1.15 -56.15
CA MET F 250 36.25 2.04 -56.35
C MET F 250 36.57 3.27 -57.24
N VAL F 251 35.68 3.56 -58.18
CA VAL F 251 35.86 4.61 -59.17
C VAL F 251 34.56 5.37 -59.05
N THR F 252 34.60 6.69 -58.89
CA THR F 252 33.34 7.50 -58.82
C THR F 252 33.20 8.45 -60.02
N VAL F 253 31.99 8.50 -60.60
CA VAL F 253 31.57 9.60 -61.54
C VAL F 253 30.65 10.67 -60.86
N SER G 34 3.21 30.70 -40.54
CA SER G 34 1.77 30.35 -40.66
C SER G 34 1.43 28.86 -40.79
N VAL G 35 1.76 28.15 -41.90
CA VAL G 35 1.09 26.84 -42.24
C VAL G 35 1.99 25.54 -42.30
N GLU G 36 1.70 24.56 -43.20
CA GLU G 36 2.66 23.51 -43.67
C GLU G 36 2.33 22.00 -43.45
N HIS G 37 2.13 21.18 -44.51
CA HIS G 37 1.54 19.80 -44.37
C HIS G 37 2.19 18.55 -45.02
N ILE G 38 2.45 17.51 -44.23
CA ILE G 38 3.33 16.42 -44.65
C ILE G 38 2.59 15.09 -44.80
N PRO G 39 3.00 14.21 -45.74
CA PRO G 39 2.38 12.87 -45.91
C PRO G 39 2.24 12.13 -44.59
N PHE G 40 1.12 11.41 -44.40
CA PHE G 40 0.94 10.66 -43.16
C PHE G 40 1.32 9.17 -43.23
N SER G 41 2.13 8.79 -42.24
CA SER G 41 2.75 7.47 -42.18
C SER G 41 2.03 6.61 -41.18
N HIS G 42 1.59 5.44 -41.63
CA HIS G 42 0.85 4.61 -40.73
C HIS G 42 1.31 3.16 -40.64
N THR G 43 1.73 2.79 -39.42
CA THR G 43 1.94 1.40 -38.98
C THR G 43 0.66 0.52 -38.96
N ARG G 44 0.28 -0.06 -40.08
CA ARG G 44 -0.90 -0.91 -40.12
C ARG G 44 -0.60 -2.32 -39.64
N TYR G 45 -1.44 -2.88 -38.77
CA TYR G 45 -1.30 -4.30 -38.41
C TYR G 45 -2.32 -5.14 -39.18
N PRO G 46 -1.99 -6.40 -39.50
CA PRO G 46 -3.03 -7.31 -40.02
C PRO G 46 -4.19 -7.44 -39.06
N GLU G 47 -5.32 -7.91 -39.58
CA GLU G 47 -6.57 -7.99 -38.85
C GLU G 47 -6.51 -8.82 -37.56
N GLN G 48 -5.74 -9.90 -37.63
CA GLN G 48 -5.57 -10.81 -36.51
C GLN G 48 -4.98 -10.08 -35.32
N GLU G 49 -3.86 -9.43 -35.57
CA GLU G 49 -3.12 -8.72 -34.53
C GLU G 49 -3.95 -7.56 -33.90
N MET G 50 -4.64 -6.83 -34.78
CA MET G 50 -5.60 -5.78 -34.41
C MET G 50 -6.62 -6.31 -33.44
N ARG G 51 -7.15 -7.48 -33.74
CA ARG G 51 -8.15 -8.11 -32.88
C ARG G 51 -7.48 -8.50 -31.56
N MET G 52 -6.20 -8.86 -31.63
CA MET G 52 -5.48 -9.33 -30.43
C MET G 52 -4.92 -8.24 -29.53
N ARG G 53 -4.25 -7.24 -30.10
CA ARG G 53 -3.73 -6.11 -29.32
C ARG G 53 -4.86 -5.39 -28.57
N SER G 54 -6.05 -5.40 -29.16
CA SER G 54 -7.18 -4.66 -28.65
C SER G 54 -7.90 -5.39 -27.53
N GLN G 55 -7.92 -6.73 -27.59
CA GLN G 55 -8.41 -7.52 -26.48
C GLN G 55 -7.37 -7.42 -25.36
N GLU G 56 -6.09 -7.51 -25.72
CA GLU G 56 -5.00 -7.21 -24.77
C GLU G 56 -5.20 -5.89 -24.02
N PHE G 57 -5.27 -4.79 -24.74
CA PHE G 57 -5.40 -3.46 -24.12
C PHE G 57 -6.59 -3.30 -23.18
N TYR G 58 -7.74 -3.81 -23.58
CA TYR G 58 -8.84 -3.79 -22.65
C TYR G 58 -8.61 -4.64 -21.37
N GLU G 59 -8.10 -5.88 -21.50
CA GLU G 59 -7.75 -6.70 -20.32
C GLU G 59 -6.83 -5.93 -19.37
N LEU G 60 -5.70 -5.46 -19.89
CA LEU G 60 -4.87 -4.47 -19.21
C LEU G 60 -5.66 -3.34 -18.50
N LEU G 61 -6.49 -2.63 -19.27
CA LEU G 61 -7.19 -1.47 -18.77
C LEU G 61 -8.22 -1.79 -17.71
N ASN G 62 -8.91 -2.93 -17.83
CA ASN G 62 -9.97 -3.31 -16.89
C ASN G 62 -9.41 -3.56 -15.50
N LYS G 63 -8.12 -3.86 -15.44
CA LYS G 63 -7.47 -4.02 -14.14
C LYS G 63 -7.29 -2.71 -13.35
N ARG G 64 -7.23 -1.57 -14.02
CA ARG G 64 -7.07 -0.30 -13.32
C ARG G 64 -8.23 -0.04 -12.37
N ARG G 65 -7.94 0.43 -11.17
CA ARG G 65 -8.97 0.81 -10.20
C ARG G 65 -8.37 1.94 -9.41
N SER G 66 -9.23 2.88 -8.99
CA SER G 66 -8.82 3.94 -8.08
C SER G 66 -8.35 3.29 -6.78
N VAL G 67 -7.14 3.62 -6.31
CA VAL G 67 -6.63 3.12 -5.05
C VAL G 67 -6.40 4.30 -4.08
N ARG G 68 -6.93 4.17 -2.87
CA ARG G 68 -6.91 5.26 -1.90
C ARG G 68 -5.87 5.03 -0.79
N PHE G 69 -5.03 4.03 -0.98
CA PHE G 69 -4.03 3.74 0.01
C PHE G 69 -2.76 3.39 -0.76
N ILE G 70 -1.73 4.20 -0.49
CA ILE G 70 -0.59 4.17 -1.33
C ILE G 70 0.71 3.97 -0.57
N SER G 71 1.51 3.02 -1.05
CA SER G 71 2.77 2.66 -0.42
C SER G 71 3.61 3.91 -0.36
N SER G 72 4.48 4.03 0.62
CA SER G 72 5.30 5.23 0.62
C SER G 72 6.68 4.98 -0.04
N GLU G 73 6.88 3.71 -0.38
CA GLU G 73 7.94 3.20 -1.28
C GLU G 73 8.19 4.04 -2.53
N HIS G 74 9.40 4.55 -2.67
CA HIS G 74 9.91 5.25 -3.88
C HIS G 74 9.54 4.67 -5.24
N VAL G 75 9.18 5.55 -6.19
CA VAL G 75 9.08 5.19 -7.62
C VAL G 75 10.11 5.92 -8.55
N PRO G 76 10.66 5.18 -9.52
CA PRO G 76 11.70 5.71 -10.44
C PRO G 76 11.19 6.88 -11.29
N MET G 77 11.80 8.05 -11.07
CA MET G 77 11.42 9.27 -11.77
C MET G 77 11.33 9.15 -13.30
N GLU G 78 12.18 8.36 -13.96
CA GLU G 78 12.11 8.29 -15.43
C GLU G 78 10.72 7.84 -15.81
N VAL G 79 10.18 6.94 -15.00
CA VAL G 79 8.82 6.47 -15.25
C VAL G 79 7.82 7.61 -15.15
N ILE G 80 7.93 8.41 -14.11
CA ILE G 80 7.00 9.47 -13.95
C ILE G 80 7.09 10.38 -15.16
N GLU G 81 8.30 10.70 -15.53
CA GLU G 81 8.48 11.56 -16.68
C GLU G 81 7.87 10.97 -17.93
N ASN G 82 8.15 9.68 -18.18
CA ASN G 82 7.53 8.97 -19.28
C ASN G 82 5.99 8.92 -19.30
N VAL G 83 5.36 8.84 -18.12
CA VAL G 83 3.87 8.85 -18.10
C VAL G 83 3.35 10.24 -18.43
N ILE G 84 4.08 11.27 -18.02
CA ILE G 84 3.65 12.64 -18.36
C ILE G 84 4.00 12.92 -19.82
N LYS G 85 5.11 12.41 -20.29
CA LYS G 85 5.38 12.40 -21.74
C LYS G 85 4.18 11.86 -22.52
N ALA G 86 3.63 10.72 -22.11
CA ALA G 86 2.43 10.12 -22.71
C ALA G 86 1.23 11.02 -22.72
N ALA G 87 0.98 11.70 -21.61
CA ALA G 87 -0.23 12.46 -21.45
C ALA G 87 -0.13 13.60 -22.42
N GLY G 88 1.13 14.03 -22.63
CA GLY G 88 1.43 15.21 -23.45
C GLY G 88 1.21 14.96 -24.92
N THR G 89 1.02 13.68 -25.30
CA THR G 89 0.74 13.34 -26.68
C THR G 89 -0.76 13.49 -27.07
N ALA G 90 -1.55 14.11 -26.19
CA ALA G 90 -3.00 14.26 -26.40
C ALA G 90 -3.37 15.32 -27.45
N PRO G 91 -4.50 15.14 -28.14
CA PRO G 91 -5.03 16.25 -28.93
C PRO G 91 -5.52 17.36 -28.01
N SER G 92 -5.72 18.54 -28.56
CA SER G 92 -6.06 19.71 -27.81
C SER G 92 -6.73 20.48 -28.88
N GLY G 93 -7.73 21.27 -28.52
CA GLY G 93 -8.45 22.02 -29.53
C GLY G 93 -7.48 22.96 -30.20
N ALA G 94 -7.18 22.70 -31.49
CA ALA G 94 -6.38 23.65 -32.29
C ALA G 94 -4.90 23.69 -31.82
N HIS G 95 -4.46 22.60 -31.24
CA HIS G 95 -3.01 22.41 -30.93
C HIS G 95 -2.56 23.56 -30.03
N THR G 96 -3.18 23.66 -28.87
CA THR G 96 -2.90 24.68 -27.91
C THR G 96 -2.16 23.98 -26.75
N GLU G 97 -2.42 22.67 -26.60
CA GLU G 97 -1.80 21.89 -25.53
C GLU G 97 -1.82 22.57 -24.17
N PRO G 98 -3.01 22.94 -23.65
CA PRO G 98 -3.23 23.82 -22.49
C PRO G 98 -3.07 23.15 -21.14
N TRP G 99 -2.08 22.30 -21.00
CA TRP G 99 -1.93 21.59 -19.74
C TRP G 99 -0.57 21.81 -19.05
N THR G 100 -0.59 22.11 -17.73
CA THR G 100 0.59 22.03 -16.87
C THR G 100 0.41 20.84 -15.88
N PHE G 101 1.39 19.92 -15.90
CA PHE G 101 1.48 18.79 -14.98
C PHE G 101 2.47 19.05 -13.82
N VAL G 102 1.99 19.50 -12.67
CA VAL G 102 2.85 19.86 -11.53
C VAL G 102 3.18 18.64 -10.62
N VAL G 103 4.44 18.41 -10.32
CA VAL G 103 4.88 17.19 -9.68
C VAL G 103 5.46 17.49 -8.30
N VAL G 104 4.91 16.90 -7.27
CA VAL G 104 5.30 17.25 -5.91
C VAL G 104 5.83 16.03 -5.16
N LYS G 105 7.15 15.97 -4.92
CA LYS G 105 7.82 14.91 -4.16
C LYS G 105 8.19 15.37 -2.75
N ASP G 106 8.29 16.67 -2.53
CA ASP G 106 8.78 17.18 -1.26
C ASP G 106 7.78 16.94 -0.13
N PRO G 107 8.20 16.21 0.93
CA PRO G 107 7.37 15.88 2.10
C PRO G 107 6.81 17.09 2.80
N ASP G 108 7.61 18.13 2.93
CA ASP G 108 7.07 19.36 3.49
C ASP G 108 5.95 19.94 2.65
N MET G 109 6.01 19.68 1.34
CA MET G 109 5.08 20.31 0.39
C MET G 109 3.82 19.48 0.40
N LYS G 110 4.02 18.18 0.20
CA LYS G 110 2.99 17.20 0.33
C LYS G 110 2.20 17.41 1.63
N HIS G 111 2.87 17.59 2.77
CA HIS G 111 2.12 17.91 4.01
C HIS G 111 1.26 19.15 3.93
N LYS G 112 1.83 20.24 3.37
CA LYS G 112 1.10 21.50 3.27
C LYS G 112 -0.06 21.34 2.32
N ILE G 113 0.06 20.45 1.35
CA ILE G 113 -1.09 20.11 0.48
C ILE G 113 -2.17 19.37 1.25
N ARG G 114 -1.77 18.41 2.07
CA ARG G 114 -2.74 17.70 2.93
C ARG G 114 -3.45 18.63 3.91
N GLU G 115 -2.72 19.57 4.52
CA GLU G 115 -3.38 20.57 5.34
C GLU G 115 -4.54 21.18 4.60
N ILE G 116 -4.30 21.64 3.36
CA ILE G 116 -5.35 22.38 2.64
C ILE G 116 -6.53 21.47 2.32
N ILE G 117 -6.26 20.36 1.65
CA ILE G 117 -7.36 19.49 1.23
C ILE G 117 -8.20 19.08 2.45
N GLU G 118 -7.62 18.37 3.42
CA GLU G 118 -8.37 17.95 4.63
C GLU G 118 -9.15 19.06 5.26
N GLU G 119 -8.56 20.24 5.35
CA GLU G 119 -9.32 21.37 5.88
C GLU G 119 -10.55 21.66 5.01
N GLU G 120 -10.35 21.82 3.71
CA GLU G 120 -11.41 22.25 2.82
C GLU G 120 -12.42 21.13 2.58
N GLU G 121 -11.97 19.89 2.50
CA GLU G 121 -12.89 18.79 2.43
C GLU G 121 -13.71 18.70 3.71
N GLU G 122 -13.13 18.98 4.87
CA GLU G 122 -13.91 18.83 6.09
C GLU G 122 -15.19 19.68 6.01
N ILE G 123 -15.03 20.91 5.51
CA ILE G 123 -16.11 21.87 5.33
C ILE G 123 -16.99 21.50 4.14
N ASN G 124 -16.36 20.87 3.13
CA ASN G 124 -17.06 20.30 1.96
C ASN G 124 -18.05 19.25 2.40
N TYR G 125 -17.71 18.48 3.44
CA TYR G 125 -18.52 17.36 3.86
C TYR G 125 -19.71 17.74 4.67
N MET G 126 -19.69 18.84 5.36
CA MET G 126 -20.78 19.09 6.29
C MET G 126 -21.64 20.31 5.94
N LYS G 127 -21.16 21.13 5.01
CA LYS G 127 -21.98 22.23 4.48
C LYS G 127 -22.17 22.13 2.97
N ARG G 128 -21.09 22.10 2.20
CA ARG G 128 -21.21 22.62 0.83
C ARG G 128 -21.41 21.65 -0.34
N MET G 129 -20.90 20.42 -0.19
CA MET G 129 -21.23 19.34 -1.12
C MET G 129 -22.74 19.10 -1.06
N GLY G 130 -23.30 19.14 0.15
CA GLY G 130 -24.76 19.02 0.36
C GLY G 130 -25.19 17.58 0.50
N LYS G 131 -26.39 17.37 1.08
CA LYS G 131 -26.88 16.06 1.48
C LYS G 131 -26.77 14.93 0.42
N ARG G 132 -27.21 15.19 -0.81
CA ARG G 132 -27.32 14.13 -1.84
C ARG G 132 -25.98 13.49 -2.19
N TRP G 133 -24.99 14.34 -2.45
CA TRP G 133 -23.60 13.98 -2.72
C TRP G 133 -22.94 13.14 -1.61
N VAL G 134 -23.12 13.55 -0.37
CA VAL G 134 -22.60 12.81 0.76
C VAL G 134 -23.26 11.43 0.86
N THR G 135 -24.59 11.39 0.76
CA THR G 135 -25.36 10.14 0.74
C THR G 135 -24.87 9.21 -0.38
N ASP G 136 -24.66 9.76 -1.58
CA ASP G 136 -24.03 9.06 -2.75
C ASP G 136 -22.55 8.58 -2.60
N LEU G 137 -21.82 9.12 -1.62
CA LEU G 137 -20.40 8.78 -1.33
C LEU G 137 -20.17 7.88 -0.10
N LYS G 138 -21.26 7.40 0.50
CA LYS G 138 -21.21 6.65 1.76
C LYS G 138 -20.67 5.27 1.50
N LYS G 139 -21.32 4.62 0.54
CA LYS G 139 -20.84 3.51 -0.29
C LYS G 139 -19.33 3.36 -0.51
N LEU G 140 -18.60 4.46 -0.67
CA LEU G 140 -17.17 4.34 -1.01
C LEU G 140 -16.30 4.66 0.20
N ARG G 141 -16.99 5.10 1.26
CA ARG G 141 -16.45 5.26 2.59
C ARG G 141 -15.36 6.28 2.72
N THR G 142 -15.28 7.21 1.78
CA THR G 142 -14.32 8.29 1.89
C THR G 142 -14.82 9.40 2.82
N ASN G 143 -13.88 10.10 3.44
CA ASN G 143 -14.20 11.26 4.27
C ASN G 143 -13.13 12.36 4.05
N TRP G 144 -12.92 13.27 5.00
CA TRP G 144 -11.95 14.33 4.73
C TRP G 144 -10.50 13.99 5.10
N ILE G 145 -10.27 12.86 5.78
CA ILE G 145 -8.90 12.45 6.05
C ILE G 145 -8.30 11.78 4.79
N LYS G 146 -7.19 12.31 4.29
CA LYS G 146 -6.53 11.77 3.08
C LYS G 146 -5.07 11.47 3.36
N GLU G 147 -4.81 10.39 4.07
CA GLU G 147 -3.44 9.93 4.33
C GLU G 147 -2.55 9.76 3.05
N TYR G 148 -3.13 9.52 1.88
CA TYR G 148 -2.28 9.28 0.69
C TYR G 148 -1.50 10.54 0.26
N LEU G 149 -1.98 11.70 0.70
CA LEU G 149 -1.30 12.94 0.44
C LEU G 149 0.10 13.00 1.07
N ASP G 150 0.26 12.48 2.31
CA ASP G 150 1.59 12.28 2.90
C ASP G 150 2.23 10.98 2.48
N THR G 151 1.47 9.91 2.18
CA THR G 151 2.19 8.65 1.95
C THR G 151 2.74 8.48 0.55
N ALA G 152 2.01 8.92 -0.45
CA ALA G 152 2.42 8.72 -1.83
C ALA G 152 3.82 9.31 -2.10
N PRO G 153 4.66 8.54 -2.80
CA PRO G 153 5.96 9.15 -3.06
C PRO G 153 5.78 10.48 -3.84
N VAL G 154 4.84 10.48 -4.80
CA VAL G 154 4.59 11.56 -5.76
C VAL G 154 3.10 12.04 -5.74
N LEU G 155 2.85 13.36 -5.80
CA LEU G 155 1.54 13.84 -6.24
C LEU G 155 1.65 14.54 -7.61
N ILE G 156 0.61 14.40 -8.41
CA ILE G 156 0.54 15.02 -9.70
C ILE G 156 -0.69 15.91 -9.65
N LEU G 157 -0.45 17.18 -9.82
CA LEU G 157 -1.54 18.10 -10.02
C LEU G 157 -1.57 18.56 -11.48
N ILE G 158 -2.70 18.26 -12.14
CA ILE G 158 -2.97 18.64 -13.51
C ILE G 158 -3.78 19.93 -13.50
N PHE G 159 -3.15 20.99 -13.97
CA PHE G 159 -3.77 22.30 -14.11
C PHE G 159 -4.12 22.49 -15.57
N LYS G 160 -5.33 22.96 -15.84
CA LYS G 160 -5.62 23.46 -17.21
C LYS G 160 -5.17 24.90 -17.29
N GLN G 161 -4.71 25.31 -18.47
CA GLN G 161 -4.49 26.71 -18.76
C GLN G 161 -5.75 27.23 -19.45
N VAL G 162 -6.53 28.06 -18.75
CA VAL G 162 -7.79 28.56 -19.35
C VAL G 162 -7.56 29.47 -20.57
N HIS G 163 -6.34 30.00 -20.65
CA HIS G 163 -5.79 30.67 -21.83
C HIS G 163 -4.28 30.56 -21.74
N GLY G 164 -3.57 31.00 -22.77
CA GLY G 164 -2.12 30.89 -22.83
C GLY G 164 -1.51 32.18 -23.37
N PHE G 165 -0.21 32.14 -23.67
CA PHE G 165 0.50 33.32 -24.13
C PHE G 165 1.46 32.99 -25.21
N ALA G 166 1.36 33.71 -26.33
CA ALA G 166 2.12 33.39 -27.54
C ALA G 166 3.66 33.30 -27.39
N ALA G 167 4.32 34.43 -27.16
CA ALA G 167 5.79 34.55 -27.25
C ALA G 167 6.03 36.05 -27.18
N ASN G 168 5.41 36.75 -28.13
CA ASN G 168 5.05 38.15 -28.09
C ASN G 168 4.12 38.53 -26.93
N GLY G 169 3.80 37.54 -26.10
CA GLY G 169 3.07 37.80 -24.85
C GLY G 169 1.64 38.25 -25.06
N LYS G 170 1.20 38.07 -26.31
CA LYS G 170 -0.21 38.19 -26.71
C LYS G 170 -1.00 37.03 -26.10
N LYS G 171 -2.06 37.39 -25.38
CA LYS G 171 -3.03 36.38 -24.87
C LYS G 171 -3.56 35.48 -26.01
N LYS G 172 -3.55 34.17 -25.78
CA LYS G 172 -3.79 33.14 -26.80
C LYS G 172 -4.99 32.32 -26.27
N VAL G 173 -6.03 32.11 -27.12
CA VAL G 173 -7.34 31.49 -26.69
C VAL G 173 -7.17 29.98 -26.64
N HIS G 174 -7.70 29.38 -25.57
CA HIS G 174 -7.59 27.91 -25.41
C HIS G 174 -8.91 27.22 -25.52
N TYR G 175 -9.28 26.84 -26.75
CA TYR G 175 -10.57 26.21 -27.11
C TYR G 175 -10.70 24.83 -26.50
N TYR G 176 -11.81 24.62 -25.76
CA TYR G 176 -12.11 23.37 -25.12
C TYR G 176 -10.94 22.94 -24.24
N ASN G 177 -10.36 23.88 -23.48
CA ASN G 177 -9.25 23.55 -22.61
C ASN G 177 -9.64 22.41 -21.66
N GLU G 178 -10.76 22.54 -20.95
CA GLU G 178 -11.15 21.53 -19.97
C GLU G 178 -11.30 20.14 -20.60
N ILE G 179 -12.01 20.03 -21.68
CA ILE G 179 -12.07 18.73 -22.36
C ILE G 179 -10.69 18.19 -22.79
N SER G 180 -9.87 19.02 -23.43
CA SER G 180 -8.56 18.57 -23.91
C SER G 180 -7.67 18.07 -22.76
N VAL G 181 -7.75 18.80 -21.63
CA VAL G 181 -6.87 18.51 -20.55
C VAL G 181 -7.36 17.22 -19.88
N SER G 182 -8.68 17.02 -19.90
CA SER G 182 -9.29 15.80 -19.45
C SER G 182 -8.99 14.66 -20.36
N ILE G 183 -9.00 14.85 -21.67
CA ILE G 183 -8.47 13.80 -22.54
C ILE G 183 -7.04 13.37 -22.10
N ALA G 184 -6.17 14.35 -21.81
CA ALA G 184 -4.74 14.09 -21.51
C ALA G 184 -4.57 13.33 -20.23
N CYS G 185 -5.53 13.57 -19.38
CA CYS G 185 -5.48 13.02 -18.10
C CYS G 185 -5.91 11.56 -18.24
N GLY G 186 -6.83 11.27 -19.16
CA GLY G 186 -7.13 9.86 -19.51
C GLY G 186 -5.88 9.09 -19.96
N LEU G 187 -5.10 9.71 -20.86
CA LEU G 187 -3.88 9.10 -21.41
C LEU G 187 -2.90 8.82 -20.28
N LEU G 188 -2.93 9.72 -19.29
CA LEU G 188 -2.07 9.65 -18.14
C LEU G 188 -2.46 8.41 -17.35
N LEU G 189 -3.75 8.22 -17.11
CA LEU G 189 -4.17 7.05 -16.34
C LEU G 189 -3.82 5.74 -17.06
N ALA G 190 -3.97 5.73 -18.37
CA ALA G 190 -3.58 4.56 -19.15
C ALA G 190 -2.12 4.23 -18.97
N ALA G 191 -1.29 5.27 -19.09
CA ALA G 191 0.12 5.21 -18.89
C ALA G 191 0.52 4.69 -17.52
N LEU G 192 -0.13 5.19 -16.47
CA LEU G 192 0.06 4.70 -15.12
C LEU G 192 -0.31 3.24 -15.04
N GLN G 193 -1.53 2.89 -15.46
CA GLN G 193 -1.91 1.50 -15.40
C GLN G 193 -0.81 0.70 -16.10
N ASN G 194 -0.49 1.07 -17.35
CA ASN G 194 0.54 0.37 -18.15
C ASN G 194 1.91 0.25 -17.49
N ALA G 195 2.34 1.28 -16.77
CA ALA G 195 3.63 1.23 -16.04
C ALA G 195 3.52 0.39 -14.76
N GLY G 196 2.31 0.10 -14.34
CA GLY G 196 2.14 -0.75 -13.16
C GLY G 196 2.11 0.05 -11.89
N LEU G 197 1.75 1.33 -12.01
CA LEU G 197 1.43 2.15 -10.84
C LEU G 197 -0.08 2.21 -10.63
N VAL G 198 -0.51 2.82 -9.53
CA VAL G 198 -1.92 3.05 -9.25
C VAL G 198 -2.03 4.44 -8.69
N THR G 199 -3.27 4.91 -8.60
CA THR G 199 -3.56 6.26 -8.20
C THR G 199 -5.08 6.35 -8.04
N VAL G 200 -5.55 7.53 -7.66
CA VAL G 200 -6.97 7.76 -7.65
C VAL G 200 -7.20 9.17 -8.20
N THR G 201 -7.94 9.25 -9.30
CA THR G 201 -8.29 10.51 -9.88
C THR G 201 -9.06 11.26 -8.83
N THR G 202 -8.61 12.45 -8.43
CA THR G 202 -9.38 13.19 -7.44
C THR G 202 -9.62 14.67 -7.78
N THR G 203 -10.80 15.15 -7.44
CA THR G 203 -11.08 16.54 -7.61
C THR G 203 -11.30 17.11 -6.21
N PRO G 204 -10.29 17.77 -5.67
CA PRO G 204 -10.46 18.46 -4.38
C PRO G 204 -11.25 19.76 -4.55
N LEU G 205 -12.56 19.67 -4.31
CA LEU G 205 -13.45 20.85 -4.33
C LEU G 205 -12.97 22.07 -3.47
N ASN G 206 -13.05 23.28 -4.06
CA ASN G 206 -12.58 24.54 -3.44
C ASN G 206 -11.14 24.56 -3.03
N CYS G 207 -10.32 23.75 -3.66
CA CYS G 207 -8.92 23.76 -3.28
C CYS G 207 -8.07 24.45 -4.31
N GLY G 208 -8.65 24.71 -5.49
CA GLY G 208 -7.94 25.31 -6.60
C GLY G 208 -7.14 26.51 -6.18
N PRO G 209 -7.84 27.58 -5.78
CA PRO G 209 -7.13 28.82 -5.46
C PRO G 209 -6.02 28.65 -4.41
N ARG G 210 -6.30 28.09 -3.23
CA ARG G 210 -5.19 27.89 -2.26
C ARG G 210 -4.01 27.05 -2.74
N LEU G 211 -4.27 26.12 -3.65
CA LEU G 211 -3.22 25.25 -4.12
C LEU G 211 -2.43 25.90 -5.25
N ARG G 212 -3.12 26.76 -5.98
CA ARG G 212 -2.50 27.52 -7.06
C ARG G 212 -1.39 28.36 -6.45
N VAL G 213 -1.75 29.16 -5.45
CA VAL G 213 -0.82 30.05 -4.80
C VAL G 213 0.33 29.26 -4.18
N LEU G 214 0.02 28.37 -3.22
CA LEU G 214 1.04 27.51 -2.61
C LEU G 214 2.10 27.02 -3.54
N LEU G 215 1.74 26.60 -4.74
CA LEU G 215 2.65 25.94 -5.68
C LEU G 215 3.30 26.91 -6.68
N GLY G 216 2.83 28.14 -6.60
CA GLY G 216 3.51 29.25 -7.25
C GLY G 216 3.05 29.41 -8.67
N ARG G 217 1.82 28.97 -8.98
CA ARG G 217 1.29 28.89 -10.36
C ARG G 217 0.60 30.19 -10.84
N PRO G 218 0.62 30.47 -12.16
CA PRO G 218 0.09 31.75 -12.66
C PRO G 218 -1.44 31.83 -12.58
N SER G 219 -2.03 32.97 -12.92
CA SER G 219 -3.49 33.09 -12.84
C SER G 219 -4.18 32.30 -13.90
N HIS G 220 -3.66 32.28 -15.13
CA HIS G 220 -4.33 31.52 -16.17
C HIS G 220 -4.47 30.01 -15.89
N GLU G 221 -3.81 29.50 -14.84
CA GLU G 221 -3.88 28.10 -14.43
C GLU G 221 -4.91 27.79 -13.34
N LYS G 222 -5.64 26.68 -13.56
CA LYS G 222 -6.67 26.18 -12.64
C LYS G 222 -6.53 24.70 -12.48
N LEU G 223 -6.63 24.29 -11.22
CA LEU G 223 -6.47 22.92 -10.85
C LEU G 223 -7.66 22.12 -11.34
N LEU G 224 -7.35 21.02 -12.04
CA LEU G 224 -8.37 20.15 -12.51
C LEU G 224 -8.38 18.89 -11.63
N VAL G 225 -7.34 18.06 -11.68
CA VAL G 225 -7.32 16.87 -10.86
C VAL G 225 -6.01 16.74 -10.09
N LEU G 226 -6.02 15.90 -9.05
CA LEU G 226 -4.86 15.62 -8.25
C LEU G 226 -4.73 14.13 -8.15
N LEU G 227 -3.71 13.57 -8.78
CA LEU G 227 -3.48 12.17 -8.62
C LEU G 227 -2.39 12.01 -7.55
N PRO G 228 -2.58 11.12 -6.53
CA PRO G 228 -1.42 10.57 -5.81
C PRO G 228 -0.90 9.36 -6.55
N VAL G 229 0.39 9.30 -6.84
CA VAL G 229 0.92 8.15 -7.55
C VAL G 229 1.80 7.32 -6.60
N GLY G 230 1.80 5.99 -6.74
CA GLY G 230 2.72 5.11 -6.03
C GLY G 230 2.36 3.66 -6.31
N TYR G 231 2.80 2.78 -5.43
CA TYR G 231 2.35 1.39 -5.42
C TYR G 231 1.17 1.27 -4.41
N PRO G 232 0.30 0.23 -4.59
CA PRO G 232 -0.75 0.00 -3.60
C PRO G 232 -0.10 -0.29 -2.28
N SER G 233 -0.62 0.28 -1.19
CA SER G 233 -0.09 -0.06 0.14
C SER G 233 -0.39 -1.54 0.46
N ARG G 234 0.14 -2.05 1.56
CA ARG G 234 0.03 -3.48 1.83
C ARG G 234 -1.39 -3.93 2.13
N ASP G 235 -2.16 -3.05 2.74
CA ASP G 235 -3.54 -3.31 3.04
C ASP G 235 -4.50 -2.38 2.28
N ALA G 236 -4.18 -2.14 1.01
CA ALA G 236 -5.06 -1.39 0.12
C ALA G 236 -6.32 -2.21 -0.18
N THR G 237 -7.45 -1.56 0.00
CA THR G 237 -8.73 -2.10 -0.37
C THR G 237 -9.30 -1.28 -1.54
N VAL G 238 -10.26 -1.83 -2.26
CA VAL G 238 -11.03 -1.11 -3.29
C VAL G 238 -12.48 -1.46 -3.04
N PRO G 239 -13.42 -0.55 -3.37
CA PRO G 239 -14.80 -1.03 -3.33
C PRO G 239 -15.01 -2.13 -4.38
N ASP G 240 -15.94 -3.04 -4.12
CA ASP G 240 -16.27 -4.09 -5.07
C ASP G 240 -17.40 -3.55 -5.95
N LEU G 241 -17.06 -2.76 -6.94
CA LEU G 241 -18.05 -2.19 -7.83
C LEU G 241 -17.92 -2.88 -9.14
N LYS G 242 -18.97 -2.82 -9.95
CA LYS G 242 -18.90 -3.49 -11.25
C LYS G 242 -18.98 -2.52 -12.40
N ARG G 243 -18.40 -2.92 -13.53
CA ARG G 243 -18.48 -2.09 -14.71
C ARG G 243 -19.65 -2.53 -15.51
N LYS G 244 -20.22 -1.58 -16.26
CA LYS G 244 -21.33 -1.86 -17.16
C LYS G 244 -20.95 -2.85 -18.31
N ALA G 245 -21.94 -3.56 -18.79
CA ALA G 245 -21.79 -4.45 -19.92
C ALA G 245 -21.61 -3.59 -21.19
N LEU G 246 -20.93 -4.11 -22.22
CA LEU G 246 -20.76 -3.38 -23.50
C LEU G 246 -22.09 -2.79 -24.01
N ASP G 247 -23.09 -3.63 -24.06
CA ASP G 247 -24.44 -3.25 -24.43
C ASP G 247 -25.10 -2.19 -23.49
N GLN G 248 -24.53 -1.88 -22.32
CA GLN G 248 -25.10 -0.78 -21.49
C GLN G 248 -24.42 0.57 -21.80
N ILE G 249 -23.40 0.53 -22.63
CA ILE G 249 -22.64 1.74 -22.90
C ILE G 249 -22.52 1.98 -24.40
N MET G 250 -22.80 0.95 -25.20
CA MET G 250 -22.70 1.04 -26.67
C MET G 250 -23.98 0.79 -27.48
N VAL G 251 -24.30 1.74 -28.35
CA VAL G 251 -25.52 1.67 -29.15
C VAL G 251 -25.13 1.76 -30.61
N THR G 252 -25.42 0.71 -31.36
CA THR G 252 -25.18 0.72 -32.79
C THR G 252 -26.45 1.13 -33.51
N VAL G 253 -26.38 2.16 -34.35
CA VAL G 253 -27.59 2.80 -34.92
C VAL G 253 -27.66 2.88 -36.46
N HIS G 254 -28.57 2.05 -37.03
CA HIS G 254 -29.34 2.39 -38.24
C HIS G 254 -30.48 3.34 -37.77
N VAL H 35 -22.03 -1.58 -0.31
CA VAL H 35 -21.04 -2.40 -1.05
C VAL H 35 -19.81 -2.73 -0.20
N GLU H 36 -19.28 -3.93 -0.42
CA GLU H 36 -18.11 -4.46 0.24
C GLU H 36 -16.78 -3.90 -0.27
N HIS H 37 -15.77 -3.91 0.59
CA HIS H 37 -14.47 -3.38 0.32
C HIS H 37 -13.53 -4.56 0.43
N ILE H 38 -12.82 -4.87 -0.63
CA ILE H 38 -12.14 -6.14 -0.75
C ILE H 38 -10.68 -5.85 -1.01
N PRO H 39 -9.80 -6.73 -0.53
CA PRO H 39 -8.38 -6.36 -0.52
C PRO H 39 -7.88 -6.23 -1.93
N PHE H 40 -7.25 -5.10 -2.23
CA PHE H 40 -6.77 -4.90 -3.58
C PHE H 40 -5.41 -5.53 -3.81
N SER H 41 -5.39 -6.57 -4.65
CA SER H 41 -4.14 -7.18 -5.19
C SER H 41 -3.70 -6.45 -6.45
N HIS H 42 -2.49 -6.72 -6.90
CA HIS H 42 -1.94 -5.88 -7.93
C HIS H 42 -0.73 -6.52 -8.58
N THR H 43 -0.67 -6.50 -9.90
CA THR H 43 0.57 -7.02 -10.50
C THR H 43 1.64 -5.92 -10.62
N ARG H 44 2.81 -6.17 -10.01
CA ARG H 44 3.95 -5.28 -10.02
C ARG H 44 5.06 -5.74 -10.98
N TYR H 45 5.69 -4.83 -11.73
CA TYR H 45 6.88 -5.13 -12.54
C TYR H 45 8.13 -4.55 -11.89
N PRO H 46 9.30 -5.16 -12.16
CA PRO H 46 10.52 -4.62 -11.58
C PRO H 46 10.87 -3.33 -12.30
N GLU H 47 11.47 -2.39 -11.57
CA GLU H 47 11.88 -1.08 -12.09
C GLU H 47 12.31 -1.08 -13.55
N GLN H 48 13.30 -1.88 -13.88
CA GLN H 48 13.79 -1.99 -15.25
C GLN H 48 12.64 -2.03 -16.23
N GLU H 49 11.77 -3.02 -16.07
CA GLU H 49 10.65 -3.24 -16.96
C GLU H 49 9.63 -2.12 -16.93
N MET H 50 9.40 -1.56 -15.76
CA MET H 50 8.61 -0.35 -15.69
C MET H 50 9.18 0.73 -16.65
N ARG H 51 10.50 0.81 -16.75
CA ARG H 51 11.09 1.86 -17.59
C ARG H 51 10.93 1.49 -19.03
N MET H 52 11.08 0.21 -19.37
CA MET H 52 10.88 -0.19 -20.79
C MET H 52 9.48 0.21 -21.14
N ARG H 53 8.56 -0.25 -20.31
CA ARG H 53 7.17 -0.23 -20.63
C ARG H 53 6.63 1.16 -20.79
N SER H 54 6.97 2.06 -19.87
CA SER H 54 6.58 3.46 -19.97
C SER H 54 7.10 4.13 -21.26
N GLN H 55 8.41 4.09 -21.48
CA GLN H 55 9.06 4.42 -22.75
C GLN H 55 8.33 3.88 -23.98
N GLU H 56 8.16 2.56 -24.09
CA GLU H 56 7.46 1.97 -25.25
C GLU H 56 6.10 2.63 -25.51
N PHE H 57 5.29 2.76 -24.46
CA PHE H 57 3.97 3.30 -24.55
C PHE H 57 3.98 4.80 -24.94
N TYR H 58 4.84 5.57 -24.26
CA TYR H 58 5.06 6.97 -24.63
C TYR H 58 5.34 7.03 -26.10
N GLU H 59 5.99 6.00 -26.61
CA GLU H 59 6.41 5.98 -28.01
C GLU H 59 5.24 5.63 -28.94
N LEU H 60 4.45 4.63 -28.54
CA LEU H 60 3.30 4.24 -29.32
C LEU H 60 2.38 5.43 -29.43
N LEU H 61 2.10 6.08 -28.30
CA LEU H 61 1.13 7.16 -28.24
C LEU H 61 1.54 8.40 -28.99
N ASN H 62 2.84 8.68 -28.99
CA ASN H 62 3.38 9.80 -29.72
C ASN H 62 3.27 9.71 -31.26
N LYS H 63 3.17 8.48 -31.79
CA LYS H 63 2.89 8.30 -33.21
C LYS H 63 1.42 8.61 -33.58
N ARG H 64 0.53 8.84 -32.58
CA ARG H 64 -0.86 9.19 -32.86
C ARG H 64 -0.93 10.59 -33.47
N ARG H 65 -1.64 10.70 -34.61
CA ARG H 65 -1.99 12.00 -35.19
C ARG H 65 -3.49 12.12 -35.42
N SER H 66 -4.03 13.32 -35.25
CA SER H 66 -5.35 13.55 -35.74
C SER H 66 -5.33 13.43 -37.26
N VAL H 67 -6.21 12.57 -37.77
CA VAL H 67 -6.24 12.30 -39.21
C VAL H 67 -7.62 12.59 -39.79
N ARG H 68 -7.64 13.53 -40.74
CA ARG H 68 -8.84 14.06 -41.40
C ARG H 68 -9.17 13.44 -42.79
N PHE H 69 -8.45 12.37 -43.19
CA PHE H 69 -8.63 11.70 -44.49
C PHE H 69 -8.66 10.21 -44.29
N ILE H 70 -9.83 9.63 -44.52
CA ILE H 70 -10.11 8.28 -44.00
C ILE H 70 -10.63 7.37 -45.09
N SER H 71 -9.86 6.32 -45.36
CA SER H 71 -10.27 5.31 -46.28
C SER H 71 -11.62 4.74 -45.84
N SER H 72 -12.39 4.33 -46.85
CA SER H 72 -13.68 3.72 -46.69
C SER H 72 -13.57 2.20 -46.47
N GLU H 73 -12.34 1.69 -46.47
CA GLU H 73 -12.11 0.28 -46.35
C GLU H 73 -12.55 -0.25 -45.01
N HIS H 74 -13.33 -1.35 -45.04
CA HIS H 74 -13.97 -1.93 -43.85
C HIS H 74 -13.03 -2.22 -42.68
N VAL H 75 -13.56 -2.12 -41.45
CA VAL H 75 -12.80 -2.49 -40.25
C VAL H 75 -13.47 -3.59 -39.44
N PRO H 76 -12.64 -4.39 -38.74
CA PRO H 76 -13.16 -5.50 -37.93
C PRO H 76 -13.97 -4.94 -36.78
N MET H 77 -15.26 -5.19 -36.80
CA MET H 77 -16.15 -4.74 -35.78
C MET H 77 -15.78 -5.22 -34.38
N GLU H 78 -15.15 -6.38 -34.27
CA GLU H 78 -14.75 -6.84 -32.95
C GLU H 78 -13.71 -5.86 -32.35
N VAL H 79 -12.95 -5.16 -33.22
CA VAL H 79 -11.95 -4.19 -32.77
C VAL H 79 -12.56 -2.89 -32.22
N ILE H 80 -13.64 -2.42 -32.83
CA ILE H 80 -14.34 -1.24 -32.34
C ILE H 80 -14.95 -1.56 -30.97
N GLU H 81 -15.47 -2.77 -30.84
CA GLU H 81 -16.04 -3.18 -29.58
C GLU H 81 -14.96 -3.15 -28.51
N ASN H 82 -13.84 -3.80 -28.79
CA ASN H 82 -12.76 -3.77 -27.82
C ASN H 82 -12.35 -2.37 -27.36
N VAL H 83 -12.42 -1.38 -28.27
CA VAL H 83 -11.84 -0.10 -27.91
C VAL H 83 -12.85 0.72 -27.15
N ILE H 84 -14.11 0.39 -27.38
CA ILE H 84 -15.16 0.97 -26.58
C ILE H 84 -15.14 0.37 -25.18
N LYS H 85 -15.02 -0.95 -25.03
CA LYS H 85 -14.89 -1.54 -23.67
C LYS H 85 -13.78 -0.84 -22.89
N ALA H 86 -12.68 -0.55 -23.61
CA ALA H 86 -11.54 0.14 -23.05
C ALA H 86 -11.98 1.47 -22.49
N ALA H 87 -12.68 2.21 -23.32
CA ALA H 87 -13.22 3.48 -22.93
C ALA H 87 -14.07 3.32 -21.66
N GLY H 88 -14.72 2.17 -21.46
CA GLY H 88 -15.58 1.97 -20.32
C GLY H 88 -14.88 1.65 -19.04
N THR H 89 -13.56 1.56 -19.07
CA THR H 89 -12.83 1.21 -17.85
C THR H 89 -12.43 2.47 -17.16
N ALA H 90 -12.79 3.58 -17.77
CA ALA H 90 -12.43 4.88 -17.23
C ALA H 90 -13.05 5.03 -15.81
N PRO H 91 -12.44 5.84 -14.94
CA PRO H 91 -13.09 6.25 -13.73
C PRO H 91 -14.12 7.30 -14.01
N SER H 92 -15.13 7.36 -13.20
CA SER H 92 -16.13 8.41 -13.31
C SER H 92 -16.32 8.94 -11.89
N GLY H 93 -16.82 10.17 -11.74
CA GLY H 93 -17.13 10.72 -10.40
C GLY H 93 -18.28 9.94 -9.75
N ALA H 94 -17.98 9.22 -8.66
CA ALA H 94 -18.96 8.55 -7.75
C ALA H 94 -19.54 7.32 -8.39
N HIS H 95 -18.71 6.73 -9.24
CA HIS H 95 -19.05 5.55 -9.98
C HIS H 95 -20.39 5.64 -10.69
N THR H 96 -20.51 6.57 -11.62
CA THR H 96 -21.72 6.77 -12.39
C THR H 96 -21.58 6.37 -13.87
N GLU H 97 -20.36 6.07 -14.34
CA GLU H 97 -20.09 5.61 -15.72
C GLU H 97 -20.89 6.35 -16.80
N PRO H 98 -20.80 7.70 -16.87
CA PRO H 98 -21.90 8.44 -17.47
C PRO H 98 -21.73 8.71 -18.91
N TRP H 99 -21.62 7.66 -19.70
CA TRP H 99 -21.36 7.79 -21.14
C TRP H 99 -22.12 6.80 -22.05
N THR H 100 -22.56 7.28 -23.20
CA THR H 100 -23.04 6.43 -24.24
C THR H 100 -22.16 6.65 -25.44
N PHE H 101 -21.68 5.56 -26.03
CA PHE H 101 -20.92 5.57 -27.27
C PHE H 101 -21.80 5.13 -28.44
N VAL H 102 -22.39 6.09 -29.14
CA VAL H 102 -23.22 5.80 -30.32
C VAL H 102 -22.36 5.50 -31.56
N VAL H 103 -22.25 4.23 -31.90
CA VAL H 103 -21.56 3.83 -33.12
C VAL H 103 -22.49 3.86 -34.36
N VAL H 104 -22.13 4.61 -35.39
CA VAL H 104 -22.93 4.60 -36.62
C VAL H 104 -22.16 4.27 -37.88
N LYS H 105 -22.61 3.18 -38.49
CA LYS H 105 -21.89 2.43 -39.51
C LYS H 105 -22.56 2.61 -40.90
N ASP H 106 -23.89 2.72 -40.88
CA ASP H 106 -24.71 2.79 -42.08
C ASP H 106 -24.58 4.09 -42.90
N PRO H 107 -24.30 3.98 -44.21
CA PRO H 107 -24.00 5.11 -45.11
C PRO H 107 -25.06 6.21 -45.17
N ASP H 108 -26.34 5.86 -45.09
CA ASP H 108 -27.40 6.86 -45.21
C ASP H 108 -27.41 7.70 -43.96
N MET H 109 -27.11 7.04 -42.85
CA MET H 109 -27.13 7.69 -41.56
C MET H 109 -25.86 8.58 -41.41
N LYS H 110 -24.75 8.01 -41.83
CA LYS H 110 -23.54 8.75 -41.94
C LYS H 110 -23.81 10.01 -42.76
N HIS H 111 -24.50 9.89 -43.89
CA HIS H 111 -24.81 11.06 -44.70
C HIS H 111 -25.80 12.04 -44.03
N LYS H 112 -26.76 11.58 -43.25
CA LYS H 112 -27.65 12.56 -42.62
C LYS H 112 -26.86 13.47 -41.66
N ILE H 113 -25.78 12.90 -41.16
CA ILE H 113 -24.97 13.54 -40.13
C ILE H 113 -24.13 14.61 -40.77
N ARG H 114 -23.62 14.21 -41.95
CA ARG H 114 -22.81 15.05 -42.80
C ARG H 114 -23.52 16.30 -43.19
N GLU H 115 -24.74 16.15 -43.72
CA GLU H 115 -25.52 17.29 -44.13
C GLU H 115 -25.68 18.22 -42.97
N ILE H 116 -26.06 17.66 -41.83
CA ILE H 116 -26.28 18.43 -40.58
C ILE H 116 -25.02 19.20 -40.18
N ILE H 117 -23.87 18.51 -40.20
CA ILE H 117 -22.62 19.14 -39.69
C ILE H 117 -22.06 20.16 -40.67
N GLU H 118 -21.94 19.75 -41.94
CA GLU H 118 -21.61 20.71 -43.02
C GLU H 118 -22.52 21.93 -42.95
N GLU H 119 -23.81 21.73 -42.75
CA GLU H 119 -24.67 22.88 -42.67
C GLU H 119 -24.29 23.75 -41.48
N GLU H 120 -24.10 23.16 -40.31
CA GLU H 120 -23.89 23.98 -39.10
C GLU H 120 -22.50 24.62 -39.02
N GLU H 121 -21.50 23.85 -39.41
CA GLU H 121 -20.13 24.32 -39.57
C GLU H 121 -19.93 25.46 -40.65
N GLU H 122 -20.68 25.43 -41.76
CA GLU H 122 -20.74 26.63 -42.60
C GLU H 122 -21.16 27.92 -41.84
N ILE H 123 -22.32 27.90 -41.17
CA ILE H 123 -22.68 29.04 -40.31
C ILE H 123 -21.64 29.34 -39.21
N ASN H 124 -20.98 28.29 -38.72
CA ASN H 124 -19.98 28.49 -37.68
C ASN H 124 -18.79 29.29 -38.21
N TYR H 125 -18.16 28.78 -39.28
CA TYR H 125 -17.07 29.52 -39.96
C TYR H 125 -17.47 30.94 -40.35
N MET H 126 -18.57 31.03 -41.09
CA MET H 126 -19.09 32.31 -41.60
C MET H 126 -19.45 33.35 -40.56
N LYS H 127 -20.13 32.96 -39.49
CA LYS H 127 -20.60 33.98 -38.53
C LYS H 127 -20.25 33.68 -37.07
N ARG H 128 -20.54 32.46 -36.62
CA ARG H 128 -20.50 32.09 -35.20
C ARG H 128 -19.19 31.91 -34.44
N MET H 129 -18.14 31.38 -35.06
CA MET H 129 -16.89 31.15 -34.29
C MET H 129 -16.17 32.45 -33.96
N GLY H 130 -16.24 33.43 -34.87
CA GLY H 130 -15.57 34.73 -34.69
C GLY H 130 -14.32 34.77 -35.56
N LYS H 131 -13.84 35.99 -35.89
CA LYS H 131 -12.65 36.24 -36.74
C LYS H 131 -11.44 35.49 -36.17
N ARG H 132 -11.24 35.68 -34.86
CA ARG H 132 -10.14 35.14 -34.07
C ARG H 132 -9.99 33.63 -34.17
N TRP H 133 -11.03 32.96 -33.69
CA TRP H 133 -11.15 31.54 -33.82
C TRP H 133 -10.92 31.04 -35.26
N VAL H 134 -11.49 31.74 -36.25
CA VAL H 134 -11.30 31.37 -37.66
C VAL H 134 -9.83 31.51 -38.07
N THR H 135 -9.18 32.61 -37.62
CA THR H 135 -7.75 32.90 -37.80
C THR H 135 -6.88 31.81 -37.21
N ASP H 136 -7.19 31.45 -35.97
CA ASP H 136 -6.38 30.44 -35.31
C ASP H 136 -6.40 29.12 -36.06
N LEU H 137 -7.48 28.84 -36.80
CA LEU H 137 -7.55 27.53 -37.48
C LEU H 137 -6.92 27.52 -38.85
N LYS H 138 -6.46 28.67 -39.34
CA LYS H 138 -5.90 28.76 -40.70
C LYS H 138 -4.81 27.71 -40.97
N LYS H 139 -3.70 27.74 -40.25
CA LYS H 139 -2.63 26.75 -40.46
C LYS H 139 -3.09 25.28 -40.54
N LEU H 140 -4.19 24.94 -39.88
CA LEU H 140 -4.66 23.56 -39.98
C LEU H 140 -5.46 23.24 -41.24
N ARG H 141 -5.82 24.27 -42.01
CA ARG H 141 -6.54 24.15 -43.30
C ARG H 141 -7.91 23.45 -43.27
N THR H 142 -8.67 23.61 -42.20
CA THR H 142 -9.97 22.96 -42.13
C THR H 142 -11.00 23.95 -42.62
N ASN H 143 -12.07 23.44 -43.22
CA ASN H 143 -13.26 24.25 -43.53
C ASN H 143 -14.53 23.43 -43.16
N TRP H 144 -15.67 23.80 -43.70
CA TRP H 144 -16.90 23.08 -43.38
C TRP H 144 -17.21 21.82 -44.20
N ILE H 145 -16.37 21.45 -45.16
CA ILE H 145 -16.61 20.23 -45.90
C ILE H 145 -15.93 19.12 -45.14
N LYS H 146 -16.73 18.14 -44.72
CA LYS H 146 -16.29 17.04 -43.89
C LYS H 146 -16.55 15.73 -44.60
N GLU H 147 -15.73 15.37 -45.58
CA GLU H 147 -15.84 14.12 -46.35
C GLU H 147 -15.66 12.87 -45.53
N TYR H 148 -14.74 12.91 -44.59
CA TYR H 148 -14.50 11.75 -43.77
C TYR H 148 -15.82 11.25 -43.15
N LEU H 149 -16.85 12.10 -43.06
CA LEU H 149 -18.14 11.68 -42.48
C LEU H 149 -18.87 10.65 -43.33
N ASP H 150 -18.73 10.79 -44.66
CA ASP H 150 -19.14 9.72 -45.59
C ASP H 150 -18.09 8.63 -45.73
N THR H 151 -16.85 8.97 -46.06
CA THR H 151 -15.83 7.95 -46.39
C THR H 151 -15.55 6.96 -45.26
N ALA H 152 -15.42 7.48 -44.03
CA ALA H 152 -15.21 6.70 -42.81
C ALA H 152 -16.12 5.49 -42.75
N PRO H 153 -15.54 4.31 -42.47
CA PRO H 153 -16.38 3.16 -42.31
C PRO H 153 -17.19 3.30 -41.06
N VAL H 154 -16.71 4.08 -40.07
CA VAL H 154 -17.37 4.20 -38.75
C VAL H 154 -17.22 5.51 -37.98
N LEU H 155 -18.35 5.96 -37.42
CA LEU H 155 -18.39 7.15 -36.57
C LEU H 155 -18.66 6.74 -35.12
N ILE H 156 -17.79 7.14 -34.22
CA ILE H 156 -18.21 7.09 -32.83
C ILE H 156 -18.64 8.47 -32.39
N LEU H 157 -19.88 8.55 -31.95
CA LEU H 157 -20.37 9.79 -31.37
C LEU H 157 -20.38 9.49 -29.92
N ILE H 158 -19.60 10.26 -29.18
CA ILE H 158 -19.60 10.17 -27.72
C ILE H 158 -20.55 11.18 -27.09
N PHE H 159 -21.47 10.68 -26.26
CA PHE H 159 -22.45 11.50 -25.52
C PHE H 159 -22.19 11.36 -24.06
N LYS H 160 -22.33 12.46 -23.33
CA LYS H 160 -22.30 12.34 -21.90
C LYS H 160 -23.72 12.26 -21.42
N GLN H 161 -23.94 11.68 -20.23
CA GLN H 161 -25.24 11.79 -19.61
C GLN H 161 -25.20 12.84 -18.48
N VAL H 162 -25.79 14.04 -18.65
CA VAL H 162 -25.69 15.10 -17.61
C VAL H 162 -26.36 14.75 -16.33
N HIS H 163 -27.35 13.89 -16.39
CA HIS H 163 -27.85 13.21 -15.20
C HIS H 163 -28.25 11.84 -15.69
N GLY H 164 -28.54 10.91 -14.77
CA GLY H 164 -29.15 9.61 -15.11
C GLY H 164 -30.43 9.33 -14.32
N PHE H 165 -30.82 8.06 -14.31
CA PHE H 165 -32.09 7.58 -13.79
C PHE H 165 -31.85 6.28 -13.07
N ALA H 166 -32.23 6.23 -11.79
CA ALA H 166 -32.06 5.00 -10.98
C ALA H 166 -33.05 3.94 -11.50
N ALA H 167 -32.85 2.69 -11.06
CA ALA H 167 -33.95 1.69 -11.00
C ALA H 167 -35.40 2.28 -10.91
N ASN H 168 -35.62 3.12 -9.89
CA ASN H 168 -36.94 3.56 -9.44
C ASN H 168 -37.54 4.80 -10.10
N GLY H 169 -36.97 5.24 -11.23
CA GLY H 169 -37.41 6.46 -11.95
C GLY H 169 -36.97 7.83 -11.42
N LYS H 170 -36.25 7.85 -10.31
CA LYS H 170 -35.70 9.11 -9.81
C LYS H 170 -34.28 9.39 -10.38
N LYS H 171 -33.99 10.69 -10.62
CA LYS H 171 -32.68 11.15 -11.17
C LYS H 171 -31.45 10.81 -10.31
N LYS H 172 -30.35 10.41 -10.95
CA LYS H 172 -29.07 10.39 -10.23
C LYS H 172 -28.32 11.63 -10.64
N VAL H 173 -27.57 12.20 -9.72
CA VAL H 173 -26.58 13.20 -10.08
C VAL H 173 -25.36 12.48 -10.67
N HIS H 174 -24.74 13.09 -11.66
CA HIS H 174 -23.55 12.55 -12.34
C HIS H 174 -22.46 13.61 -12.19
N TYR H 175 -21.83 13.59 -11.02
CA TYR H 175 -20.68 14.46 -10.68
C TYR H 175 -19.57 14.51 -11.72
N TYR H 176 -19.23 15.73 -12.13
CA TYR H 176 -18.13 15.92 -13.06
C TYR H 176 -18.27 14.98 -14.28
N ASN H 177 -19.42 15.06 -14.95
CA ASN H 177 -19.70 14.09 -16.00
C ASN H 177 -18.90 14.39 -17.23
N GLU H 178 -18.65 15.67 -17.49
CA GLU H 178 -17.86 16.06 -18.63
C GLU H 178 -16.42 15.64 -18.45
N ILE H 179 -15.86 15.92 -17.28
CA ILE H 179 -14.54 15.45 -17.06
C ILE H 179 -14.49 13.93 -17.21
N SER H 180 -15.46 13.20 -16.64
CA SER H 180 -15.37 11.73 -16.66
C SER H 180 -15.37 11.19 -18.08
N VAL H 181 -16.28 11.77 -18.85
CA VAL H 181 -16.45 11.33 -20.20
C VAL H 181 -15.24 11.69 -21.10
N SER H 182 -14.71 12.88 -20.92
CA SER H 182 -13.48 13.26 -21.64
C SER H 182 -12.38 12.28 -21.28
N ILE H 183 -12.23 12.02 -19.98
CA ILE H 183 -11.24 11.02 -19.57
C ILE H 183 -11.50 9.70 -20.28
N ALA H 184 -12.76 9.23 -20.31
CA ALA H 184 -13.08 8.01 -21.04
C ALA H 184 -12.65 8.11 -22.50
N CYS H 185 -12.91 9.28 -23.04
CA CYS H 185 -12.57 9.56 -24.39
C CYS H 185 -11.05 9.57 -24.60
N GLY H 186 -10.30 10.00 -23.59
CA GLY H 186 -8.85 9.75 -23.59
C GLY H 186 -8.49 8.29 -23.78
N LEU H 187 -9.07 7.42 -22.96
CA LEU H 187 -8.80 5.98 -23.11
C LEU H 187 -9.13 5.45 -24.53
N LEU H 188 -10.24 5.93 -25.06
CA LEU H 188 -10.62 5.58 -26.41
C LEU H 188 -9.55 5.97 -27.40
N LEU H 189 -9.04 7.21 -27.32
CA LEU H 189 -8.05 7.60 -28.32
C LEU H 189 -6.83 6.68 -28.29
N ALA H 190 -6.46 6.31 -27.06
CA ALA H 190 -5.31 5.47 -26.87
C ALA H 190 -5.59 4.07 -27.38
N ALA H 191 -6.83 3.59 -27.23
CA ALA H 191 -7.09 2.21 -27.66
C ALA H 191 -7.02 2.13 -29.17
N LEU H 192 -7.59 3.14 -29.86
CA LEU H 192 -7.55 3.20 -31.31
C LEU H 192 -6.13 3.27 -31.79
N GLN H 193 -5.35 4.19 -31.22
CA GLN H 193 -3.92 4.15 -31.54
C GLN H 193 -3.34 2.74 -31.34
N ASN H 194 -3.50 2.17 -30.15
CA ASN H 194 -2.99 0.84 -29.91
C ASN H 194 -3.51 -0.16 -30.94
N ALA H 195 -4.76 -0.01 -31.37
CA ALA H 195 -5.38 -1.06 -32.17
C ALA H 195 -5.05 -0.97 -33.68
N GLY H 196 -4.33 0.09 -34.09
CA GLY H 196 -3.91 0.26 -35.49
C GLY H 196 -4.82 1.15 -36.31
N LEU H 197 -5.83 1.75 -35.69
CA LEU H 197 -6.70 2.67 -36.43
C LEU H 197 -6.38 4.11 -36.15
N VAL H 198 -6.94 5.00 -36.98
CA VAL H 198 -6.86 6.47 -36.83
C VAL H 198 -8.25 7.14 -36.76
N THR H 199 -8.25 8.42 -36.40
CA THR H 199 -9.44 9.21 -36.25
C THR H 199 -9.07 10.65 -35.98
N VAL H 200 -10.07 11.51 -35.83
CA VAL H 200 -9.80 12.88 -35.41
C VAL H 200 -10.84 13.31 -34.37
N THR H 201 -10.43 13.91 -33.26
CA THR H 201 -11.41 14.33 -32.24
C THR H 201 -12.12 15.57 -32.78
N THR H 202 -13.43 15.56 -32.95
CA THR H 202 -14.07 16.80 -33.37
C THR H 202 -15.18 17.22 -32.44
N THR H 203 -15.27 18.53 -32.25
CA THR H 203 -16.40 19.14 -31.58
C THR H 203 -17.21 19.94 -32.60
N PRO H 204 -18.26 19.33 -33.14
CA PRO H 204 -19.13 20.05 -34.11
C PRO H 204 -20.10 20.99 -33.37
N LEU H 205 -19.62 22.21 -33.07
CA LEU H 205 -20.37 23.29 -32.38
C LEU H 205 -21.77 23.42 -32.95
N ASN H 206 -22.74 23.64 -32.05
CA ASN H 206 -24.16 23.82 -32.39
C ASN H 206 -24.86 22.65 -33.11
N CYS H 207 -24.24 21.48 -33.19
CA CYS H 207 -24.87 20.33 -33.84
C CYS H 207 -25.52 19.33 -32.86
N GLY H 208 -25.23 19.55 -31.59
CA GLY H 208 -25.65 18.64 -30.58
C GLY H 208 -27.13 18.36 -30.63
N PRO H 209 -27.96 19.41 -30.48
CA PRO H 209 -29.41 19.14 -30.54
C PRO H 209 -29.90 18.38 -31.80
N ARG H 210 -29.43 18.70 -32.99
CA ARG H 210 -29.95 17.98 -34.17
C ARG H 210 -29.51 16.51 -34.25
N LEU H 211 -28.27 16.24 -33.87
CA LEU H 211 -27.77 14.87 -33.98
C LEU H 211 -28.34 14.01 -32.88
N ARG H 212 -28.69 14.61 -31.75
CA ARG H 212 -29.33 13.87 -30.67
C ARG H 212 -30.65 13.29 -31.17
N VAL H 213 -31.54 14.19 -31.59
CA VAL H 213 -32.84 13.82 -32.20
C VAL H 213 -32.61 12.82 -33.34
N LEU H 214 -31.74 13.12 -34.30
CA LEU H 214 -31.49 12.21 -35.41
C LEU H 214 -31.31 10.76 -34.98
N LEU H 215 -30.48 10.54 -33.96
CA LEU H 215 -30.16 9.19 -33.49
C LEU H 215 -31.01 8.66 -32.29
N GLY H 216 -32.08 9.39 -31.98
CA GLY H 216 -33.04 8.97 -30.97
C GLY H 216 -32.49 8.86 -29.54
N ARG H 217 -31.47 9.63 -29.26
CA ARG H 217 -30.88 9.63 -27.94
C ARG H 217 -31.75 10.40 -26.93
N PRO H 218 -31.76 9.92 -25.69
CA PRO H 218 -32.65 10.56 -24.78
C PRO H 218 -32.25 12.02 -24.52
N SER H 219 -33.17 12.75 -23.95
CA SER H 219 -32.96 14.13 -23.63
C SER H 219 -31.84 14.50 -22.58
N HIS H 220 -31.43 13.57 -21.71
CA HIS H 220 -30.47 13.90 -20.67
C HIS H 220 -29.04 13.79 -21.21
N GLU H 221 -28.91 13.35 -22.47
CA GLU H 221 -27.65 13.09 -23.14
C GLU H 221 -27.19 14.28 -24.01
N LYS H 222 -25.89 14.52 -24.08
CA LYS H 222 -25.39 15.63 -24.90
C LYS H 222 -24.21 15.14 -25.63
N LEU H 223 -24.10 15.49 -26.90
CA LEU H 223 -22.94 15.06 -27.71
C LEU H 223 -21.74 15.80 -27.21
N LEU H 224 -20.66 15.07 -27.06
CA LEU H 224 -19.45 15.69 -26.54
C LEU H 224 -18.44 15.87 -27.67
N VAL H 225 -18.28 14.82 -28.48
CA VAL H 225 -17.18 14.62 -29.36
C VAL H 225 -17.60 13.55 -30.44
N LEU H 226 -17.07 13.70 -31.66
CA LEU H 226 -17.31 12.70 -32.71
C LEU H 226 -16.00 12.24 -33.31
N LEU H 227 -15.87 10.93 -33.52
CA LEU H 227 -14.68 10.35 -34.08
C LEU H 227 -14.99 9.57 -35.34
N PRO H 228 -14.55 10.07 -36.51
CA PRO H 228 -14.45 9.25 -37.72
C PRO H 228 -13.38 8.23 -37.50
N VAL H 229 -13.69 6.94 -37.65
CA VAL H 229 -12.72 5.91 -37.36
C VAL H 229 -12.44 5.02 -38.58
N GLY H 230 -11.18 4.86 -38.97
CA GLY H 230 -10.83 3.90 -40.01
C GLY H 230 -9.34 3.74 -40.27
N TYR H 231 -8.98 3.29 -41.47
CA TYR H 231 -7.56 3.32 -41.81
C TYR H 231 -7.29 4.71 -42.31
N PRO H 232 -6.03 5.14 -42.32
CA PRO H 232 -5.68 6.36 -43.07
C PRO H 232 -5.88 6.19 -44.58
N SER H 233 -6.15 7.28 -45.28
CA SER H 233 -6.25 7.25 -46.71
C SER H 233 -4.86 7.16 -47.27
N ARG H 234 -4.73 6.60 -48.46
CA ARG H 234 -3.44 6.66 -49.13
C ARG H 234 -2.89 8.11 -49.16
N ASP H 235 -3.71 9.02 -49.67
CA ASP H 235 -3.31 10.40 -49.91
C ASP H 235 -3.25 11.26 -48.64
N ALA H 236 -3.41 10.61 -47.48
CA ALA H 236 -3.46 11.26 -46.19
C ALA H 236 -2.26 12.13 -45.84
N THR H 237 -2.53 13.36 -45.43
CA THR H 237 -1.49 14.25 -44.88
C THR H 237 -1.84 14.72 -43.46
N VAL H 238 -0.87 15.25 -42.75
CA VAL H 238 -1.15 15.88 -41.48
C VAL H 238 -0.39 17.16 -41.40
N PRO H 239 -0.92 18.10 -40.60
CA PRO H 239 -0.11 19.26 -40.28
C PRO H 239 1.23 18.85 -39.59
N ASP H 240 2.30 19.58 -39.93
CA ASP H 240 3.61 19.40 -39.32
C ASP H 240 3.70 20.22 -38.01
N LEU H 241 2.86 19.87 -37.05
CA LEU H 241 2.97 20.37 -35.67
C LEU H 241 4.02 19.59 -34.85
N LYS H 242 4.43 20.22 -33.76
CA LYS H 242 5.56 19.78 -32.94
C LYS H 242 5.07 19.89 -31.50
N ARG H 243 5.25 18.82 -30.71
CA ARG H 243 4.60 18.81 -29.39
C ARG H 243 5.52 19.50 -28.39
N LYS H 244 4.99 20.16 -27.37
CA LYS H 244 5.88 20.73 -26.34
C LYS H 244 6.90 19.72 -25.72
N ALA H 245 8.10 20.23 -25.46
CA ALA H 245 9.11 19.52 -24.71
C ALA H 245 8.58 19.28 -23.29
N LEU H 246 9.01 18.17 -22.70
CA LEU H 246 8.64 17.78 -21.35
C LEU H 246 8.70 18.91 -20.32
N ASP H 247 9.75 19.73 -20.37
CA ASP H 247 9.86 20.78 -19.37
C ASP H 247 9.01 21.97 -19.72
N GLN H 248 8.31 21.89 -20.83
CA GLN H 248 7.30 22.92 -21.16
C GLN H 248 5.94 22.48 -20.64
N ILE H 249 5.83 21.21 -20.26
CA ILE H 249 4.57 20.69 -19.68
C ILE H 249 4.67 20.23 -18.24
N MET H 250 5.86 19.96 -17.73
CA MET H 250 6.06 19.43 -16.38
C MET H 250 6.97 20.28 -15.50
N VAL H 251 6.44 20.67 -14.33
CA VAL H 251 7.10 21.50 -13.34
C VAL H 251 7.22 20.73 -12.01
N THR H 252 8.43 20.61 -11.46
CA THR H 252 8.56 20.17 -10.08
C THR H 252 8.62 21.35 -9.09
N VAL H 253 7.83 21.25 -8.02
CA VAL H 253 7.82 22.24 -6.96
C VAL H 253 8.41 21.68 -5.66
N HIS H 254 9.38 22.41 -5.11
CA HIS H 254 9.97 22.20 -3.78
C HIS H 254 9.81 23.52 -3.05
#